data_1QDU
#
_entry.id   1QDU
#
_cell.length_a   93.900
_cell.length_b   206.530
_cell.length_c   102.050
_cell.angle_alpha   90.00
_cell.angle_beta   102.30
_cell.angle_gamma   90.00
#
_symmetry.space_group_name_H-M   'C 1 2 1'
#
loop_
_entity.id
_entity.type
_entity.pdbx_description
1 polymer 'CASPASE-8 ALPHA-CHAIN'
2 polymer 'CASPASE-8 BETA-CHAIN'
3 polymer 'PHQ-GLU-VAL-ASP-DICHLOROMETHYLKETONE INHIBITOR'
4 water water
#
loop_
_entity_poly.entity_id
_entity_poly.type
_entity_poly.pdbx_seq_one_letter_code
_entity_poly.pdbx_strand_id
1 'polypeptide(L)'
;LDKVYQMKSKPRGYCLIINNHNFAKAREKVPKLHSIRDRNGTHLDAGALTTTFEELHFEIKPHHDCTVEQIYEILKIYQL
MDHSNMDCFICCILSHGDKGIIYGTDGQEAPIYELTSQFTGLKCPSLAGKPKVFFIQACQGDNYQKGIPVETD
;
A,C,E,G,I,K
2 'polypeptide(L)'
;TRYIPDEADFLLGMATVNNCVSYRNPAEGTWYIQSLCQSLRERCPRGDDILTILTEVNYEVSNKDDKKNMGKQMPQPTFT
LRKKLVFP
;
B,D,F,H,J,L
3 'polypeptide(L)' (PHQ)EVD(0QE) T,U,V,W,X,Y
#
# COMPACT_ATOMS: atom_id res chain seq x y z
N LEU A 1 -13.77 14.56 -5.33
CA LEU A 1 -15.10 13.93 -5.10
C LEU A 1 -15.54 13.97 -3.63
N ASP A 2 -16.84 14.20 -3.44
CA ASP A 2 -17.48 14.26 -2.13
C ASP A 2 -18.91 14.69 -2.41
N LYS A 3 -19.80 14.48 -1.45
CA LYS A 3 -21.20 14.83 -1.64
C LYS A 3 -21.51 16.30 -1.94
N VAL A 4 -22.42 16.51 -2.87
CA VAL A 4 -22.82 17.85 -3.25
C VAL A 4 -24.34 18.00 -3.23
N TYR A 5 -24.79 19.19 -2.87
CA TYR A 5 -26.21 19.48 -2.83
C TYR A 5 -26.74 19.47 -4.26
N GLN A 6 -27.81 18.70 -4.50
CA GLN A 6 -28.43 18.61 -5.80
C GLN A 6 -28.94 19.98 -6.25
N MET A 7 -28.49 20.41 -7.43
CA MET A 7 -28.90 21.70 -7.96
C MET A 7 -29.30 21.51 -9.41
N LYS A 8 -30.36 20.72 -9.63
CA LYS A 8 -30.87 20.43 -10.98
C LYS A 8 -32.15 21.20 -11.32
N SER A 9 -33.05 21.28 -10.35
CA SER A 9 -34.35 21.95 -10.47
C SER A 9 -34.49 23.05 -11.54
N LYS A 10 -35.70 23.17 -12.11
CA LYS A 10 -35.99 24.18 -13.17
C LYS A 10 -35.75 25.58 -12.64
N PRO A 11 -36.55 26.02 -11.65
CA PRO A 11 -36.28 27.39 -11.18
C PRO A 11 -35.20 27.35 -10.10
N ARG A 12 -34.81 26.14 -9.69
CA ARG A 12 -33.80 25.90 -8.64
C ARG A 12 -34.34 26.24 -7.26
N GLY A 13 -34.99 27.40 -7.17
CA GLY A 13 -35.60 27.88 -5.94
C GLY A 13 -35.75 29.40 -6.00
N TYR A 14 -36.44 29.98 -5.02
CA TYR A 14 -36.64 31.43 -5.01
C TYR A 14 -35.42 32.14 -4.45
N CYS A 15 -35.28 33.41 -4.81
CA CYS A 15 -34.19 34.20 -4.32
C CYS A 15 -34.75 35.54 -3.86
N LEU A 16 -35.17 35.62 -2.61
CA LEU A 16 -35.72 36.86 -2.09
C LEU A 16 -34.69 37.97 -2.10
N ILE A 17 -35.17 39.19 -2.26
CA ILE A 17 -34.27 40.31 -2.25
C ILE A 17 -34.94 41.44 -1.55
N ILE A 18 -34.88 41.45 -0.21
CA ILE A 18 -35.48 42.55 0.53
C ILE A 18 -34.47 43.68 0.48
N ASN A 19 -34.80 44.71 -0.26
CA ASN A 19 -33.90 45.83 -0.46
C ASN A 19 -34.41 47.15 0.12
N ASN A 20 -33.93 47.50 1.30
CA ASN A 20 -34.35 48.72 1.98
C ASN A 20 -33.53 49.95 1.54
N HIS A 21 -34.20 51.08 1.30
CA HIS A 21 -33.53 52.31 0.88
C HIS A 21 -34.04 53.58 1.57
N ASN A 22 -35.33 53.82 1.51
CA ASN A 22 -35.89 55.01 2.13
C ASN A 22 -36.12 54.84 3.63
N PHE A 23 -35.23 55.42 4.44
CA PHE A 23 -35.39 55.30 5.87
C PHE A 23 -36.00 56.50 6.60
N ALA A 24 -36.85 57.24 5.91
CA ALA A 24 -37.54 58.40 6.47
C ALA A 24 -38.49 58.04 7.62
N LYS A 25 -39.00 56.82 7.64
CA LYS A 25 -39.89 56.41 8.73
C LYS A 25 -39.08 56.39 9.99
N ALA A 26 -38.04 55.56 9.98
CA ALA A 26 -37.15 55.42 11.11
C ALA A 26 -36.83 56.78 11.69
N ARG A 27 -36.35 57.65 10.80
CA ARG A 27 -35.98 59.02 11.18
C ARG A 27 -37.11 59.67 11.96
N GLU A 28 -38.32 59.59 11.44
CA GLU A 28 -39.48 60.16 12.11
C GLU A 28 -39.69 59.51 13.47
N LYS A 29 -39.94 58.20 13.44
CA LYS A 29 -40.21 57.42 14.64
C LYS A 29 -39.03 57.38 15.60
N VAL A 30 -38.28 56.29 15.56
CA VAL A 30 -37.11 56.08 16.42
C VAL A 30 -36.30 57.35 16.64
N PRO A 31 -36.14 57.78 17.90
CA PRO A 31 -35.37 58.99 18.21
C PRO A 31 -33.91 58.82 17.86
N LYS A 32 -33.28 57.82 18.47
CA LYS A 32 -31.87 57.57 18.24
C LYS A 32 -31.46 57.37 16.78
N LEU A 33 -32.41 57.40 15.86
CA LEU A 33 -32.08 57.21 14.44
C LEU A 33 -32.34 58.49 13.66
N HIS A 34 -32.67 59.56 14.37
CA HIS A 34 -32.97 60.83 13.74
C HIS A 34 -32.10 61.15 12.54
N SER A 35 -30.91 60.55 12.46
CA SER A 35 -30.02 60.86 11.34
C SER A 35 -29.53 59.75 10.42
N ILE A 36 -30.11 58.54 10.48
CA ILE A 36 -29.69 57.45 9.58
C ILE A 36 -29.91 57.88 8.14
N ARG A 37 -28.87 57.77 7.33
CA ARG A 37 -28.96 58.17 5.93
C ARG A 37 -29.74 57.13 5.12
N ASP A 38 -30.30 57.57 3.99
CA ASP A 38 -31.00 56.65 3.12
C ASP A 38 -29.86 55.81 2.53
N ARG A 39 -30.14 54.57 2.18
CA ARG A 39 -29.11 53.70 1.65
C ARG A 39 -28.87 53.85 0.16
N ASN A 40 -28.30 54.98 -0.25
CA ASN A 40 -28.04 55.16 -1.67
C ASN A 40 -27.03 54.13 -2.12
N GLY A 41 -27.27 53.54 -3.27
CA GLY A 41 -26.37 52.55 -3.79
C GLY A 41 -26.99 51.17 -3.84
N THR A 42 -27.99 50.89 -2.99
CA THR A 42 -28.61 49.54 -2.99
C THR A 42 -29.14 49.12 -4.32
N HIS A 43 -29.83 50.05 -5.00
CA HIS A 43 -30.37 49.74 -6.32
C HIS A 43 -29.37 48.83 -7.00
N LEU A 44 -28.12 49.29 -7.05
CA LEU A 44 -27.02 48.57 -7.67
C LEU A 44 -26.84 47.16 -7.09
N ASP A 45 -26.97 47.04 -5.78
CA ASP A 45 -26.81 45.76 -5.11
C ASP A 45 -27.92 44.82 -5.57
N ALA A 46 -29.14 45.35 -5.57
CA ALA A 46 -30.29 44.57 -5.99
C ALA A 46 -30.14 44.13 -7.46
N GLY A 47 -29.69 45.06 -8.29
CA GLY A 47 -29.51 44.73 -9.69
C GLY A 47 -28.54 43.59 -9.83
N ALA A 48 -27.30 43.83 -9.40
CA ALA A 48 -26.25 42.82 -9.46
C ALA A 48 -26.76 41.47 -8.95
N LEU A 49 -27.42 41.48 -7.79
CA LEU A 49 -27.95 40.26 -7.22
C LEU A 49 -28.90 39.65 -8.21
N THR A 50 -29.91 40.42 -8.60
CA THR A 50 -30.91 39.97 -9.55
C THR A 50 -30.30 39.23 -10.74
N THR A 51 -29.44 39.91 -11.49
CA THR A 51 -28.80 39.31 -12.66
C THR A 51 -28.05 38.02 -12.31
N THR A 52 -26.99 38.16 -11.52
CA THR A 52 -26.17 37.01 -11.12
C THR A 52 -26.97 35.79 -10.66
N PHE A 53 -28.09 35.99 -9.98
CA PHE A 53 -28.85 34.84 -9.54
C PHE A 53 -29.87 34.39 -10.56
N GLU A 54 -30.16 35.28 -11.50
CA GLU A 54 -31.08 34.98 -12.59
C GLU A 54 -30.30 34.01 -13.44
N GLU A 55 -29.13 34.45 -13.88
CA GLU A 55 -28.23 33.64 -14.70
C GLU A 55 -27.95 32.29 -14.06
N LEU A 56 -28.24 32.18 -12.77
CA LEU A 56 -27.99 30.94 -12.06
C LEU A 56 -29.29 30.19 -11.96
N HIS A 57 -30.26 30.60 -12.77
CA HIS A 57 -31.56 29.95 -12.85
C HIS A 57 -32.38 29.93 -11.57
N PHE A 58 -32.42 31.08 -10.89
CA PHE A 58 -33.16 31.25 -9.65
C PHE A 58 -34.30 32.22 -9.98
N GLU A 59 -35.40 32.13 -9.26
CA GLU A 59 -36.51 33.01 -9.54
C GLU A 59 -36.55 34.13 -8.52
N ILE A 60 -36.05 35.29 -8.94
CA ILE A 60 -35.99 36.47 -8.10
C ILE A 60 -37.35 36.94 -7.63
N LYS A 61 -37.41 37.45 -6.41
CA LYS A 61 -38.63 37.95 -5.85
C LYS A 61 -38.24 39.15 -5.03
N PRO A 62 -38.11 40.30 -5.69
CA PRO A 62 -37.74 41.57 -5.07
C PRO A 62 -38.81 42.15 -4.19
N HIS A 63 -38.41 43.04 -3.31
CA HIS A 63 -39.31 43.73 -2.41
C HIS A 63 -38.57 44.98 -1.97
N HIS A 64 -39.25 46.12 -1.93
CA HIS A 64 -38.55 47.34 -1.58
C HIS A 64 -39.07 48.11 -0.39
N ASP A 65 -38.15 48.76 0.32
CA ASP A 65 -38.49 49.56 1.48
C ASP A 65 -39.48 48.84 2.38
N CYS A 66 -39.05 47.79 3.07
CA CYS A 66 -39.96 47.06 3.94
C CYS A 66 -39.75 47.31 5.43
N THR A 67 -40.84 47.58 6.12
CA THR A 67 -40.85 47.81 7.55
C THR A 67 -40.50 46.44 8.12
N VAL A 68 -40.28 46.34 9.42
CA VAL A 68 -39.95 45.06 10.01
C VAL A 68 -41.12 44.10 9.80
N GLU A 69 -42.33 44.60 9.99
CA GLU A 69 -43.52 43.78 9.83
C GLU A 69 -43.63 43.21 8.42
N GLN A 70 -43.43 44.07 7.43
CA GLN A 70 -43.50 43.63 6.04
C GLN A 70 -42.53 42.48 5.81
N ILE A 71 -41.33 42.63 6.36
CA ILE A 71 -40.27 41.62 6.24
C ILE A 71 -40.73 40.27 6.76
N TYR A 72 -41.29 40.27 7.96
CA TYR A 72 -41.78 39.03 8.52
C TYR A 72 -42.90 38.53 7.62
N GLU A 73 -43.87 39.38 7.31
CA GLU A 73 -44.97 38.98 6.44
C GLU A 73 -44.43 38.22 5.24
N ILE A 74 -43.40 38.79 4.62
CA ILE A 74 -42.81 38.20 3.44
C ILE A 74 -42.18 36.85 3.67
N LEU A 75 -41.37 36.75 4.72
CA LEU A 75 -40.73 35.49 4.99
C LEU A 75 -41.79 34.46 5.31
N LYS A 76 -42.82 34.87 6.05
CA LYS A 76 -43.86 33.92 6.41
C LYS A 76 -44.51 33.32 5.17
N ILE A 77 -44.46 34.05 4.07
CA ILE A 77 -45.02 33.55 2.85
C ILE A 77 -44.14 32.40 2.39
N TYR A 78 -42.91 32.71 2.02
CA TYR A 78 -42.00 31.67 1.54
C TYR A 78 -41.76 30.61 2.60
N GLN A 79 -42.05 30.94 3.85
CA GLN A 79 -41.88 30.02 4.95
C GLN A 79 -42.99 28.99 4.84
N LEU A 80 -44.12 29.42 4.29
CA LEU A 80 -45.29 28.55 4.13
C LEU A 80 -45.45 27.84 2.78
N MET A 81 -44.58 28.17 1.82
CA MET A 81 -44.67 27.58 0.51
C MET A 81 -44.25 26.12 0.46
N ASP A 82 -44.50 25.50 -0.69
CA ASP A 82 -44.13 24.11 -0.90
C ASP A 82 -42.95 24.17 -1.83
N HIS A 83 -41.77 24.05 -1.25
CA HIS A 83 -40.54 24.11 -2.01
C HIS A 83 -40.16 22.72 -2.49
N SER A 84 -41.13 21.80 -2.45
CA SER A 84 -40.92 20.42 -2.88
C SER A 84 -40.25 20.27 -4.23
N ASN A 85 -40.54 21.15 -5.16
CA ASN A 85 -39.92 21.03 -6.46
C ASN A 85 -38.70 21.92 -6.56
N MET A 86 -38.45 22.66 -5.49
CA MET A 86 -37.30 23.55 -5.43
C MET A 86 -36.08 22.80 -4.90
N ASP A 87 -34.90 23.24 -5.34
CA ASP A 87 -33.66 22.60 -4.93
C ASP A 87 -32.86 23.41 -3.89
N CYS A 88 -33.22 24.69 -3.75
CA CYS A 88 -32.52 25.58 -2.83
C CYS A 88 -33.35 26.84 -2.59
N PHE A 89 -32.95 27.65 -1.62
CA PHE A 89 -33.65 28.89 -1.29
C PHE A 89 -32.66 29.93 -0.84
N ILE A 90 -32.72 31.11 -1.44
CA ILE A 90 -31.79 32.16 -1.08
C ILE A 90 -32.51 33.42 -0.70
N CYS A 91 -32.11 34.04 0.39
CA CYS A 91 -32.78 35.26 0.77
C CYS A 91 -31.76 36.35 1.06
N CYS A 92 -31.87 37.47 0.34
CA CYS A 92 -30.95 38.57 0.52
C CYS A 92 -31.57 39.77 1.21
N ILE A 93 -30.80 40.36 2.10
CA ILE A 93 -31.30 41.50 2.83
C ILE A 93 -30.29 42.61 2.76
N LEU A 94 -30.75 43.78 2.37
CA LEU A 94 -29.88 44.92 2.26
C LEU A 94 -30.59 45.99 3.05
N SER A 95 -29.98 46.44 4.13
CA SER A 95 -30.59 47.46 4.97
C SER A 95 -29.59 47.85 6.05
N HIS A 96 -29.95 48.78 6.92
CA HIS A 96 -29.07 49.20 8.02
C HIS A 96 -29.21 48.10 9.09
N GLY A 97 -28.43 48.18 10.15
CA GLY A 97 -28.52 47.16 11.19
C GLY A 97 -27.64 47.43 12.37
N ASP A 98 -27.65 46.53 13.34
CA ASP A 98 -26.84 46.67 14.53
C ASP A 98 -26.49 45.30 15.08
N LYS A 99 -25.81 45.27 16.21
CA LYS A 99 -25.41 44.01 16.82
C LYS A 99 -26.47 42.95 16.60
N GLY A 100 -26.20 42.00 15.71
CA GLY A 100 -27.13 40.92 15.45
C GLY A 100 -28.56 41.23 15.00
N ILE A 101 -28.78 42.38 14.38
CA ILE A 101 -30.10 42.73 13.90
C ILE A 101 -30.05 43.49 12.59
N ILE A 102 -31.21 43.48 11.94
CA ILE A 102 -31.41 44.13 10.69
C ILE A 102 -32.44 45.20 10.98
N TYR A 103 -32.45 46.25 10.19
CA TYR A 103 -33.38 47.31 10.44
C TYR A 103 -34.50 47.38 9.43
N GLY A 104 -35.71 47.48 9.93
CA GLY A 104 -36.86 47.61 9.05
C GLY A 104 -36.78 49.04 8.55
N THR A 105 -37.44 49.33 7.44
CA THR A 105 -37.40 50.66 6.88
C THR A 105 -38.12 51.68 7.78
N ASP A 106 -38.56 51.24 8.96
CA ASP A 106 -39.28 52.12 9.88
C ASP A 106 -38.55 52.32 11.20
N GLY A 107 -37.37 51.72 11.31
CA GLY A 107 -36.63 51.88 12.55
C GLY A 107 -36.81 50.69 13.48
N GLN A 108 -37.88 49.93 13.27
CA GLN A 108 -38.13 48.75 14.08
C GLN A 108 -37.00 47.82 13.73
N GLU A 109 -36.69 46.86 14.60
CA GLU A 109 -35.60 45.95 14.31
C GLU A 109 -35.99 44.50 14.34
N ALA A 110 -35.23 43.67 13.62
CA ALA A 110 -35.49 42.24 13.58
C ALA A 110 -34.21 41.43 13.74
N PRO A 111 -34.10 40.64 14.82
CA PRO A 111 -32.89 39.84 15.01
C PRO A 111 -32.58 38.99 13.77
N ILE A 112 -31.31 38.89 13.38
CA ILE A 112 -31.00 38.08 12.22
C ILE A 112 -31.57 36.69 12.50
N TYR A 113 -31.41 36.23 13.74
CA TYR A 113 -31.92 34.91 14.14
C TYR A 113 -33.38 34.67 13.85
N GLU A 114 -34.23 35.65 14.09
CA GLU A 114 -35.66 35.49 13.84
C GLU A 114 -35.93 35.13 12.39
N LEU A 115 -35.36 35.91 11.49
CA LEU A 115 -35.51 35.71 10.06
C LEU A 115 -34.97 34.35 9.65
N THR A 116 -33.74 34.11 10.05
CA THR A 116 -33.06 32.86 9.76
C THR A 116 -33.82 31.63 10.26
N SER A 117 -34.23 31.68 11.52
CA SER A 117 -34.94 30.58 12.16
C SER A 117 -36.33 30.31 11.64
N GLN A 118 -36.73 31.03 10.61
CA GLN A 118 -38.05 30.85 10.05
C GLN A 118 -38.14 29.66 9.11
N PHE A 119 -37.03 29.33 8.47
CA PHE A 119 -36.98 28.24 7.50
C PHE A 119 -36.26 26.95 7.94
N THR A 120 -36.39 26.61 9.22
CA THR A 120 -35.77 25.39 9.72
C THR A 120 -36.43 24.16 9.06
N GLY A 121 -36.09 22.97 9.55
CA GLY A 121 -36.66 21.78 8.96
C GLY A 121 -38.08 21.57 9.41
N LEU A 122 -38.37 21.98 10.63
CA LEU A 122 -39.71 21.84 11.19
C LEU A 122 -40.61 22.92 10.61
N LYS A 123 -40.15 24.16 10.71
CA LYS A 123 -40.92 25.29 10.22
C LYS A 123 -41.25 25.22 8.74
N CYS A 124 -40.37 24.64 7.93
CA CYS A 124 -40.62 24.54 6.50
C CYS A 124 -40.08 23.22 5.95
N PRO A 125 -40.71 22.09 6.32
CA PRO A 125 -40.26 20.77 5.87
C PRO A 125 -40.18 20.62 4.37
N SER A 126 -40.89 21.46 3.63
CA SER A 126 -40.84 21.36 2.18
C SER A 126 -39.45 21.77 1.69
N LEU A 127 -38.60 22.16 2.63
CA LEU A 127 -37.22 22.60 2.33
C LEU A 127 -36.18 21.75 3.06
N ALA A 128 -36.63 20.98 4.05
CA ALA A 128 -35.74 20.12 4.82
C ALA A 128 -34.77 19.36 3.92
N GLY A 129 -33.49 19.39 4.25
CA GLY A 129 -32.52 18.70 3.43
C GLY A 129 -31.95 19.51 2.27
N LYS A 130 -32.53 20.69 2.02
CA LYS A 130 -32.07 21.56 0.94
C LYS A 130 -31.40 22.80 1.54
N PRO A 131 -30.40 23.33 0.84
CA PRO A 131 -29.65 24.51 1.26
C PRO A 131 -30.50 25.75 1.41
N LYS A 132 -30.34 26.45 2.53
CA LYS A 132 -31.07 27.68 2.78
C LYS A 132 -30.00 28.76 2.98
N VAL A 133 -29.80 29.59 1.98
CA VAL A 133 -28.79 30.61 2.04
C VAL A 133 -29.33 32.01 2.33
N PHE A 134 -28.62 32.76 3.15
CA PHE A 134 -29.01 34.13 3.50
C PHE A 134 -27.82 35.05 3.35
N PHE A 135 -28.05 36.22 2.78
CA PHE A 135 -26.96 37.17 2.61
C PHE A 135 -27.35 38.48 3.24
N ILE A 136 -27.01 38.67 4.49
CA ILE A 136 -27.37 39.89 5.16
C ILE A 136 -26.33 40.92 4.87
N GLN A 137 -26.75 42.06 4.36
CA GLN A 137 -25.84 43.15 4.05
C GLN A 137 -26.35 44.36 4.80
N ALA A 138 -25.75 44.59 5.96
CA ALA A 138 -26.11 45.69 6.85
C ALA A 138 -24.98 45.87 7.82
N CYS A 139 -25.01 46.96 8.57
CA CYS A 139 -23.99 47.20 9.56
C CYS A 139 -24.31 46.32 10.76
N GLN A 140 -23.34 46.12 11.63
CA GLN A 140 -23.58 45.29 12.80
C GLN A 140 -23.07 45.98 14.06
N GLY A 141 -22.87 47.29 13.93
CA GLY A 141 -22.40 48.11 15.04
C GLY A 141 -21.95 49.46 14.52
N ASP A 142 -21.20 50.22 15.31
CA ASP A 142 -20.72 51.52 14.85
C ASP A 142 -19.21 51.61 14.95
N ASN A 143 -18.54 50.49 15.15
CA ASN A 143 -17.09 50.49 15.25
C ASN A 143 -16.45 50.24 13.91
N TYR A 144 -15.64 51.18 13.44
CA TYR A 144 -14.96 51.00 12.16
C TYR A 144 -13.91 49.95 12.43
N GLN A 145 -13.96 48.87 11.66
CA GLN A 145 -12.99 47.79 11.85
C GLN A 145 -11.60 48.37 11.84
N LYS A 146 -10.70 47.79 12.63
CA LYS A 146 -9.34 48.28 12.78
C LYS A 146 -8.39 48.20 11.58
N GLY A 147 -7.93 47.01 11.24
CA GLY A 147 -7.01 46.91 10.12
C GLY A 147 -5.54 47.12 10.49
N ILE A 148 -4.74 46.06 10.41
CA ILE A 148 -3.31 46.07 10.73
C ILE A 148 -2.52 45.77 9.45
N PRO A 149 -1.21 46.05 9.45
CA PRO A 149 -0.32 45.82 8.29
C PRO A 149 0.39 44.49 8.26
N VAL A 150 0.79 44.09 7.05
CA VAL A 150 1.51 42.85 6.80
C VAL A 150 1.49 42.55 5.32
N GLU A 151 2.64 42.27 4.74
CA GLU A 151 2.65 41.92 3.33
C GLU A 151 2.85 40.41 3.19
N THR A 152 1.74 39.72 2.95
CA THR A 152 1.73 38.29 2.75
C THR A 152 0.99 38.19 1.39
N ASP A 153 -0.06 37.36 1.29
CA ASP A 153 -0.85 37.22 0.06
C ASP A 153 -0.08 37.33 -1.28
N THR B 1 -35.95 6.23 4.56
CA THR B 1 -35.84 7.66 5.00
C THR B 1 -34.98 7.78 6.27
N ARG B 2 -34.35 8.95 6.47
CA ARG B 2 -33.48 9.15 7.64
C ARG B 2 -33.73 10.47 8.38
N TYR B 3 -32.91 10.73 9.39
CA TYR B 3 -33.03 11.95 10.18
C TYR B 3 -31.78 12.84 10.24
N ILE B 4 -32.02 14.15 10.19
CA ILE B 4 -30.97 15.17 10.28
C ILE B 4 -31.46 16.29 11.21
N PRO B 5 -30.53 16.99 11.88
CA PRO B 5 -30.87 18.09 12.81
C PRO B 5 -31.68 19.24 12.21
N ASP B 6 -32.64 19.71 12.99
CA ASP B 6 -33.56 20.81 12.63
C ASP B 6 -32.91 21.98 11.89
N GLU B 7 -31.72 22.36 12.34
CA GLU B 7 -30.98 23.48 11.77
C GLU B 7 -29.93 23.18 10.70
N ALA B 8 -29.98 22.00 10.11
CA ALA B 8 -29.01 21.67 9.09
C ALA B 8 -29.18 22.47 7.81
N ASP B 9 -28.16 22.43 6.95
CA ASP B 9 -28.12 23.07 5.64
C ASP B 9 -28.34 24.59 5.52
N PHE B 10 -27.86 25.34 6.49
CA PHE B 10 -27.99 26.80 6.46
C PHE B 10 -26.67 27.42 6.11
N LEU B 11 -26.72 28.60 5.51
CA LEU B 11 -25.49 29.33 5.18
C LEU B 11 -25.78 30.81 5.32
N LEU B 12 -25.17 31.44 6.31
CA LEU B 12 -25.37 32.84 6.56
C LEU B 12 -24.14 33.58 6.11
N GLY B 13 -24.34 34.57 5.26
CA GLY B 13 -23.20 35.34 4.78
C GLY B 13 -23.31 36.75 5.29
N MET B 14 -22.76 37.00 6.48
CA MET B 14 -22.77 38.34 7.06
C MET B 14 -21.75 39.17 6.32
N ALA B 15 -22.10 40.42 6.01
CA ALA B 15 -21.17 41.30 5.30
C ALA B 15 -20.11 41.89 6.25
N THR B 16 -20.20 41.54 7.54
CA THR B 16 -19.28 42.06 8.53
C THR B 16 -19.36 41.36 9.87
N VAL B 17 -18.27 41.42 10.63
CA VAL B 17 -18.26 40.81 11.94
C VAL B 17 -19.10 41.75 12.82
N ASN B 18 -19.40 41.34 14.05
CA ASN B 18 -20.24 42.12 14.94
C ASN B 18 -19.71 43.50 15.36
N ASN B 19 -20.60 44.30 15.95
CA ASN B 19 -20.29 45.65 16.42
C ASN B 19 -19.54 46.54 15.43
N CYS B 20 -19.41 46.12 14.18
CA CYS B 20 -18.71 46.93 13.17
C CYS B 20 -19.56 47.36 11.99
N VAL B 21 -19.10 48.41 11.31
CA VAL B 21 -19.81 48.93 10.16
C VAL B 21 -19.49 48.14 8.91
N SER B 22 -20.28 48.33 7.85
CA SER B 22 -20.02 47.68 6.57
C SER B 22 -20.20 48.85 5.61
N TYR B 23 -19.46 48.86 4.52
CA TYR B 23 -19.50 49.98 3.61
C TYR B 23 -20.31 49.84 2.36
N ARG B 24 -20.88 50.97 1.98
CA ARG B 24 -21.72 51.08 0.80
C ARG B 24 -21.36 52.33 -0.01
N ASN B 25 -20.83 52.13 -1.22
CA ASN B 25 -20.47 53.26 -2.08
C ASN B 25 -21.67 53.58 -2.93
N PRO B 26 -22.25 54.78 -2.76
CA PRO B 26 -23.42 55.16 -3.55
C PRO B 26 -23.11 55.06 -5.04
N ALA B 27 -21.82 55.14 -5.38
CA ALA B 27 -21.38 55.08 -6.77
C ALA B 27 -21.50 53.70 -7.38
N GLU B 28 -20.92 52.69 -6.74
CA GLU B 28 -20.97 51.34 -7.31
C GLU B 28 -21.70 50.31 -6.48
N GLY B 29 -22.22 50.72 -5.34
CA GLY B 29 -22.91 49.75 -4.49
C GLY B 29 -22.08 49.48 -3.26
N THR B 30 -22.24 48.29 -2.66
CA THR B 30 -21.51 47.95 -1.45
C THR B 30 -20.34 46.99 -1.65
N TRP B 31 -19.32 47.15 -0.82
CA TRP B 31 -18.15 46.31 -0.91
C TRP B 31 -18.47 44.83 -0.92
N TYR B 32 -19.33 44.41 -0.01
CA TYR B 32 -19.72 43.00 0.15
C TYR B 32 -20.56 42.42 -0.99
N ILE B 33 -21.76 42.96 -1.18
CA ILE B 33 -22.63 42.47 -2.23
C ILE B 33 -21.94 42.51 -3.59
N GLN B 34 -21.44 43.68 -3.97
CA GLN B 34 -20.74 43.81 -5.24
C GLN B 34 -19.66 42.74 -5.37
N SER B 35 -18.88 42.56 -4.31
CA SER B 35 -17.82 41.58 -4.35
C SER B 35 -18.34 40.16 -4.36
N LEU B 36 -19.48 39.92 -3.71
CA LEU B 36 -20.05 38.59 -3.67
C LEU B 36 -20.51 38.19 -5.07
N CYS B 37 -21.24 39.10 -5.72
CA CYS B 37 -21.75 38.84 -7.05
C CYS B 37 -20.61 38.66 -8.02
N GLN B 38 -19.75 39.67 -8.10
CA GLN B 38 -18.61 39.61 -8.98
C GLN B 38 -17.98 38.23 -8.96
N SER B 39 -17.66 37.75 -7.77
CA SER B 39 -17.04 36.44 -7.61
C SER B 39 -17.96 35.34 -8.08
N LEU B 40 -19.22 35.37 -7.67
CA LEU B 40 -20.17 34.33 -8.09
C LEU B 40 -20.11 34.19 -9.60
N ARG B 41 -20.14 35.32 -10.30
CA ARG B 41 -20.09 35.30 -11.75
C ARG B 41 -18.86 34.55 -12.25
N GLU B 42 -17.68 35.05 -11.90
CA GLU B 42 -16.42 34.46 -12.33
C GLU B 42 -16.12 33.05 -11.84
N ARG B 43 -16.73 32.64 -10.74
CA ARG B 43 -16.43 31.32 -10.19
C ARG B 43 -17.43 30.20 -10.39
N CYS B 44 -18.71 30.47 -10.20
CA CYS B 44 -19.72 29.43 -10.34
C CYS B 44 -19.57 28.60 -11.62
N PRO B 45 -19.36 29.26 -12.78
CA PRO B 45 -19.20 28.48 -14.00
C PRO B 45 -18.13 27.41 -13.80
N ARG B 46 -16.94 27.84 -13.37
CA ARG B 46 -15.81 26.92 -13.13
C ARG B 46 -16.30 25.70 -12.35
N GLY B 47 -16.88 25.93 -11.19
CA GLY B 47 -17.40 24.83 -10.39
C GLY B 47 -17.15 25.03 -8.91
N ASP B 48 -16.44 26.12 -8.58
CA ASP B 48 -16.09 26.45 -7.19
C ASP B 48 -17.23 26.39 -6.18
N ASP B 49 -16.99 25.66 -5.09
CA ASP B 49 -17.97 25.50 -4.04
C ASP B 49 -18.19 26.86 -3.41
N ILE B 50 -19.43 27.15 -3.01
CA ILE B 50 -19.77 28.44 -2.42
C ILE B 50 -18.87 28.86 -1.26
N LEU B 51 -18.39 27.91 -0.47
CA LEU B 51 -17.50 28.28 0.62
C LEU B 51 -16.27 28.92 -0.01
N THR B 52 -15.75 28.27 -1.04
CA THR B 52 -14.60 28.79 -1.77
C THR B 52 -14.88 30.23 -2.22
N ILE B 53 -15.97 30.43 -2.95
CA ILE B 53 -16.30 31.77 -3.42
C ILE B 53 -16.39 32.72 -2.25
N LEU B 54 -17.08 32.29 -1.19
CA LEU B 54 -17.24 33.14 -0.03
C LEU B 54 -15.91 33.50 0.60
N THR B 55 -14.93 32.60 0.51
CA THR B 55 -13.60 32.87 1.08
C THR B 55 -12.93 34.00 0.33
N GLU B 56 -12.98 33.92 -0.99
CA GLU B 56 -12.39 34.92 -1.85
C GLU B 56 -13.01 36.28 -1.58
N VAL B 57 -14.32 36.30 -1.33
CA VAL B 57 -15.00 37.54 -1.05
C VAL B 57 -14.43 38.10 0.24
N ASN B 58 -14.06 37.19 1.15
CA ASN B 58 -13.49 37.61 2.42
C ASN B 58 -12.18 38.31 2.03
N TYR B 59 -11.46 37.73 1.08
CA TYR B 59 -10.23 38.31 0.63
C TYR B 59 -10.41 39.70 0.00
N GLU B 60 -10.99 39.75 -1.20
CA GLU B 60 -11.20 41.01 -1.91
C GLU B 60 -11.66 42.15 -1.01
N VAL B 61 -12.65 41.88 -0.18
CA VAL B 61 -13.16 42.93 0.69
C VAL B 61 -12.11 43.36 1.72
N SER B 62 -11.23 42.45 2.11
CA SER B 62 -10.23 42.79 3.11
C SER B 62 -9.22 43.78 2.60
N ASN B 63 -9.00 43.78 1.29
CA ASN B 63 -8.02 44.70 0.73
C ASN B 63 -8.55 46.10 0.48
N LYS B 64 -9.86 46.29 0.68
CA LYS B 64 -10.46 47.61 0.52
C LYS B 64 -10.12 48.43 1.78
N ASP B 65 -10.09 49.76 1.66
CA ASP B 65 -9.73 50.62 2.79
C ASP B 65 -10.60 51.87 2.86
N ASP B 66 -10.98 52.27 4.08
CA ASP B 66 -11.78 53.51 4.27
C ASP B 66 -10.76 54.56 4.72
N LYS B 67 -9.73 54.73 3.91
CA LYS B 67 -8.64 55.66 4.18
C LYS B 67 -8.94 56.70 5.24
N LYS B 68 -10.10 57.35 5.17
CA LYS B 68 -10.45 58.36 6.17
C LYS B 68 -10.24 57.85 7.57
N ASN B 69 -11.29 57.27 8.15
CA ASN B 69 -11.22 56.75 9.52
C ASN B 69 -10.31 55.50 9.61
N MET B 70 -9.33 55.44 8.71
CA MET B 70 -8.39 54.33 8.68
C MET B 70 -9.08 53.09 9.23
N GLY B 71 -10.08 52.64 8.50
CA GLY B 71 -10.85 51.48 8.91
C GLY B 71 -10.92 50.42 7.84
N LYS B 72 -11.44 49.26 8.22
CA LYS B 72 -11.56 48.12 7.31
C LYS B 72 -12.95 47.48 7.42
N GLN B 73 -13.18 46.42 6.66
CA GLN B 73 -14.44 45.68 6.72
C GLN B 73 -14.17 44.19 6.53
N MET B 74 -14.61 43.38 7.49
CA MET B 74 -14.39 41.94 7.43
C MET B 74 -15.68 41.11 7.38
N PRO B 75 -16.04 40.60 6.20
CA PRO B 75 -17.24 39.77 6.06
C PRO B 75 -17.07 38.54 6.93
N GLN B 76 -18.16 37.84 7.25
CA GLN B 76 -18.07 36.66 8.10
C GLN B 76 -19.16 35.58 7.96
N PRO B 77 -18.94 34.60 7.07
CA PRO B 77 -19.89 33.51 6.84
C PRO B 77 -19.98 32.61 8.03
N THR B 78 -21.12 31.96 8.18
CA THR B 78 -21.34 31.02 9.24
C THR B 78 -22.16 29.97 8.54
N PHE B 79 -21.84 28.70 8.75
CA PHE B 79 -22.57 27.71 8.01
C PHE B 79 -22.85 26.41 8.70
N THR B 80 -23.91 25.76 8.23
CA THR B 80 -24.36 24.48 8.73
C THR B 80 -24.50 23.46 7.58
N LEU B 81 -24.14 23.86 6.36
CA LEU B 81 -24.23 22.94 5.23
C LEU B 81 -23.60 21.61 5.62
N ARG B 82 -24.02 20.55 4.93
CA ARG B 82 -23.53 19.20 5.15
C ARG B 82 -23.01 18.62 3.87
N LYS B 83 -23.10 19.39 2.80
CA LYS B 83 -22.62 18.97 1.49
C LYS B 83 -22.01 20.17 0.78
N LYS B 84 -21.14 19.94 -0.20
CA LYS B 84 -20.58 21.07 -0.91
C LYS B 84 -21.76 21.76 -1.57
N LEU B 85 -21.70 23.08 -1.72
CA LEU B 85 -22.79 23.78 -2.36
C LEU B 85 -22.33 24.47 -3.62
N VAL B 86 -22.63 23.87 -4.76
CA VAL B 86 -22.23 24.49 -6.01
C VAL B 86 -23.48 24.87 -6.82
N PHE B 87 -23.30 25.83 -7.72
CA PHE B 87 -24.38 26.36 -8.58
C PHE B 87 -24.06 26.18 -10.07
N PRO B 88 -24.40 25.02 -10.65
CA PRO B 88 -24.11 24.81 -12.08
C PRO B 88 -24.78 25.84 -12.99
N GLU C 2 -19.50 54.75 2.00
CA GLU C 2 -20.37 55.14 3.14
C GLU C 2 -20.70 53.84 3.93
N VAL C 3 -21.45 53.97 5.05
CA VAL C 3 -21.60 52.91 6.08
C VAL C 3 -23.11 52.72 6.27
N ASP C 4 -23.50 51.50 6.72
CA ASP C 4 -24.90 51.10 6.96
C ASP C 4 -25.18 50.92 8.49
N LEU D 1 -6.25 27.08 -8.06
CA LEU D 1 -5.20 28.13 -7.96
C LEU D 1 -5.65 29.34 -7.15
N ASP D 2 -6.55 29.11 -6.19
CA ASP D 2 -7.01 30.19 -5.35
C ASP D 2 -5.92 30.35 -4.31
N LYS D 3 -5.85 31.52 -3.68
CA LYS D 3 -4.83 31.74 -2.67
C LYS D 3 -4.94 30.67 -1.57
N VAL D 4 -3.81 30.30 -0.98
CA VAL D 4 -3.77 29.29 0.08
C VAL D 4 -2.91 29.78 1.25
N TYR D 5 -3.32 29.41 2.46
CA TYR D 5 -2.57 29.79 3.66
C TYR D 5 -1.31 28.94 3.71
N GLN D 6 -0.18 29.61 3.92
CA GLN D 6 1.11 28.96 3.97
C GLN D 6 1.26 28.07 5.19
N MET D 7 1.76 26.85 4.97
CA MET D 7 1.97 25.89 6.05
C MET D 7 3.20 25.03 5.75
N LYS D 8 4.39 25.56 6.06
CA LYS D 8 5.61 24.83 5.81
C LYS D 8 6.48 24.74 7.07
N SER D 9 6.47 25.79 7.88
CA SER D 9 7.25 25.84 9.13
C SER D 9 7.51 24.49 9.80
N LYS D 10 8.76 24.25 10.24
CA LYS D 10 9.13 23.00 10.91
C LYS D 10 7.95 22.64 11.80
N PRO D 11 7.81 23.30 12.96
CA PRO D 11 6.63 22.91 13.74
C PRO D 11 5.59 23.97 13.31
N ARG D 12 4.67 23.62 12.41
CA ARG D 12 3.65 24.57 11.93
C ARG D 12 3.28 25.66 12.92
N GLY D 13 2.95 25.28 14.16
CA GLY D 13 2.59 26.23 15.21
C GLY D 13 2.11 25.50 16.44
N TYR D 14 1.71 26.22 17.48
CA TYR D 14 1.23 25.58 18.69
C TYR D 14 -0.21 25.13 18.59
N CYS D 15 -0.54 24.05 19.28
CA CYS D 15 -1.90 23.57 19.29
C CYS D 15 -2.40 23.43 20.72
N LEU D 16 -2.74 24.55 21.33
CA LEU D 16 -3.26 24.51 22.67
C LEU D 16 -4.43 23.56 22.75
N ILE D 17 -4.49 22.78 23.83
CA ILE D 17 -5.59 21.86 24.05
C ILE D 17 -6.02 22.00 25.49
N ILE D 18 -6.92 22.96 25.78
CA ILE D 18 -7.40 23.13 27.14
C ILE D 18 -8.46 22.09 27.33
N ASN D 19 -8.17 21.07 28.12
CA ASN D 19 -9.12 19.99 28.34
C ASN D 19 -9.54 19.92 29.80
N ASN D 20 -10.82 20.20 30.06
CA ASN D 20 -11.34 20.17 31.42
C ASN D 20 -12.16 18.89 31.65
N HIS D 21 -11.91 18.20 32.74
CA HIS D 21 -12.65 16.97 33.03
C HIS D 21 -13.23 16.99 34.42
N ASN D 22 -12.39 17.29 35.40
CA ASN D 22 -12.84 17.31 36.77
C ASN D 22 -13.49 18.63 37.12
N PHE D 23 -14.80 18.59 37.30
CA PHE D 23 -15.53 19.79 37.64
C PHE D 23 -16.00 19.75 39.06
N ALA D 24 -15.24 19.10 39.93
CA ALA D 24 -15.60 19.03 41.32
C ALA D 24 -15.54 20.45 41.81
N LYS D 25 -14.55 21.19 41.30
CA LYS D 25 -14.39 22.56 41.71
C LYS D 25 -15.73 23.24 41.53
N ALA D 26 -16.20 23.27 40.30
CA ALA D 26 -17.47 23.91 39.97
C ALA D 26 -18.57 23.47 40.92
N ARG D 27 -18.90 22.18 40.87
CA ARG D 27 -19.93 21.61 41.70
C ARG D 27 -19.88 22.20 43.10
N GLU D 28 -18.68 22.25 43.67
CA GLU D 28 -18.46 22.75 45.02
C GLU D 28 -18.71 24.25 45.27
N LYS D 29 -18.58 25.11 44.26
CA LYS D 29 -18.79 26.52 44.53
C LYS D 29 -20.06 27.13 43.97
N VAL D 30 -20.22 27.14 42.64
CA VAL D 30 -21.41 27.71 42.03
C VAL D 30 -22.64 26.83 42.24
N PRO D 31 -23.64 27.33 42.98
CA PRO D 31 -24.89 26.61 43.29
C PRO D 31 -25.57 25.98 42.09
N LYS D 32 -26.04 26.83 41.17
CA LYS D 32 -26.75 26.40 39.97
C LYS D 32 -26.07 25.32 39.13
N LEU D 33 -24.85 24.93 39.51
CA LEU D 33 -24.13 23.91 38.77
C LEU D 33 -23.87 22.70 39.67
N HIS D 34 -24.59 22.68 40.78
CA HIS D 34 -24.52 21.60 41.76
C HIS D 34 -24.35 20.21 41.17
N SER D 35 -24.98 19.94 40.02
CA SER D 35 -24.91 18.61 39.44
C SER D 35 -24.12 18.39 38.16
N ILE D 36 -23.32 19.37 37.74
CA ILE D 36 -22.54 19.19 36.51
C ILE D 36 -21.59 18.00 36.72
N ARG D 37 -21.71 17.00 35.86
CA ARG D 37 -20.85 15.83 35.97
C ARG D 37 -19.48 16.09 35.37
N ASP D 38 -18.56 15.20 35.68
CA ASP D 38 -17.22 15.29 35.15
C ASP D 38 -17.31 14.83 33.71
N ARG D 39 -16.56 15.47 32.83
CA ARG D 39 -16.59 15.11 31.42
C ARG D 39 -15.86 13.81 31.16
N ASN D 40 -16.45 12.68 31.59
CA ASN D 40 -15.81 11.40 31.38
C ASN D 40 -15.74 11.07 29.90
N GLY D 41 -14.53 11.07 29.36
CA GLY D 41 -14.37 10.77 27.95
C GLY D 41 -13.53 11.79 27.23
N THR D 42 -13.30 12.94 27.85
CA THR D 42 -12.51 14.01 27.22
C THR D 42 -11.13 13.51 26.87
N HIS D 43 -10.52 12.80 27.80
CA HIS D 43 -9.21 12.26 27.59
C HIS D 43 -9.08 11.70 26.19
N LEU D 44 -10.06 10.92 25.76
CA LEU D 44 -10.05 10.31 24.44
C LEU D 44 -10.06 11.38 23.35
N ASP D 45 -10.80 12.45 23.58
CA ASP D 45 -10.87 13.56 22.64
C ASP D 45 -9.45 14.10 22.59
N ALA D 46 -8.97 14.50 23.77
CA ALA D 46 -7.63 15.04 23.94
C ALA D 46 -6.58 14.22 23.21
N GLY D 47 -6.58 12.92 23.45
CA GLY D 47 -5.61 12.06 22.77
C GLY D 47 -5.70 12.19 21.26
N ALA D 48 -6.90 11.94 20.72
CA ALA D 48 -7.14 12.02 19.29
C ALA D 48 -6.63 13.34 18.69
N LEU D 49 -6.91 14.45 19.38
CA LEU D 49 -6.48 15.76 18.92
C LEU D 49 -4.97 15.79 18.94
N THR D 50 -4.42 15.25 20.02
CA THR D 50 -2.98 15.19 20.16
C THR D 50 -2.38 14.47 18.97
N THR D 51 -2.76 13.20 18.84
CA THR D 51 -2.25 12.39 17.74
C THR D 51 -2.34 13.09 16.40
N THR D 52 -3.56 13.20 15.88
CA THR D 52 -3.77 13.82 14.58
C THR D 52 -3.08 15.15 14.36
N PHE D 53 -3.07 16.02 15.38
CA PHE D 53 -2.42 17.30 15.14
C PHE D 53 -0.90 17.20 15.16
N GLU D 54 -0.39 16.24 15.93
CA GLU D 54 1.05 16.04 15.98
C GLU D 54 1.47 15.63 14.57
N GLU D 55 0.79 14.63 13.99
CA GLU D 55 1.09 14.15 12.64
C GLU D 55 1.09 15.27 11.59
N LEU D 56 0.35 16.33 11.86
CA LEU D 56 0.30 17.46 10.95
C LEU D 56 1.38 18.46 11.31
N HIS D 57 2.40 17.96 11.99
CA HIS D 57 3.55 18.76 12.38
C HIS D 57 3.21 19.99 13.24
N PHE D 58 2.37 19.77 14.23
CA PHE D 58 1.96 20.83 15.14
C PHE D 58 2.50 20.52 16.52
N GLU D 59 2.92 21.55 17.24
CA GLU D 59 3.44 21.38 18.59
C GLU D 59 2.31 21.46 19.61
N ILE D 60 1.96 20.33 20.20
CA ILE D 60 0.87 20.29 21.17
C ILE D 60 1.24 20.97 22.48
N LYS D 61 0.23 21.47 23.19
CA LYS D 61 0.46 22.15 24.44
C LYS D 61 -0.77 21.96 25.32
N PRO D 62 -0.95 20.75 25.87
CA PRO D 62 -2.06 20.37 26.73
C PRO D 62 -2.12 21.08 28.08
N HIS D 63 -3.33 21.17 28.65
CA HIS D 63 -3.55 21.77 29.96
C HIS D 63 -4.83 21.16 30.50
N HIS D 64 -4.81 20.68 31.74
CA HIS D 64 -5.99 20.04 32.28
C HIS D 64 -6.76 20.84 33.31
N ASP D 65 -8.04 20.55 33.43
CA ASP D 65 -8.93 21.21 34.37
C ASP D 65 -8.49 22.63 34.72
N CYS D 66 -8.55 23.54 33.74
CA CYS D 66 -8.16 24.92 33.99
C CYS D 66 -9.34 25.77 34.37
N THR D 67 -9.22 26.53 35.46
CA THR D 67 -10.30 27.39 35.86
C THR D 67 -10.37 28.47 34.80
N VAL D 68 -11.44 29.26 34.83
CA VAL D 68 -11.56 30.32 33.85
C VAL D 68 -10.23 31.07 33.88
N GLU D 69 -9.88 31.54 35.07
CA GLU D 69 -8.65 32.28 35.28
C GLU D 69 -7.47 31.63 34.57
N GLN D 70 -7.22 30.36 34.90
CA GLN D 70 -6.11 29.65 34.28
C GLN D 70 -6.16 29.78 32.76
N ILE D 71 -7.34 29.55 32.19
CA ILE D 71 -7.51 29.62 30.75
C ILE D 71 -6.97 30.93 30.20
N TYR D 72 -7.37 32.03 30.84
CA TYR D 72 -6.94 33.33 30.38
C TYR D 72 -5.45 33.42 30.44
N GLU D 73 -4.90 33.06 31.60
CA GLU D 73 -3.46 33.08 31.78
C GLU D 73 -2.81 32.37 30.60
N ILE D 74 -3.26 31.15 30.38
CA ILE D 74 -2.71 30.35 29.30
C ILE D 74 -2.74 31.05 27.96
N LEU D 75 -3.90 31.56 27.60
CA LEU D 75 -4.02 32.23 26.31
C LEU D 75 -3.13 33.44 26.31
N LYS D 76 -3.15 34.17 27.42
CA LYS D 76 -2.32 35.35 27.54
C LYS D 76 -0.88 35.05 27.15
N ILE D 77 -0.41 33.87 27.54
CA ILE D 77 0.96 33.49 27.21
C ILE D 77 1.13 33.45 25.70
N TYR D 78 0.40 32.53 25.08
CA TYR D 78 0.48 32.37 23.65
C TYR D 78 0.14 33.63 22.93
N GLN D 79 -0.53 34.53 23.65
CA GLN D 79 -0.92 35.81 23.08
C GLN D 79 0.30 36.73 22.91
N LEU D 80 1.13 36.80 23.94
CA LEU D 80 2.34 37.64 23.93
C LEU D 80 3.52 37.00 23.21
N MET D 81 3.40 35.71 22.91
CA MET D 81 4.46 34.99 22.23
C MET D 81 4.79 35.58 20.88
N ASP D 82 5.89 35.09 20.29
CA ASP D 82 6.31 35.56 18.99
C ASP D 82 6.20 34.39 18.02
N HIS D 83 5.06 34.30 17.35
CA HIS D 83 4.80 33.23 16.38
C HIS D 83 5.41 33.55 15.01
N SER D 84 6.47 34.34 14.97
CA SER D 84 7.11 34.70 13.71
C SER D 84 7.52 33.53 12.82
N ASN D 85 7.99 32.44 13.40
CA ASN D 85 8.39 31.30 12.58
C ASN D 85 7.29 30.24 12.59
N MET D 86 6.10 30.68 12.95
CA MET D 86 4.93 29.82 13.01
C MET D 86 4.05 30.19 11.85
N ASP D 87 3.40 29.20 11.26
CA ASP D 87 2.54 29.42 10.11
C ASP D 87 1.06 29.39 10.51
N CYS D 88 0.77 28.88 11.71
CA CYS D 88 -0.61 28.76 12.15
C CYS D 88 -0.72 28.62 13.68
N PHE D 89 -1.94 28.65 14.20
CA PHE D 89 -2.15 28.52 15.64
C PHE D 89 -3.52 27.94 15.88
N ILE D 90 -3.54 26.79 16.55
CA ILE D 90 -4.79 26.11 16.81
C ILE D 90 -5.04 26.05 18.30
N CYS D 91 -6.28 26.26 18.72
CA CYS D 91 -6.60 26.21 20.14
C CYS D 91 -7.89 25.41 20.34
N CYS D 92 -7.80 24.31 21.06
CA CYS D 92 -8.97 23.49 21.30
C CYS D 92 -9.39 23.55 22.74
N ILE D 93 -10.69 23.72 22.97
CA ILE D 93 -11.19 23.77 24.33
C ILE D 93 -12.31 22.76 24.44
N LEU D 94 -12.16 21.84 25.38
CA LEU D 94 -13.14 20.80 25.65
C LEU D 94 -13.60 21.08 27.09
N SER D 95 -14.88 21.41 27.25
CA SER D 95 -15.36 21.72 28.58
C SER D 95 -16.87 21.91 28.49
N HIS D 96 -17.51 22.19 29.63
CA HIS D 96 -18.94 22.41 29.62
C HIS D 96 -19.12 23.83 29.15
N GLY D 97 -20.33 24.16 28.72
CA GLY D 97 -20.57 25.50 28.23
C GLY D 97 -22.02 25.93 28.24
N ASP D 98 -22.27 27.09 27.66
CA ASP D 98 -23.60 27.65 27.58
C ASP D 98 -23.57 28.75 26.51
N LYS D 99 -24.74 29.29 26.16
CA LYS D 99 -24.85 30.32 25.15
C LYS D 99 -23.65 31.25 25.01
N GLY D 100 -22.83 31.01 24.00
CA GLY D 100 -21.68 31.86 23.75
C GLY D 100 -20.56 31.89 24.78
N ILE D 101 -20.54 30.92 25.70
CA ILE D 101 -19.51 30.87 26.72
C ILE D 101 -19.14 29.47 27.14
N ILE D 102 -17.88 29.26 27.48
CA ILE D 102 -17.48 27.94 27.93
C ILE D 102 -17.27 28.10 29.42
N TYR D 103 -17.18 26.97 30.13
CA TYR D 103 -17.00 27.00 31.57
C TYR D 103 -15.59 26.64 32.05
N GLY D 104 -15.07 27.40 33.00
CA GLY D 104 -13.77 27.08 33.54
C GLY D 104 -14.09 25.87 34.39
N THR D 105 -13.08 25.24 34.98
CA THR D 105 -13.32 24.08 35.82
C THR D 105 -13.90 24.53 37.17
N ASP D 106 -13.87 25.84 37.39
CA ASP D 106 -14.36 26.46 38.62
C ASP D 106 -15.82 26.91 38.50
N GLY D 107 -16.43 26.62 37.36
CA GLY D 107 -17.82 27.02 37.15
C GLY D 107 -17.94 28.44 36.66
N GLN D 108 -16.81 29.08 36.42
CA GLN D 108 -16.77 30.46 35.95
C GLN D 108 -17.04 30.49 34.45
N GLU D 109 -17.50 31.64 33.97
CA GLU D 109 -17.82 31.78 32.55
C GLU D 109 -16.79 32.50 31.72
N ALA D 110 -16.56 31.99 30.52
CA ALA D 110 -15.61 32.58 29.60
C ALA D 110 -16.27 32.73 28.24
N PRO D 111 -16.64 33.96 27.89
CA PRO D 111 -17.27 34.13 26.58
C PRO D 111 -16.31 33.69 25.49
N ILE D 112 -16.79 32.82 24.61
CA ILE D 112 -15.96 32.33 23.53
C ILE D 112 -15.32 33.51 22.81
N TYR D 113 -16.09 34.59 22.66
CA TYR D 113 -15.57 35.79 22.00
C TYR D 113 -14.34 36.33 22.72
N GLU D 114 -14.42 36.39 24.05
CA GLU D 114 -13.30 36.86 24.87
C GLU D 114 -12.02 36.11 24.55
N LEU D 115 -12.15 34.80 24.37
CA LEU D 115 -11.01 33.95 24.09
C LEU D 115 -10.45 34.22 22.72
N THR D 116 -11.23 33.91 21.69
CA THR D 116 -10.80 34.13 20.33
C THR D 116 -10.21 35.52 20.09
N SER D 117 -10.83 36.56 20.65
CA SER D 117 -10.37 37.93 20.45
C SER D 117 -8.97 38.21 21.01
N GLN D 118 -8.48 37.30 21.83
CA GLN D 118 -7.15 37.46 22.43
C GLN D 118 -6.08 37.42 21.36
N PHE D 119 -6.41 36.87 20.21
CA PHE D 119 -5.45 36.71 19.15
C PHE D 119 -5.62 37.50 17.88
N THR D 120 -6.22 38.68 17.99
CA THR D 120 -6.44 39.51 16.83
C THR D 120 -5.09 39.89 16.24
N GLY D 121 -5.07 40.91 15.41
CA GLY D 121 -3.82 41.33 14.82
C GLY D 121 -3.13 42.31 15.75
N LEU D 122 -3.91 43.23 16.29
CA LEU D 122 -3.35 44.20 17.21
C LEU D 122 -2.87 43.45 18.43
N LYS D 123 -3.67 42.50 18.89
CA LYS D 123 -3.32 41.73 20.07
C LYS D 123 -2.25 40.69 19.85
N CYS D 124 -1.81 40.50 18.61
CA CYS D 124 -0.81 39.48 18.35
C CYS D 124 -0.23 39.59 16.96
N PRO D 125 0.51 40.67 16.68
CA PRO D 125 1.11 40.88 15.37
C PRO D 125 1.86 39.67 14.85
N SER D 126 2.54 38.95 15.73
CA SER D 126 3.31 37.78 15.28
C SER D 126 2.45 36.83 14.48
N LEU D 127 1.14 36.98 14.61
CA LEU D 127 0.19 36.10 13.92
C LEU D 127 -0.64 36.76 12.82
N ALA D 128 -0.42 38.06 12.61
CA ALA D 128 -1.12 38.81 11.59
C ALA D 128 -1.03 38.03 10.28
N GLY D 129 -2.15 37.98 9.55
CA GLY D 129 -2.20 37.29 8.28
C GLY D 129 -2.03 35.78 8.37
N LYS D 130 -2.02 35.25 9.59
CA LYS D 130 -1.87 33.80 9.77
C LYS D 130 -3.13 33.18 10.35
N PRO D 131 -3.49 31.97 9.87
CA PRO D 131 -4.68 31.25 10.32
C PRO D 131 -4.71 30.98 11.82
N LYS D 132 -5.80 31.37 12.46
CA LYS D 132 -5.96 31.14 13.90
C LYS D 132 -7.20 30.28 14.05
N VAL D 133 -7.00 29.00 14.38
CA VAL D 133 -8.12 28.10 14.51
C VAL D 133 -8.54 27.81 15.94
N PHE D 134 -9.85 27.70 16.16
CA PHE D 134 -10.38 27.40 17.48
C PHE D 134 -11.43 26.34 17.32
N PHE D 135 -11.31 25.30 18.11
CA PHE D 135 -12.27 24.21 18.07
C PHE D 135 -12.82 24.19 19.45
N ILE D 136 -14.08 24.55 19.62
CA ILE D 136 -14.61 24.52 20.97
C ILE D 136 -15.56 23.34 21.03
N GLN D 137 -15.47 22.57 22.11
CA GLN D 137 -16.32 21.40 22.31
C GLN D 137 -16.95 21.52 23.68
N ALA D 138 -18.08 22.22 23.72
CA ALA D 138 -18.83 22.44 24.95
C ALA D 138 -20.29 22.43 24.56
N CYS D 139 -21.15 22.91 25.45
CA CYS D 139 -22.56 23.00 25.16
C CYS D 139 -22.83 24.48 25.05
N GLN D 140 -23.89 24.83 24.36
CA GLN D 140 -24.22 26.23 24.19
C GLN D 140 -25.61 26.55 24.77
N GLY D 141 -26.14 25.62 25.55
CA GLY D 141 -27.45 25.77 26.15
C GLY D 141 -27.93 24.39 26.55
N ASP D 142 -29.20 24.26 26.96
CA ASP D 142 -29.70 22.94 27.35
C ASP D 142 -30.81 22.36 26.45
N ASN D 143 -30.88 22.83 25.20
CA ASN D 143 -31.88 22.33 24.25
C ASN D 143 -31.36 21.08 23.58
N TYR D 144 -32.24 20.40 22.85
CA TYR D 144 -31.88 19.19 22.12
C TYR D 144 -32.26 19.48 20.68
N GLN D 145 -31.30 19.32 19.80
CA GLN D 145 -31.55 19.56 18.39
C GLN D 145 -32.54 18.53 17.89
N LYS D 146 -33.80 18.93 17.73
CA LYS D 146 -34.81 18.02 17.22
C LYS D 146 -34.44 17.67 15.78
N GLY D 147 -34.64 16.42 15.40
CA GLY D 147 -34.33 16.00 14.04
C GLY D 147 -35.56 15.92 13.15
N ILE D 148 -35.35 16.03 11.84
CA ILE D 148 -36.46 15.95 10.90
C ILE D 148 -36.09 14.93 9.82
N PRO D 149 -37.10 14.24 9.25
CA PRO D 149 -36.89 13.22 8.20
C PRO D 149 -36.60 13.76 6.82
N VAL D 150 -36.03 12.92 5.95
CA VAL D 150 -35.74 13.38 4.59
C VAL D 150 -35.25 12.35 3.57
N GLU D 151 -34.19 11.63 3.94
CA GLU D 151 -33.53 10.65 3.07
C GLU D 151 -33.25 11.17 1.67
N THR D 152 -32.27 12.07 1.59
CA THR D 152 -31.79 12.61 0.33
C THR D 152 -30.40 11.93 0.32
N ASP D 153 -29.36 12.68 0.69
CA ASP D 153 -27.98 12.17 0.77
C ASP D 153 -27.69 10.89 -0.02
N THR E 1 3.98 45.59 1.71
CA THR E 1 3.22 45.79 2.99
C THR E 1 1.79 46.23 2.73
N ARG E 2 0.84 45.35 3.00
CA ARG E 2 -0.56 45.67 2.79
C ARG E 2 -1.31 45.67 4.12
N TYR E 3 -2.60 45.96 4.08
CA TYR E 3 -3.40 45.98 5.30
C TYR E 3 -4.52 44.98 5.20
N ILE E 4 -4.97 44.51 6.35
CA ILE E 4 -6.05 43.55 6.44
C ILE E 4 -6.80 43.85 7.70
N PRO E 5 -8.09 43.47 7.78
CA PRO E 5 -8.91 43.73 8.97
C PRO E 5 -8.39 43.03 10.21
N ASP E 6 -8.45 43.73 11.34
CA ASP E 6 -8.01 43.23 12.64
C ASP E 6 -8.45 41.80 12.95
N GLU E 7 -9.67 41.45 12.57
CA GLU E 7 -10.26 40.13 12.81
C GLU E 7 -10.07 39.02 11.75
N ALA E 8 -9.32 39.30 10.69
CA ALA E 8 -9.11 38.34 9.62
C ALA E 8 -8.51 36.98 10.02
N ASP E 9 -8.45 36.10 9.03
CA ASP E 9 -7.88 34.75 9.15
C ASP E 9 -8.22 33.90 10.37
N PHE E 10 -9.47 34.00 10.83
CA PHE E 10 -9.92 33.22 11.98
C PHE E 10 -10.77 32.07 11.53
N LEU E 11 -11.07 31.17 12.46
CA LEU E 11 -11.93 30.05 12.16
C LEU E 11 -12.35 29.37 13.43
N LEU E 12 -13.63 29.55 13.74
CA LEU E 12 -14.20 28.96 14.93
C LEU E 12 -14.87 27.61 14.58
N GLY E 13 -14.53 26.57 15.32
CA GLY E 13 -15.13 25.29 15.05
C GLY E 13 -16.08 24.98 16.18
N MET E 14 -17.29 25.51 16.09
CA MET E 14 -18.30 25.26 17.12
C MET E 14 -18.74 23.83 16.95
N ALA E 15 -18.99 23.17 18.08
CA ALA E 15 -19.43 21.78 18.10
C ALA E 15 -20.93 21.69 17.98
N THR E 16 -21.61 22.74 18.42
CA THR E 16 -23.07 22.77 18.37
C THR E 16 -23.59 24.18 18.08
N VAL E 17 -24.77 24.27 17.48
CA VAL E 17 -25.38 25.58 17.23
C VAL E 17 -25.80 26.10 18.61
N ASN E 18 -26.00 27.41 18.77
CA ASN E 18 -26.34 27.98 20.08
C ASN E 18 -27.56 27.38 20.74
N ASN E 19 -27.69 27.63 22.03
CA ASN E 19 -28.83 27.15 22.83
C ASN E 19 -28.99 25.63 22.98
N CYS E 20 -28.23 24.84 22.22
CA CYS E 20 -28.34 23.40 22.30
C CYS E 20 -27.18 22.66 22.95
N VAL E 21 -27.35 21.35 23.14
CA VAL E 21 -26.32 20.52 23.76
C VAL E 21 -25.35 19.85 22.80
N SER E 22 -24.32 19.23 23.39
CA SER E 22 -23.31 18.53 22.64
C SER E 22 -23.24 17.15 23.23
N TYR E 23 -22.80 16.18 22.43
CA TYR E 23 -22.75 14.81 22.90
C TYR E 23 -21.37 14.22 23.05
N ARG E 24 -21.16 13.61 24.21
CA ARG E 24 -19.90 12.96 24.51
C ARG E 24 -20.11 11.58 25.10
N ASN E 25 -19.72 10.54 24.35
CA ASN E 25 -19.85 9.18 24.81
C ASN E 25 -18.65 8.93 25.73
N PRO E 26 -18.91 8.77 27.04
CA PRO E 26 -17.80 8.53 27.97
C PRO E 26 -16.97 7.30 27.59
N ALA E 27 -17.32 6.66 26.48
CA ALA E 27 -16.59 5.47 26.05
C ALA E 27 -15.81 5.62 24.75
N GLU E 28 -15.78 6.82 24.17
CA GLU E 28 -15.01 7.02 22.94
C GLU E 28 -14.81 8.47 22.56
N GLY E 29 -15.30 9.38 23.40
CA GLY E 29 -15.14 10.80 23.12
C GLY E 29 -16.39 11.49 22.64
N THR E 30 -16.25 12.75 22.26
CA THR E 30 -17.36 13.56 21.76
C THR E 30 -17.54 13.38 20.27
N TRP E 31 -18.80 13.32 19.84
CA TRP E 31 -19.12 13.14 18.43
C TRP E 31 -18.30 14.09 17.58
N TYR E 32 -18.39 15.37 17.88
CA TYR E 32 -17.68 16.39 17.12
C TYR E 32 -16.20 16.15 17.03
N ILE E 33 -15.52 16.17 18.17
CA ILE E 33 -14.09 16.01 18.16
C ILE E 33 -13.67 14.74 17.46
N GLN E 34 -14.32 13.63 17.80
CA GLN E 34 -13.98 12.39 17.18
C GLN E 34 -14.09 12.50 15.66
N SER E 35 -15.21 13.02 15.18
CA SER E 35 -15.39 13.14 13.73
C SER E 35 -14.36 14.10 13.18
N LEU E 36 -14.15 15.19 13.89
CA LEU E 36 -13.20 16.20 13.47
C LEU E 36 -11.89 15.52 13.12
N CYS E 37 -11.43 14.69 14.05
CA CYS E 37 -10.17 14.01 13.87
C CYS E 37 -10.24 13.09 12.70
N GLN E 38 -11.10 12.08 12.81
CA GLN E 38 -11.27 11.11 11.74
C GLN E 38 -11.23 11.76 10.37
N SER E 39 -12.03 12.81 10.21
CA SER E 39 -12.07 13.50 8.94
C SER E 39 -10.72 14.15 8.69
N LEU E 40 -10.14 14.72 9.74
CA LEU E 40 -8.85 15.40 9.59
C LEU E 40 -7.75 14.48 9.07
N ARG E 41 -7.52 13.37 9.76
CA ARG E 41 -6.50 12.42 9.34
C ARG E 41 -6.81 11.83 7.96
N GLU E 42 -8.08 11.75 7.61
CA GLU E 42 -8.49 11.19 6.31
C GLU E 42 -8.31 12.16 5.14
N ARG E 43 -9.03 13.28 5.18
CA ARG E 43 -8.98 14.23 4.09
C ARG E 43 -7.67 14.98 3.95
N CYS E 44 -7.07 15.37 5.07
CA CYS E 44 -5.82 16.14 5.01
C CYS E 44 -4.74 15.59 4.07
N PRO E 45 -4.48 14.28 4.15
CA PRO E 45 -3.47 13.68 3.27
C PRO E 45 -3.91 13.85 1.82
N ARG E 46 -5.21 13.74 1.56
CA ARG E 46 -5.74 13.92 0.20
C ARG E 46 -5.63 15.38 -0.19
N GLY E 47 -5.18 16.22 0.74
CA GLY E 47 -5.00 17.64 0.48
C GLY E 47 -6.25 18.52 0.50
N ASP E 48 -7.31 18.01 1.11
CA ASP E 48 -8.56 18.72 1.19
C ASP E 48 -8.55 19.92 2.12
N ASP E 49 -9.11 21.03 1.66
CA ASP E 49 -9.18 22.28 2.43
C ASP E 49 -9.98 22.06 3.70
N ILE E 50 -9.69 22.86 4.72
CA ILE E 50 -10.37 22.69 6.01
C ILE E 50 -11.85 22.89 6.02
N LEU E 51 -12.31 23.87 5.24
CA LEU E 51 -13.74 24.14 5.19
C LEU E 51 -14.39 22.85 4.69
N THR E 52 -13.82 22.28 3.63
CA THR E 52 -14.32 21.05 3.06
C THR E 52 -14.42 20.00 4.18
N ILE E 53 -13.34 19.82 4.93
CA ILE E 53 -13.37 18.83 5.99
C ILE E 53 -14.48 19.15 6.97
N LEU E 54 -14.44 20.36 7.49
CA LEU E 54 -15.44 20.78 8.48
C LEU E 54 -16.84 20.55 7.95
N THR E 55 -17.03 20.67 6.65
CA THR E 55 -18.33 20.44 6.06
C THR E 55 -18.71 18.98 6.30
N GLU E 56 -17.77 18.09 6.01
CA GLU E 56 -17.99 16.66 6.17
C GLU E 56 -18.26 16.33 7.63
N VAL E 57 -17.52 16.95 8.53
CA VAL E 57 -17.75 16.69 9.94
C VAL E 57 -19.20 17.05 10.22
N ASN E 58 -19.69 18.05 9.49
CA ASN E 58 -21.05 18.52 9.65
C ASN E 58 -21.94 17.38 9.22
N TYR E 59 -21.55 16.72 8.15
CA TYR E 59 -22.33 15.61 7.67
C TYR E 59 -22.32 14.49 8.71
N GLU E 60 -21.17 13.84 8.90
CA GLU E 60 -21.06 12.74 9.85
C GLU E 60 -21.86 12.96 11.14
N VAL E 61 -21.64 14.09 11.80
CA VAL E 61 -22.34 14.39 13.04
C VAL E 61 -23.85 14.42 12.88
N SER E 62 -24.32 14.90 11.74
CA SER E 62 -25.74 14.97 11.50
C SER E 62 -26.45 13.63 11.58
N ASN E 63 -25.75 12.56 11.20
CA ASN E 63 -26.37 11.25 11.19
C ASN E 63 -26.35 10.49 12.50
N LYS E 64 -25.87 11.13 13.55
CA LYS E 64 -25.82 10.47 14.85
C LYS E 64 -27.17 10.68 15.54
N ASP E 65 -27.51 9.79 16.48
CA ASP E 65 -28.78 9.92 17.19
C ASP E 65 -28.68 9.56 18.66
N ASP E 66 -29.51 10.24 19.44
CA ASP E 66 -29.61 10.02 20.87
C ASP E 66 -31.06 9.61 21.03
N LYS E 67 -31.33 8.33 20.84
CA LYS E 67 -32.71 7.84 20.93
C LYS E 67 -33.42 8.23 22.21
N LYS E 68 -32.74 8.15 23.35
CA LYS E 68 -33.37 8.51 24.62
C LYS E 68 -34.31 9.71 24.52
N ASN E 69 -33.83 10.86 24.06
CA ASN E 69 -34.71 12.02 23.93
C ASN E 69 -34.77 12.37 22.47
N MET E 70 -34.67 11.34 21.62
CA MET E 70 -34.72 11.50 20.17
C MET E 70 -33.95 12.75 19.72
N GLY E 71 -32.72 12.90 20.23
CA GLY E 71 -31.92 14.07 19.92
C GLY E 71 -30.89 14.05 18.80
N LYS E 72 -30.45 15.25 18.42
CA LYS E 72 -29.46 15.46 17.38
C LYS E 72 -28.44 16.50 17.83
N GLN E 73 -27.43 16.73 16.99
CA GLN E 73 -26.40 17.70 17.31
C GLN E 73 -25.93 18.34 16.02
N MET E 74 -25.94 19.67 15.97
CA MET E 74 -25.54 20.42 14.79
C MET E 74 -24.31 21.32 14.97
N PRO E 75 -23.14 20.85 14.53
CA PRO E 75 -21.92 21.65 14.66
C PRO E 75 -22.06 22.83 13.70
N GLN E 76 -21.40 23.95 14.03
CA GLN E 76 -21.48 25.14 13.21
C GLN E 76 -20.21 25.98 13.20
N PRO E 77 -19.38 25.82 12.17
CA PRO E 77 -18.13 26.55 12.01
C PRO E 77 -18.35 27.93 11.40
N THR E 78 -17.69 28.94 11.94
CA THR E 78 -17.79 30.31 11.46
C THR E 78 -16.39 30.66 11.05
N PHE E 79 -16.22 31.60 10.13
CA PHE E 79 -14.86 31.90 9.73
C PHE E 79 -14.59 33.24 9.08
N THR E 80 -13.30 33.56 9.03
CA THR E 80 -12.86 34.80 8.43
C THR E 80 -11.63 34.50 7.61
N LEU E 81 -11.38 33.22 7.36
CA LEU E 81 -10.22 32.84 6.56
C LEU E 81 -10.28 33.64 5.25
N ARG E 82 -9.12 33.98 4.72
CA ARG E 82 -9.05 34.76 3.49
C ARG E 82 -8.51 33.94 2.34
N LYS E 83 -8.12 32.71 2.65
CA LYS E 83 -7.61 31.81 1.63
C LYS E 83 -7.84 30.38 2.08
N LYS E 84 -7.69 29.46 1.15
CA LYS E 84 -7.88 28.07 1.46
C LYS E 84 -6.93 27.76 2.60
N LEU E 85 -7.40 26.97 3.57
CA LEU E 85 -6.54 26.58 4.68
C LEU E 85 -6.32 25.09 4.64
N VAL E 86 -5.22 24.67 4.03
CA VAL E 86 -4.94 23.26 3.95
C VAL E 86 -3.78 23.00 4.90
N PHE E 87 -3.72 21.78 5.43
CA PHE E 87 -2.67 21.34 6.36
C PHE E 87 -1.81 20.28 5.67
N PRO E 88 -0.77 20.69 4.94
CA PRO E 88 0.00 19.64 4.29
C PRO E 88 0.62 18.74 5.34
N GLU F 2 -23.49 10.75 27.04
CA GLU F 2 -23.70 11.87 28.00
C GLU F 2 -23.53 13.20 27.21
N VAL F 3 -23.73 14.36 27.90
CA VAL F 3 -23.88 15.69 27.27
C VAL F 3 -22.82 16.60 27.93
N ASP F 4 -22.40 17.65 27.20
CA ASP F 4 -21.39 18.64 27.61
C ASP F 4 -22.04 20.04 27.91
N LEU G 1 26.36 -16.25 25.38
CA LEU G 1 25.06 -15.74 24.84
C LEU G 1 25.22 -14.45 24.02
N ASP G 2 24.44 -14.36 22.94
CA ASP G 2 24.41 -13.23 22.02
C ASP G 2 23.51 -13.67 20.87
N LYS G 3 22.99 -12.72 20.09
CA LYS G 3 22.08 -13.09 19.01
C LYS G 3 22.64 -14.02 17.95
N VAL G 4 21.79 -14.96 17.52
CA VAL G 4 22.16 -15.92 16.48
C VAL G 4 21.13 -15.94 15.38
N TYR G 5 21.61 -16.22 14.16
CA TYR G 5 20.73 -16.29 13.01
C TYR G 5 19.93 -17.55 13.17
N GLN G 6 18.61 -17.42 12.98
CA GLN G 6 17.70 -18.56 13.07
C GLN G 6 18.02 -19.58 11.98
N MET G 7 18.30 -20.80 12.41
CA MET G 7 18.63 -21.88 11.48
C MET G 7 17.77 -23.12 11.78
N LYS G 8 16.45 -22.96 11.69
CA LYS G 8 15.51 -24.04 11.98
C LYS G 8 14.91 -24.69 10.74
N SER G 9 14.54 -23.87 9.76
CA SER G 9 13.92 -24.30 8.51
C SER G 9 14.18 -25.74 8.06
N LYS G 10 13.20 -26.33 7.35
CA LYS G 10 13.28 -27.71 6.86
C LYS G 10 14.44 -27.87 5.89
N PRO G 11 14.39 -27.18 4.74
CA PRO G 11 15.55 -27.37 3.85
C PRO G 11 16.65 -26.36 4.21
N ARG G 12 16.35 -25.45 5.14
CA ARG G 12 17.28 -24.40 5.60
C ARG G 12 17.48 -23.31 4.55
N GLY G 13 17.69 -23.73 3.31
CA GLY G 13 17.90 -22.83 2.19
C GLY G 13 18.62 -23.59 1.09
N TYR G 14 18.78 -22.97 -0.07
CA TYR G 14 19.47 -23.63 -1.17
C TYR G 14 20.95 -23.47 -1.07
N CYS G 15 21.69 -24.40 -1.66
CA CYS G 15 23.13 -24.30 -1.62
C CYS G 15 23.65 -24.52 -3.02
N LEU G 16 23.83 -23.44 -3.77
CA LEU G 16 24.33 -23.52 -5.14
C LEU G 16 25.76 -23.99 -5.19
N ILE G 17 26.08 -24.68 -6.27
CA ILE G 17 27.43 -25.14 -6.45
C ILE G 17 27.77 -24.98 -7.91
N ILE G 18 28.30 -23.83 -8.30
CA ILE G 18 28.67 -23.64 -9.69
C ILE G 18 30.06 -24.16 -9.75
N ASN G 19 30.21 -25.30 -10.41
CA ASN G 19 31.47 -26.00 -10.54
C ASN G 19 32.05 -26.06 -11.96
N ASN G 20 32.95 -25.15 -12.26
CA ASN G 20 33.58 -25.11 -13.57
C ASN G 20 34.83 -26.00 -13.68
N HIS G 21 34.89 -26.80 -14.74
CA HIS G 21 36.01 -27.70 -14.95
C HIS G 21 36.53 -27.65 -16.39
N ASN G 22 35.63 -27.73 -17.35
CA ASN G 22 36.04 -27.72 -18.74
C ASN G 22 36.24 -26.32 -19.27
N PHE G 23 37.49 -25.89 -19.34
CA PHE G 23 37.73 -24.55 -19.84
C PHE G 23 38.18 -24.49 -21.31
N ALA G 24 37.68 -25.44 -22.09
CA ALA G 24 37.98 -25.52 -23.52
C ALA G 24 37.46 -24.33 -24.33
N LYS G 25 36.27 -23.84 -23.97
CA LYS G 25 35.70 -22.72 -24.68
C LYS G 25 36.63 -21.55 -24.53
N ALA G 26 36.98 -21.25 -23.28
CA ALA G 26 37.89 -20.16 -22.95
C ALA G 26 39.09 -20.26 -23.87
N ARG G 27 39.73 -21.44 -23.85
CA ARG G 27 40.91 -21.72 -24.67
C ARG G 27 40.65 -21.33 -26.11
N GLU G 28 39.49 -21.74 -26.62
CA GLU G 28 39.07 -21.45 -27.98
C GLU G 28 38.93 -19.98 -28.29
N LYS G 29 38.23 -19.23 -27.44
CA LYS G 29 38.03 -17.80 -27.65
C LYS G 29 39.15 -16.93 -27.10
N VAL G 30 38.97 -16.44 -25.88
CA VAL G 30 39.97 -15.59 -25.25
C VAL G 30 41.39 -16.03 -25.64
N PRO G 31 42.20 -15.10 -26.18
CA PRO G 31 43.58 -15.38 -26.60
C PRO G 31 44.47 -15.59 -25.39
N LYS G 32 44.69 -14.51 -24.64
CA LYS G 32 45.54 -14.58 -23.45
C LYS G 32 45.26 -15.80 -22.55
N LEU G 33 44.15 -16.49 -22.82
CA LEU G 33 43.74 -17.65 -22.04
C LEU G 33 44.10 -18.94 -22.74
N HIS G 34 44.73 -18.79 -23.88
CA HIS G 34 45.11 -19.94 -24.66
C HIS G 34 45.59 -21.13 -23.83
N SER G 35 46.16 -20.88 -22.65
CA SER G 35 46.69 -21.99 -21.85
C SER G 35 46.02 -22.40 -20.55
N ILE G 36 44.84 -21.86 -20.24
CA ILE G 36 44.17 -22.23 -18.99
C ILE G 36 43.90 -23.72 -18.92
N ARG G 37 44.35 -24.32 -17.84
CA ARG G 37 44.15 -25.74 -17.64
C ARG G 37 42.75 -26.06 -17.10
N ASP G 38 42.24 -27.22 -17.47
CA ASP G 38 40.96 -27.66 -16.97
C ASP G 38 41.18 -27.93 -15.48
N ARG G 39 40.27 -27.45 -14.65
CA ARG G 39 40.38 -27.60 -13.20
C ARG G 39 40.21 -29.01 -12.61
N ASN G 40 41.15 -29.90 -12.93
CA ASN G 40 41.07 -31.24 -12.40
C ASN G 40 41.10 -31.21 -10.89
N GLY G 41 40.21 -31.97 -10.27
CA GLY G 41 40.14 -32.00 -8.83
C GLY G 41 38.82 -31.43 -8.33
N THR G 42 38.22 -30.51 -9.07
CA THR G 42 36.97 -29.92 -8.62
C THR G 42 35.95 -30.95 -8.22
N HIS G 43 35.72 -31.97 -9.06
CA HIS G 43 34.73 -32.99 -8.74
C HIS G 43 34.74 -33.20 -7.24
N LEU G 44 35.94 -33.45 -6.72
CA LEU G 44 36.15 -33.66 -5.29
C LEU G 44 35.61 -32.52 -4.43
N ASP G 45 35.85 -31.28 -4.87
CA ASP G 45 35.41 -30.09 -4.15
C ASP G 45 33.88 -30.08 -4.08
N ALA G 46 33.25 -30.35 -5.22
CA ALA G 46 31.79 -30.38 -5.33
C ALA G 46 31.19 -31.47 -4.44
N GLY G 47 31.78 -32.66 -4.50
CA GLY G 47 31.31 -33.77 -3.69
C GLY G 47 31.36 -33.40 -2.21
N ALA G 48 32.54 -33.03 -1.74
CA ALA G 48 32.74 -32.65 -0.35
C ALA G 48 31.72 -31.61 0.08
N LEU G 49 31.52 -30.59 -0.76
CA LEU G 49 30.57 -29.53 -0.46
C LEU G 49 29.17 -30.13 -0.36
N THR G 50 28.81 -30.87 -1.42
CA THR G 50 27.51 -31.52 -1.48
C THR G 50 27.21 -32.22 -0.18
N THR G 51 28.07 -33.16 0.20
CA THR G 51 27.88 -33.91 1.42
C THR G 51 27.71 -33.05 2.66
N THR G 52 28.80 -32.42 3.06
CA THR G 52 28.80 -31.56 4.24
C THR G 52 27.61 -30.59 4.36
N PHE G 53 27.15 -30.04 3.23
CA PHE G 53 26.01 -29.12 3.30
C PHE G 53 24.68 -29.85 3.27
N GLU G 54 24.71 -31.09 2.77
CA GLU G 54 23.53 -31.93 2.70
C GLU G 54 23.28 -32.33 4.14
N GLU G 55 24.32 -32.83 4.79
CA GLU G 55 24.23 -33.24 6.20
C GLU G 55 23.83 -32.06 7.06
N LEU G 56 24.01 -30.85 6.54
CA LEU G 56 23.64 -29.68 7.30
C LEU G 56 22.22 -29.25 6.94
N HIS G 57 21.52 -30.14 6.24
CA HIS G 57 20.14 -29.90 5.86
C HIS G 57 19.95 -28.75 4.90
N PHE G 58 20.77 -28.73 3.86
CA PHE G 58 20.67 -27.69 2.84
C PHE G 58 20.28 -28.44 1.57
N GLU G 59 19.58 -27.78 0.66
CA GLU G 59 19.19 -28.43 -0.58
C GLU G 59 20.15 -28.04 -1.69
N ILE G 60 21.07 -28.94 -2.00
CA ILE G 60 22.08 -28.73 -3.03
C ILE G 60 21.50 -28.53 -4.43
N LYS G 61 22.09 -27.62 -5.18
CA LYS G 61 21.66 -27.34 -6.54
C LYS G 61 22.93 -27.17 -7.33
N PRO G 62 23.47 -28.28 -7.85
CA PRO G 62 24.70 -28.31 -8.62
C PRO G 62 24.54 -27.80 -10.02
N HIS G 63 25.64 -27.33 -10.61
CA HIS G 63 25.66 -26.82 -11.98
C HIS G 63 27.08 -26.98 -12.47
N HIS G 64 27.26 -27.48 -13.69
CA HIS G 64 28.63 -27.68 -14.17
C HIS G 64 29.02 -26.95 -15.43
N ASP G 65 30.31 -26.61 -15.51
CA ASP G 65 30.83 -25.90 -16.68
C ASP G 65 29.92 -24.78 -17.18
N CYS G 66 29.79 -23.70 -16.41
CA CYS G 66 28.93 -22.61 -16.85
C CYS G 66 29.70 -21.43 -17.38
N THR G 67 29.27 -20.98 -18.55
CA THR G 67 29.85 -19.81 -19.15
C THR G 67 29.45 -18.70 -18.18
N VAL G 68 29.91 -17.48 -18.42
CA VAL G 68 29.57 -16.39 -17.50
C VAL G 68 28.07 -16.16 -17.56
N GLU G 69 27.52 -16.10 -18.78
CA GLU G 69 26.09 -15.89 -18.96
C GLU G 69 25.23 -16.92 -18.22
N GLN G 70 25.64 -18.18 -18.28
CA GLN G 70 24.91 -19.22 -17.59
C GLN G 70 24.91 -18.92 -16.10
N ILE G 71 26.06 -18.47 -15.58
CA ILE G 71 26.18 -18.15 -14.16
C ILE G 71 25.19 -17.08 -13.76
N TYR G 72 25.11 -16.02 -14.54
CA TYR G 72 24.17 -14.97 -14.24
C TYR G 72 22.75 -15.52 -14.33
N GLU G 73 22.47 -16.22 -15.43
CA GLU G 73 21.15 -16.83 -15.62
C GLU G 73 20.76 -17.60 -14.36
N ILE G 74 21.70 -18.38 -13.84
CA ILE G 74 21.47 -19.19 -12.63
C ILE G 74 21.18 -18.37 -11.37
N LEU G 75 22.01 -17.37 -11.12
CA LEU G 75 21.82 -16.55 -9.95
C LEU G 75 20.52 -15.81 -10.12
N LYS G 76 20.25 -15.35 -11.32
CA LYS G 76 19.01 -14.64 -11.55
C LYS G 76 17.80 -15.46 -11.11
N ILE G 77 17.92 -16.78 -11.20
CA ILE G 77 16.81 -17.63 -10.80
C ILE G 77 16.62 -17.54 -9.30
N TYR G 78 17.63 -17.94 -8.55
CA TYR G 78 17.55 -17.91 -7.11
C TYR G 78 17.43 -16.50 -6.58
N GLN G 79 17.75 -15.54 -7.43
CA GLN G 79 17.63 -14.15 -7.08
C GLN G 79 16.15 -13.78 -7.07
N LEU G 80 15.37 -14.43 -7.95
CA LEU G 80 13.95 -14.19 -8.09
C LEU G 80 13.03 -15.09 -7.29
N MET G 81 13.58 -16.11 -6.66
CA MET G 81 12.76 -17.03 -5.88
C MET G 81 12.20 -16.42 -4.62
N ASP G 82 11.32 -17.18 -3.97
CA ASP G 82 10.73 -16.75 -2.71
C ASP G 82 11.35 -17.59 -1.64
N HIS G 83 12.37 -17.04 -1.00
CA HIS G 83 13.07 -17.75 0.06
C HIS G 83 12.35 -17.58 1.41
N SER G 84 11.11 -17.13 1.36
CA SER G 84 10.34 -16.88 2.57
C SER G 84 10.37 -18.02 3.59
N ASN G 85 10.38 -19.25 3.10
CA ASN G 85 10.40 -20.37 4.04
C ASN G 85 11.84 -20.81 4.31
N MET G 86 12.78 -20.17 3.63
CA MET G 86 14.18 -20.49 3.80
C MET G 86 14.77 -19.67 4.95
N ASP G 87 15.83 -20.20 5.57
CA ASP G 87 16.49 -19.53 6.69
C ASP G 87 17.86 -19.00 6.34
N CYS G 88 18.43 -19.48 5.23
CA CYS G 88 19.76 -19.07 4.78
C CYS G 88 20.01 -19.49 3.33
N PHE G 89 21.03 -18.91 2.70
CA PHE G 89 21.35 -19.20 1.31
C PHE G 89 22.85 -19.26 1.12
N ILE G 90 23.31 -20.32 0.46
CA ILE G 90 24.71 -20.50 0.21
C ILE G 90 25.00 -20.65 -1.26
N CYS G 91 26.02 -19.98 -1.78
CA CYS G 91 26.36 -20.17 -3.17
C CYS G 91 27.85 -20.41 -3.28
N CYS G 92 28.23 -21.52 -3.87
CA CYS G 92 29.64 -21.82 -4.01
C CYS G 92 30.06 -21.76 -5.45
N ILE G 93 31.23 -21.19 -5.68
CA ILE G 93 31.73 -21.11 -7.03
C ILE G 93 33.12 -21.64 -7.03
N LEU G 94 33.38 -22.57 -7.95
CA LEU G 94 34.69 -23.18 -8.10
C LEU G 94 35.13 -22.99 -9.52
N SER G 95 36.12 -22.14 -9.77
CA SER G 95 36.56 -21.92 -11.14
C SER G 95 37.83 -21.09 -11.13
N HIS G 96 38.36 -20.75 -12.29
CA HIS G 96 39.55 -19.92 -12.37
C HIS G 96 39.12 -18.47 -12.09
N GLY G 97 40.09 -17.59 -11.92
CA GLY G 97 39.76 -16.20 -11.65
C GLY G 97 40.94 -15.27 -11.63
N ASP G 98 40.66 -13.99 -11.38
CA ASP G 98 41.68 -12.96 -11.34
C ASP G 98 41.31 -11.87 -10.34
N LYS G 99 42.06 -10.78 -10.33
CA LYS G 99 41.79 -9.69 -9.43
C LYS G 99 40.29 -9.43 -9.36
N GLY G 100 39.69 -9.81 -8.24
CA GLY G 100 38.27 -9.58 -8.03
C GLY G 100 37.27 -10.11 -9.04
N ILE G 101 37.62 -11.20 -9.73
CA ILE G 101 36.70 -11.79 -10.71
C ILE G 101 36.79 -13.29 -10.75
N ILE G 102 35.74 -13.89 -11.29
CA ILE G 102 35.64 -15.31 -11.44
C ILE G 102 35.56 -15.53 -12.92
N TYR G 103 35.97 -16.71 -13.37
CA TYR G 103 35.94 -16.96 -14.79
C TYR G 103 34.83 -17.87 -15.23
N GLY G 104 34.14 -17.45 -16.28
CA GLY G 104 33.10 -18.29 -16.81
C GLY G 104 33.87 -19.40 -17.53
N THR G 105 33.20 -20.51 -17.79
CA THR G 105 33.85 -21.61 -18.47
C THR G 105 34.17 -21.27 -19.91
N ASP G 106 33.92 -20.03 -20.32
CA ASP G 106 34.17 -19.60 -21.69
C ASP G 106 35.23 -18.50 -21.76
N GLY G 107 35.84 -18.21 -20.63
CA GLY G 107 36.86 -17.18 -20.62
C GLY G 107 36.29 -15.82 -20.28
N GLN G 108 34.99 -15.63 -20.50
CA GLN G 108 34.35 -14.36 -20.17
C GLN G 108 34.54 -14.23 -18.68
N GLU G 109 34.44 -13.03 -18.14
CA GLU G 109 34.61 -12.90 -16.69
C GLU G 109 33.45 -12.22 -15.97
N ALA G 110 33.31 -12.49 -14.68
CA ALA G 110 32.24 -11.89 -13.89
C ALA G 110 32.78 -11.38 -12.54
N PRO G 111 32.74 -10.06 -12.30
CA PRO G 111 33.25 -9.56 -11.02
C PRO G 111 32.57 -10.26 -9.88
N ILE G 112 33.31 -10.56 -8.81
CA ILE G 112 32.70 -11.21 -7.66
C ILE G 112 31.55 -10.33 -7.19
N TYR G 113 31.77 -9.02 -7.23
CA TYR G 113 30.73 -8.08 -6.81
C TYR G 113 29.41 -8.23 -7.56
N GLU G 114 29.47 -8.49 -8.85
CA GLU G 114 28.26 -8.66 -9.62
C GLU G 114 27.42 -9.80 -9.08
N LEU G 115 28.06 -10.95 -8.90
CA LEU G 115 27.36 -12.13 -8.41
C LEU G 115 26.85 -11.91 -7.00
N THR G 116 27.73 -11.37 -6.16
CA THR G 116 27.41 -11.10 -4.77
C THR G 116 26.25 -10.13 -4.59
N SER G 117 26.32 -9.00 -5.29
CA SER G 117 25.33 -7.92 -5.24
C SER G 117 23.96 -8.25 -5.83
N GLN G 118 23.77 -9.50 -6.23
CA GLN G 118 22.50 -9.95 -6.79
C GLN G 118 21.45 -10.29 -5.73
N PHE G 119 21.92 -10.66 -4.54
CA PHE G 119 21.00 -11.04 -3.49
C PHE G 119 20.91 -10.04 -2.32
N THR G 120 20.97 -8.75 -2.64
CA THR G 120 20.85 -7.75 -1.61
C THR G 120 19.44 -7.84 -0.99
N GLY G 121 19.10 -6.89 -0.14
CA GLY G 121 17.78 -6.94 0.48
C GLY G 121 16.74 -6.44 -0.49
N LEU G 122 17.13 -5.49 -1.33
CA LEU G 122 16.22 -4.91 -2.31
C LEU G 122 16.04 -5.93 -3.40
N LYS G 123 17.15 -6.36 -4.00
CA LYS G 123 17.11 -7.33 -5.08
C LYS G 123 16.36 -8.62 -4.75
N CYS G 124 16.43 -9.06 -3.50
CA CYS G 124 15.77 -10.29 -3.12
C CYS G 124 15.25 -10.22 -1.69
N PRO G 125 14.18 -9.42 -1.50
CA PRO G 125 13.55 -9.21 -0.20
C PRO G 125 13.15 -10.49 0.50
N SER G 126 12.84 -11.53 -0.27
CA SER G 126 12.43 -12.78 0.33
C SER G 126 13.57 -13.37 1.15
N LEU G 127 14.72 -12.70 1.12
CA LEU G 127 15.92 -13.15 1.86
C LEU G 127 16.40 -12.12 2.88
N ALA G 128 15.92 -10.89 2.72
CA ALA G 128 16.29 -9.80 3.62
C ALA G 128 16.35 -10.26 5.09
N GLY G 129 17.47 -9.96 5.76
CA GLY G 129 17.61 -10.35 7.15
C GLY G 129 18.11 -11.76 7.38
N LYS G 130 18.27 -12.53 6.31
CA LYS G 130 18.75 -13.89 6.44
C LYS G 130 20.16 -13.93 5.88
N PRO G 131 21.00 -14.80 6.43
CA PRO G 131 22.39 -14.93 6.00
C PRO G 131 22.52 -15.34 4.56
N LYS G 132 23.42 -14.68 3.85
CA LYS G 132 23.66 -15.01 2.45
C LYS G 132 25.16 -15.26 2.34
N VAL G 133 25.53 -16.53 2.25
CA VAL G 133 26.92 -16.95 2.19
C VAL G 133 27.44 -17.31 0.81
N PHE G 134 28.69 -16.93 0.53
CA PHE G 134 29.30 -17.23 -0.75
C PHE G 134 30.66 -17.78 -0.52
N PHE G 135 31.05 -18.78 -1.31
CA PHE G 135 32.35 -19.36 -1.16
C PHE G 135 33.05 -19.40 -2.49
N ILE G 136 33.73 -18.33 -2.83
CA ILE G 136 34.43 -18.33 -4.09
C ILE G 136 35.77 -19.03 -3.94
N GLN G 137 36.00 -20.01 -4.78
CA GLN G 137 37.26 -20.72 -4.76
C GLN G 137 37.84 -20.63 -6.18
N ALA G 138 38.71 -19.63 -6.35
CA ALA G 138 39.38 -19.37 -7.62
C ALA G 138 40.65 -18.59 -7.30
N CYS G 139 41.45 -18.33 -8.32
CA CYS G 139 42.66 -17.56 -8.12
C CYS G 139 42.22 -16.14 -8.18
N GLN G 140 43.08 -15.24 -7.72
CA GLN G 140 42.74 -13.84 -7.74
C GLN G 140 43.87 -13.03 -8.37
N GLY G 141 44.80 -13.75 -8.97
CA GLY G 141 45.95 -13.15 -9.62
C GLY G 141 46.95 -14.22 -10.04
N ASP G 142 48.18 -13.84 -10.32
CA ASP G 142 49.22 -14.80 -10.71
C ASP G 142 50.43 -14.78 -9.78
N ASN G 143 50.35 -14.06 -8.67
CA ASN G 143 51.45 -13.98 -7.73
C ASN G 143 51.36 -15.05 -6.68
N TYR G 144 52.40 -15.88 -6.57
CA TYR G 144 52.45 -16.94 -5.55
C TYR G 144 52.70 -16.23 -4.23
N GLN G 145 51.79 -16.39 -3.29
CA GLN G 145 51.91 -15.76 -1.99
C GLN G 145 53.31 -16.01 -1.46
N LYS G 146 53.84 -15.04 -0.74
CA LYS G 146 55.19 -15.10 -0.19
C LYS G 146 55.47 -16.14 0.88
N GLY G 147 55.02 -15.90 2.10
CA GLY G 147 55.29 -16.86 3.16
C GLY G 147 56.62 -16.57 3.88
N ILE G 148 56.53 -16.19 5.15
CA ILE G 148 57.70 -15.86 5.95
C ILE G 148 57.77 -16.84 7.13
N PRO G 149 58.94 -16.96 7.79
CA PRO G 149 59.15 -17.86 8.93
C PRO G 149 58.76 -17.36 10.29
N VAL G 150 58.57 -18.29 11.24
CA VAL G 150 58.25 -17.99 12.63
C VAL G 150 57.63 -19.18 13.32
N GLU G 151 58.16 -19.54 14.48
CA GLU G 151 57.54 -20.64 15.20
C GLU G 151 56.75 -20.10 16.39
N THR G 152 55.44 -20.01 16.20
CA THR G 152 54.49 -19.56 17.22
C THR G 152 53.50 -20.73 17.24
N ASP G 153 52.20 -20.46 17.13
CA ASP G 153 51.16 -21.51 17.10
C ASP G 153 51.42 -22.75 17.97
N THR H 1 7.77 -3.83 12.86
CA THR H 1 8.83 -4.04 11.83
C THR H 1 9.93 -2.97 11.91
N ARG H 2 11.14 -3.33 11.46
CA ARG H 2 12.29 -2.43 11.48
C ARG H 2 13.10 -2.35 10.19
N TYR H 3 14.15 -1.54 10.20
CA TYR H 3 15.00 -1.34 9.03
C TYR H 3 16.48 -1.66 9.24
N ILE H 4 17.07 -2.32 8.24
CA ILE H 4 18.49 -2.69 8.26
C ILE H 4 19.07 -2.38 6.88
N PRO H 5 20.39 -2.12 6.82
CA PRO H 5 21.06 -1.80 5.54
C PRO H 5 20.93 -2.86 4.45
N ASP H 6 20.76 -2.37 3.21
CA ASP H 6 20.63 -3.20 1.99
C ASP H 6 21.62 -4.36 1.92
N GLU H 7 22.85 -4.09 2.32
CA GLU H 7 23.91 -5.06 2.26
C GLU H 7 24.22 -5.86 3.50
N ALA H 8 23.33 -5.83 4.48
CA ALA H 8 23.57 -6.61 5.68
C ALA H 8 23.52 -8.12 5.45
N ASP H 9 23.94 -8.85 6.47
CA ASP H 9 23.96 -10.31 6.50
C ASP H 9 24.64 -11.07 5.34
N PHE H 10 25.77 -10.57 4.87
CA PHE H 10 26.51 -11.24 3.81
C PHE H 10 27.77 -11.85 4.39
N LEU H 11 28.31 -12.87 3.74
CA LEU H 11 29.54 -13.50 4.18
C LEU H 11 30.28 -14.03 2.96
N LEU H 12 31.39 -13.40 2.61
CA LEU H 12 32.17 -13.83 1.47
C LEU H 12 33.39 -14.57 1.96
N GLY H 13 33.61 -15.78 1.44
CA GLY H 13 34.75 -16.57 1.87
C GLY H 13 35.70 -16.75 0.71
N MET H 14 36.57 -15.77 0.48
CA MET H 14 37.54 -15.87 -0.61
C MET H 14 38.58 -16.88 -0.22
N ALA H 15 39.00 -17.72 -1.16
CA ALA H 15 40.00 -18.74 -0.89
C ALA H 15 41.40 -18.14 -0.85
N THR H 16 41.52 -16.87 -1.24
CA THR H 16 42.81 -16.19 -1.26
C THR H 16 42.72 -14.67 -1.31
N VAL H 17 43.75 -14.00 -0.81
CA VAL H 17 43.77 -12.56 -0.83
C VAL H 17 43.96 -12.19 -2.31
N ASN H 18 43.87 -10.91 -2.65
CA ASN H 18 43.98 -10.50 -4.04
C ASN H 18 45.31 -10.73 -4.73
N ASN H 19 45.30 -10.55 -6.06
CA ASN H 19 46.46 -10.73 -6.94
C ASN H 19 47.24 -12.04 -6.76
N CYS H 20 46.72 -12.95 -5.96
CA CYS H 20 47.42 -14.20 -5.73
C CYS H 20 46.68 -15.45 -6.19
N VAL H 21 47.43 -16.54 -6.30
CA VAL H 21 46.91 -17.82 -6.72
C VAL H 21 46.36 -18.59 -5.53
N SER H 22 45.55 -19.61 -5.81
CA SER H 22 44.99 -20.49 -4.77
C SER H 22 45.27 -21.87 -5.35
N TYR H 23 45.52 -22.85 -4.47
CA TYR H 23 45.90 -24.20 -4.90
C TYR H 23 44.84 -25.26 -4.95
N ARG H 24 44.99 -26.09 -5.98
CA ARG H 24 44.09 -27.21 -6.27
C ARG H 24 44.89 -28.46 -6.60
N ASN H 25 44.85 -29.44 -5.71
CA ASN H 25 45.55 -30.70 -5.93
C ASN H 25 44.61 -31.66 -6.65
N PRO H 26 44.94 -32.02 -7.90
CA PRO H 26 44.07 -32.94 -8.66
C PRO H 26 43.75 -34.20 -7.88
N ALA H 27 44.66 -34.58 -6.99
CA ALA H 27 44.47 -35.79 -6.20
C ALA H 27 43.39 -35.69 -5.13
N GLU H 28 43.41 -34.64 -4.31
CA GLU H 28 42.41 -34.53 -3.25
C GLU H 28 41.52 -33.30 -3.31
N GLY H 29 41.69 -32.47 -4.33
CA GLY H 29 40.87 -31.28 -4.44
C GLY H 29 41.66 -30.02 -4.15
N THR H 30 41.02 -29.01 -3.57
CA THR H 30 41.72 -27.77 -3.31
C THR H 30 41.92 -27.51 -1.84
N TRP H 31 43.01 -26.82 -1.53
CA TRP H 31 43.38 -26.50 -0.15
C TRP H 31 42.27 -25.82 0.60
N TYR H 32 41.67 -24.80 -0.02
CA TYR H 32 40.59 -24.06 0.65
C TYR H 32 39.29 -24.85 0.86
N ILE H 33 38.63 -25.26 -0.23
CA ILE H 33 37.38 -25.98 -0.12
C ILE H 33 37.57 -27.20 0.79
N GLN H 34 38.51 -28.07 0.44
CA GLN H 34 38.74 -29.27 1.22
C GLN H 34 38.84 -28.92 2.69
N SER H 35 39.59 -27.87 2.99
CA SER H 35 39.77 -27.47 4.38
C SER H 35 38.52 -26.88 5.00
N LEU H 36 37.74 -26.19 4.18
CA LEU H 36 36.51 -25.59 4.64
C LEU H 36 35.51 -26.66 5.06
N CYS H 37 35.30 -27.64 4.19
CA CYS H 37 34.36 -28.73 4.48
C CYS H 37 34.84 -29.51 5.70
N GLN H 38 36.04 -30.03 5.60
CA GLN H 38 36.62 -30.79 6.68
C GLN H 38 36.30 -30.15 8.03
N SER H 39 36.63 -28.87 8.17
CA SER H 39 36.37 -28.17 9.42
C SER H 39 34.89 -28.07 9.73
N LEU H 40 34.08 -27.76 8.71
CA LEU H 40 32.64 -27.66 8.92
C LEU H 40 32.14 -28.95 9.57
N ARG H 41 32.56 -30.09 9.02
CA ARG H 41 32.15 -31.37 9.56
C ARG H 41 32.46 -31.46 11.04
N GLU H 42 33.74 -31.36 11.37
CA GLU H 42 34.19 -31.46 12.75
C GLU H 42 33.70 -30.36 13.69
N ARG H 43 33.34 -29.20 13.16
CA ARG H 43 32.95 -28.10 14.03
C ARG H 43 31.48 -27.83 14.23
N CYS H 44 30.73 -27.72 13.15
CA CYS H 44 29.31 -27.41 13.23
C CYS H 44 28.56 -28.20 14.29
N PRO H 45 28.77 -29.52 14.35
CA PRO H 45 28.06 -30.28 15.39
C PRO H 45 28.31 -29.62 16.75
N ARG H 46 29.59 -29.41 17.10
CA ARG H 46 29.98 -28.78 18.37
C ARG H 46 29.09 -27.56 18.58
N GLY H 47 29.15 -26.64 17.63
CA GLY H 47 28.35 -25.43 17.70
C GLY H 47 29.10 -24.18 17.30
N ASP H 48 30.38 -24.34 16.94
CA ASP H 48 31.23 -23.22 16.53
C ASP H 48 30.62 -22.29 15.50
N ASP H 49 30.64 -21.00 15.80
CA ASP H 49 30.11 -20.00 14.90
C ASP H 49 30.93 -20.04 13.62
N ILE H 50 30.29 -19.78 12.48
CA ILE H 50 30.96 -19.82 11.18
C ILE H 50 32.25 -19.01 11.10
N LEU H 51 32.29 -17.86 11.79
CA LEU H 51 33.49 -17.05 11.79
C LEU H 51 34.61 -17.87 12.40
N THR H 52 34.31 -18.55 13.50
CA THR H 52 35.29 -19.41 14.17
C THR H 52 35.82 -20.47 13.18
N ILE H 53 34.92 -21.23 12.56
CA ILE H 53 35.36 -22.24 11.61
C ILE H 53 36.21 -21.59 10.53
N LEU H 54 35.71 -20.50 9.94
CA LEU H 54 36.45 -19.82 8.89
C LEU H 54 37.85 -19.41 9.32
N THR H 55 38.04 -19.13 10.61
CA THR H 55 39.34 -18.73 11.17
C THR H 55 40.29 -19.94 11.12
N GLU H 56 39.80 -21.07 11.59
CA GLU H 56 40.57 -22.27 11.61
C GLU H 56 40.98 -22.61 10.19
N VAL H 57 40.07 -22.40 9.25
CA VAL H 57 40.39 -22.70 7.85
C VAL H 57 41.57 -21.83 7.41
N ASN H 58 41.57 -20.58 7.89
CA ASN H 58 42.65 -19.65 7.58
C ASN H 58 43.91 -20.30 8.15
N TYR H 59 43.79 -20.87 9.34
CA TYR H 59 44.94 -21.51 9.95
C TYR H 59 45.47 -22.68 9.13
N GLU H 60 44.72 -23.78 9.08
CA GLU H 60 45.13 -24.99 8.34
C GLU H 60 45.74 -24.71 6.96
N VAL H 61 45.09 -23.85 6.20
CA VAL H 61 45.56 -23.50 4.87
C VAL H 61 46.91 -22.77 4.91
N SER H 62 47.14 -22.06 6.00
CA SER H 62 48.38 -21.30 6.17
C SER H 62 49.60 -22.20 6.34
N ASN H 63 49.38 -23.38 6.90
CA ASN H 63 50.46 -24.33 7.12
C ASN H 63 50.81 -25.12 5.86
N LYS H 64 49.92 -25.06 4.87
CA LYS H 64 50.13 -25.76 3.60
C LYS H 64 51.33 -25.17 2.87
N ASP H 65 52.10 -26.01 2.18
CA ASP H 65 53.28 -25.54 1.46
C ASP H 65 53.42 -26.01 0.00
N ASP H 66 53.53 -25.07 -0.95
CA ASP H 66 53.74 -25.43 -2.35
C ASP H 66 55.26 -25.37 -2.50
N LYS H 67 55.94 -26.34 -1.91
CA LYS H 67 57.40 -26.41 -1.93
C LYS H 67 58.12 -25.83 -3.16
N LYS H 68 57.69 -26.21 -4.36
CA LYS H 68 58.32 -25.72 -5.58
C LYS H 68 58.60 -24.21 -5.61
N ASN H 69 57.61 -23.43 -6.06
CA ASN H 69 57.78 -21.98 -6.15
C ASN H 69 57.73 -21.35 -4.76
N MET H 70 58.11 -22.16 -3.77
CA MET H 70 58.13 -21.75 -2.39
C MET H 70 57.00 -20.74 -2.17
N GLY H 71 55.78 -21.23 -2.36
CA GLY H 71 54.62 -20.37 -2.22
C GLY H 71 53.66 -20.82 -1.15
N LYS H 72 52.74 -19.93 -0.80
CA LYS H 72 51.73 -20.20 0.22
C LYS H 72 50.36 -19.70 -0.27
N GLN H 73 49.32 -19.88 0.55
CA GLN H 73 47.98 -19.44 0.18
C GLN H 73 47.24 -18.93 1.41
N MET H 74 46.70 -17.72 1.32
CA MET H 74 45.99 -17.10 2.43
C MET H 74 44.53 -16.78 2.17
N PRO H 75 43.62 -17.62 2.66
CA PRO H 75 42.19 -17.35 2.46
C PRO H 75 41.84 -16.01 3.10
N GLN H 76 40.70 -15.42 2.74
CA GLN H 76 40.33 -14.15 3.31
C GLN H 76 38.85 -13.81 3.34
N PRO H 77 38.16 -14.15 4.45
CA PRO H 77 36.73 -13.89 4.64
C PRO H 77 36.45 -12.42 4.83
N THR H 78 35.26 -12.00 4.40
CA THR H 78 34.84 -10.61 4.55
C THR H 78 33.42 -10.81 4.95
N PHE H 79 32.95 -10.04 5.91
CA PHE H 79 31.59 -10.29 6.33
C PHE H 79 30.83 -9.07 6.78
N THR H 80 29.51 -9.19 6.66
CA THR H 80 28.56 -8.15 7.01
C THR H 80 27.51 -8.73 7.95
N LEU H 81 27.68 -9.99 8.34
CA LEU H 81 26.74 -10.62 9.27
C LEU H 81 26.44 -9.66 10.44
N ARG H 82 25.30 -9.85 11.10
CA ARG H 82 24.92 -9.02 12.24
C ARG H 82 24.59 -9.90 13.43
N LYS H 83 24.71 -11.20 13.24
CA LYS H 83 24.42 -12.17 14.28
C LYS H 83 25.41 -13.33 14.11
N LYS H 84 25.64 -14.11 15.16
CA LYS H 84 26.54 -15.24 15.00
C LYS H 84 25.87 -16.18 14.00
N LEU H 85 26.66 -16.87 13.19
CA LEU H 85 26.07 -17.79 12.23
C LEU H 85 26.49 -19.23 12.50
N VAL H 86 25.58 -20.02 13.05
CA VAL H 86 25.88 -21.40 13.33
C VAL H 86 24.91 -22.30 12.54
N PHE H 87 25.34 -23.54 12.29
CA PHE H 87 24.56 -24.52 11.53
C PHE H 87 24.24 -25.74 12.38
N PRO H 88 23.13 -25.71 13.13
CA PRO H 88 22.80 -26.89 13.96
C PRO H 88 22.73 -28.19 13.13
N GLU I 2 48.60 -28.00 -8.03
CA GLU I 2 48.44 -27.07 -9.18
C GLU I 2 47.60 -25.86 -8.69
N VAL I 3 47.37 -24.86 -9.59
CA VAL I 3 46.89 -23.50 -9.24
C VAL I 3 45.65 -23.25 -10.13
N ASP I 4 44.73 -22.38 -9.64
CA ASP I 4 43.48 -22.01 -10.31
C ASP I 4 43.50 -20.50 -10.79
N LEU J 1 38.69 -24.29 22.95
CA LEU J 1 40.14 -24.63 22.93
C LEU J 1 40.76 -24.43 21.55
N ASP J 2 40.22 -23.49 20.79
CA ASP J 2 40.76 -23.18 19.48
C ASP J 2 41.98 -22.33 19.76
N LYS J 3 42.92 -22.34 18.84
CA LYS J 3 44.12 -21.54 19.01
C LYS J 3 43.72 -20.09 19.29
N VAL J 4 44.53 -19.38 20.08
CA VAL J 4 44.26 -17.97 20.40
C VAL J 4 45.52 -17.12 20.27
N TYR J 5 45.34 -15.87 19.82
CA TYR J 5 46.47 -14.96 19.68
C TYR J 5 46.91 -14.55 21.06
N GLN J 6 48.21 -14.69 21.31
CA GLN J 6 48.82 -14.34 22.59
C GLN J 6 48.77 -12.85 22.88
N MET J 7 48.33 -12.51 24.09
CA MET J 7 48.24 -11.11 24.51
C MET J 7 48.57 -10.96 25.99
N LYS J 8 49.86 -10.93 26.32
CA LYS J 8 50.25 -10.79 27.72
C LYS J 8 51.23 -9.63 27.93
N SER J 9 52.06 -9.39 26.92
CA SER J 9 53.06 -8.32 26.94
C SER J 9 52.63 -7.10 27.78
N LYS J 10 53.55 -6.57 28.59
CA LYS J 10 53.30 -5.40 29.44
C LYS J 10 52.46 -4.43 28.63
N PRO J 11 53.07 -3.68 27.68
CA PRO J 11 52.20 -2.79 26.91
C PRO J 11 51.92 -3.60 25.64
N ARG J 12 50.78 -4.31 25.60
CA ARG J 12 50.43 -5.16 24.46
C ARG J 12 51.08 -4.78 23.15
N GLY J 13 50.93 -3.52 22.76
CA GLY J 13 51.53 -3.05 21.52
C GLY J 13 51.10 -1.61 21.31
N TYR J 14 51.59 -0.99 20.24
CA TYR J 14 51.21 0.39 19.96
C TYR J 14 49.84 0.49 19.33
N CYS J 15 49.16 1.59 19.62
CA CYS J 15 47.85 1.82 19.06
C CYS J 15 47.82 3.14 18.33
N LEU J 16 48.37 3.17 17.13
CA LEU J 16 48.37 4.40 16.36
C LEU J 16 46.95 4.89 16.17
N ILE J 17 46.78 6.20 16.26
CA ILE J 17 45.49 6.80 16.07
C ILE J 17 45.64 8.02 15.20
N ILE J 18 45.70 7.83 13.89
CA ILE J 18 45.81 8.99 13.01
C ILE J 18 44.45 9.61 12.96
N ASN J 19 44.32 10.82 13.48
CA ASN J 19 43.06 11.52 13.51
C ASN J 19 43.12 12.85 12.77
N ASN J 20 42.39 12.94 11.66
CA ASN J 20 42.34 14.16 10.83
C ASN J 20 41.02 14.93 11.04
N HIS J 21 41.13 16.23 11.32
CA HIS J 21 39.93 17.03 11.56
C HIS J 21 39.89 18.26 10.69
N ASN J 22 40.96 19.03 10.78
CA ASN J 22 41.05 20.25 10.02
C ASN J 22 41.40 19.92 8.57
N PHE J 23 40.47 20.20 7.65
CA PHE J 23 40.71 19.92 6.25
C PHE J 23 40.89 21.20 5.45
N ALA J 24 41.33 22.27 6.10
CA ALA J 24 41.53 23.54 5.41
C ALA J 24 42.51 23.34 4.27
N LYS J 25 43.57 22.59 4.53
CA LYS J 25 44.57 22.35 3.52
C LYS J 25 43.92 21.79 2.26
N ALA J 26 43.22 20.68 2.40
CA ALA J 26 42.56 20.05 1.26
C ALA J 26 41.74 21.10 0.54
N ARG J 27 40.76 21.66 1.25
CA ARG J 27 39.87 22.68 0.71
C ARG J 27 40.61 23.76 -0.07
N GLU J 28 41.78 24.15 0.43
CA GLU J 28 42.55 25.19 -0.22
C GLU J 28 43.29 24.74 -1.48
N LYS J 29 43.76 23.49 -1.48
CA LYS J 29 44.50 22.99 -2.63
C LYS J 29 43.63 22.30 -3.68
N VAL J 30 43.28 21.04 -3.44
CA VAL J 30 42.48 20.26 -4.38
C VAL J 30 41.09 20.81 -4.74
N PRO J 31 40.90 21.20 -6.02
CA PRO J 31 39.62 21.75 -6.48
C PRO J 31 38.41 20.96 -6.03
N LYS J 32 38.16 19.81 -6.64
CA LYS J 32 37.00 18.97 -6.34
C LYS J 32 36.72 18.68 -4.87
N LEU J 33 37.53 19.25 -3.97
CA LEU J 33 37.35 19.03 -2.54
C LEU J 33 36.98 20.33 -1.86
N HIS J 34 36.84 21.37 -2.66
CA HIS J 34 36.50 22.70 -2.19
C HIS J 34 35.59 22.75 -0.96
N SER J 35 34.65 21.82 -0.85
CA SER J 35 33.71 21.85 0.28
C SER J 35 33.78 20.77 1.37
N ILE J 36 34.84 19.97 1.41
CA ILE J 36 34.92 18.95 2.46
C ILE J 36 34.96 19.69 3.80
N ARG J 37 33.98 19.46 4.64
CA ARG J 37 33.97 20.12 5.91
C ARG J 37 34.95 19.41 6.80
N ASP J 38 35.41 20.11 7.82
CA ASP J 38 36.33 19.50 8.76
C ASP J 38 35.48 18.46 9.49
N ARG J 39 36.11 17.47 10.07
CA ARG J 39 35.38 16.40 10.73
C ARG J 39 35.06 16.71 12.20
N ASN J 40 34.13 17.62 12.42
CA ASN J 40 33.77 17.98 13.79
C ASN J 40 33.17 16.79 14.53
N GLY J 41 33.87 16.35 15.56
CA GLY J 41 33.38 15.23 16.33
C GLY J 41 34.41 14.12 16.43
N THR J 42 35.45 14.17 15.59
CA THR J 42 36.52 13.15 15.60
C THR J 42 37.12 13.05 16.99
N HIS J 43 37.42 14.22 17.56
CA HIS J 43 38.02 14.29 18.88
C HIS J 43 37.40 13.27 19.85
N LEU J 44 36.06 13.21 19.85
CA LEU J 44 35.34 12.28 20.73
C LEU J 44 35.66 10.83 20.37
N ASP J 45 35.77 10.57 19.07
CA ASP J 45 36.11 9.23 18.58
C ASP J 45 37.49 8.93 19.18
N ALA J 46 38.44 9.79 18.82
CA ALA J 46 39.81 9.69 19.28
C ALA J 46 39.85 9.39 20.78
N GLY J 47 39.12 10.20 21.55
CA GLY J 47 39.10 10.05 22.99
C GLY J 47 38.67 8.65 23.38
N ALA J 48 37.54 8.24 22.83
CA ALA J 48 37.00 6.92 23.11
C ALA J 48 38.03 5.82 22.83
N LEU J 49 38.65 5.88 21.65
CA LEU J 49 39.65 4.89 21.26
C LEU J 49 40.81 4.92 22.25
N THR J 50 41.24 6.13 22.59
CA THR J 50 42.33 6.31 23.53
C THR J 50 42.03 5.61 24.84
N THR J 51 40.92 5.98 25.45
CA THR J 51 40.52 5.39 26.72
C THR J 51 40.43 3.87 26.64
N THR J 52 39.43 3.38 25.91
CA THR J 52 39.22 1.94 25.79
C THR J 52 40.46 1.14 25.44
N PHE J 53 41.29 1.63 24.53
CA PHE J 53 42.48 0.85 24.20
C PHE J 53 43.57 0.96 25.26
N GLU J 54 43.62 2.08 25.95
CA GLU J 54 44.60 2.24 27.00
C GLU J 54 44.25 1.15 28.03
N GLU J 55 42.98 1.09 28.43
CA GLU J 55 42.52 0.11 29.42
C GLU J 55 42.90 -1.33 29.07
N LEU J 56 43.04 -1.58 27.78
CA LEU J 56 43.39 -2.91 27.31
C LEU J 56 44.91 -3.03 27.26
N HIS J 57 45.56 -2.18 28.03
CA HIS J 57 47.02 -2.17 28.14
C HIS J 57 47.75 -1.98 26.82
N PHE J 58 47.30 -0.98 26.06
CA PHE J 58 47.89 -0.64 24.78
C PHE J 58 48.52 0.74 24.89
N GLU J 59 49.65 0.94 24.21
CA GLU J 59 50.33 2.22 24.24
C GLU J 59 49.88 3.10 23.10
N ILE J 60 49.09 4.11 23.42
CA ILE J 60 48.55 5.02 22.40
C ILE J 60 49.61 5.86 21.70
N LYS J 61 49.31 6.29 20.48
CA LYS J 61 50.26 7.09 19.73
C LYS J 61 49.51 7.96 18.76
N PRO J 62 48.82 8.98 19.28
CA PRO J 62 48.01 9.94 18.53
C PRO J 62 48.80 10.80 17.58
N HIS J 63 48.12 11.29 16.56
CA HIS J 63 48.70 12.18 15.54
C HIS J 63 47.54 12.92 14.91
N HIS J 64 47.64 14.24 14.81
CA HIS J 64 46.52 14.99 14.25
C HIS J 64 46.73 15.58 12.86
N ASP J 65 45.62 15.79 12.16
CA ASP J 65 45.62 16.31 10.80
C ASP J 65 46.94 16.03 10.08
N CYS J 66 47.15 14.78 9.70
CA CYS J 66 48.36 14.44 8.98
C CYS J 66 48.05 14.35 7.50
N THR J 67 48.91 14.94 6.69
CA THR J 67 48.74 14.89 5.26
C THR J 67 49.03 13.44 4.86
N VAL J 68 48.76 13.08 3.60
CA VAL J 68 49.01 11.71 3.15
C VAL J 68 50.46 11.44 3.52
N GLU J 69 51.34 12.30 3.04
CA GLU J 69 52.75 12.17 3.31
C GLU J 69 53.05 11.84 4.75
N GLN J 70 52.59 12.69 5.66
CA GLN J 70 52.82 12.48 7.07
C GLN J 70 52.39 11.08 7.49
N ILE J 71 51.22 10.65 7.02
CA ILE J 71 50.70 9.32 7.36
C ILE J 71 51.70 8.24 6.97
N TYR J 72 52.25 8.33 5.77
CA TYR J 72 53.20 7.32 5.35
C TYR J 72 54.36 7.37 6.31
N GLU J 73 54.91 8.56 6.49
CA GLU J 73 56.02 8.75 7.41
C GLU J 73 55.74 7.98 8.68
N ILE J 74 54.62 8.32 9.29
CA ILE J 74 54.21 7.69 10.53
C ILE J 74 54.20 6.18 10.52
N LEU J 75 53.55 5.60 9.52
CA LEU J 75 53.48 4.15 9.44
C LEU J 75 54.90 3.64 9.25
N LYS J 76 55.62 4.28 8.35
CA LYS J 76 57.01 3.91 8.08
C LYS J 76 57.81 3.74 9.38
N ILE J 77 57.57 4.59 10.37
CA ILE J 77 58.28 4.47 11.65
C ILE J 77 57.92 3.14 12.29
N TYR J 78 56.65 2.98 12.63
CA TYR J 78 56.19 1.75 13.28
C TYR J 78 56.49 0.54 12.42
N GLN J 79 56.71 0.78 11.15
CA GLN J 79 57.00 -0.30 10.24
C GLN J 79 58.40 -0.84 10.50
N LEU J 80 59.34 0.09 10.66
CA LEU J 80 60.75 -0.22 10.90
C LEU J 80 61.09 -0.58 12.34
N MET J 81 60.16 -0.32 13.25
CA MET J 81 60.34 -0.63 14.65
C MET J 81 60.57 -2.13 14.89
N ASP J 82 60.87 -2.46 16.14
CA ASP J 82 61.09 -3.85 16.52
C ASP J 82 60.03 -4.17 17.57
N HIS J 83 58.93 -4.78 17.10
CA HIS J 83 57.82 -5.13 17.98
C HIS J 83 58.05 -6.46 18.66
N SER J 84 59.31 -6.85 18.85
CA SER J 84 59.61 -8.14 19.46
C SER J 84 58.94 -8.38 20.80
N ASN J 85 58.81 -7.36 21.65
CA ASN J 85 58.17 -7.56 22.96
C ASN J 85 56.73 -7.12 22.90
N MET J 86 56.22 -6.99 21.69
CA MET J 86 54.85 -6.58 21.45
C MET J 86 54.05 -7.81 21.03
N ASP J 87 52.82 -7.91 21.50
CA ASP J 87 51.96 -9.03 21.16
C ASP J 87 50.96 -8.65 20.06
N CYS J 88 50.78 -7.36 19.82
CA CYS J 88 49.82 -6.89 18.83
C CYS J 88 50.15 -5.49 18.32
N PHE J 89 49.36 -5.02 17.36
CA PHE J 89 49.54 -3.69 16.78
C PHE J 89 48.24 -3.21 16.19
N ILE J 90 47.71 -2.12 16.73
CA ILE J 90 46.45 -1.57 16.25
C ILE J 90 46.67 -0.20 15.65
N CYS J 91 45.99 0.09 14.56
CA CYS J 91 46.13 1.39 13.93
C CYS J 91 44.76 1.88 13.55
N CYS J 92 44.39 3.05 14.04
CA CYS J 92 43.10 3.62 13.71
C CYS J 92 43.26 4.85 12.87
N ILE J 93 42.42 4.99 11.86
CA ILE J 93 42.49 6.16 11.03
C ILE J 93 41.09 6.73 10.94
N LEU J 94 40.97 8.01 11.25
CA LEU J 94 39.71 8.70 11.21
C LEU J 94 39.93 9.85 10.23
N SER J 95 39.24 9.86 9.10
CA SER J 95 39.45 10.91 8.09
C SER J 95 38.43 10.77 6.99
N HIS J 96 38.40 11.69 6.04
CA HIS J 96 37.47 11.54 4.93
C HIS J 96 38.05 10.45 4.03
N GLY J 97 37.24 9.87 3.16
CA GLY J 97 37.76 8.83 2.29
C GLY J 97 36.95 8.63 1.03
N ASP J 98 37.32 7.60 0.28
CA ASP J 98 36.62 7.27 -0.96
C ASP J 98 36.93 5.82 -1.31
N LYS J 99 36.31 5.32 -2.37
CA LYS J 99 36.50 3.93 -2.79
C LYS J 99 37.91 3.35 -2.56
N GLY J 100 38.07 2.62 -1.46
CA GLY J 100 39.32 1.99 -1.16
C GLY J 100 40.47 2.92 -0.79
N ILE J 101 40.15 4.16 -0.43
CA ILE J 101 41.19 5.13 -0.08
C ILE J 101 40.77 6.13 0.97
N ILE J 102 41.69 6.49 1.86
CA ILE J 102 41.39 7.49 2.86
C ILE J 102 42.09 8.74 2.36
N TYR J 103 41.67 9.89 2.88
CA TYR J 103 42.21 11.17 2.48
C TYR J 103 43.18 11.75 3.47
N GLY J 104 44.25 12.33 2.94
CA GLY J 104 45.22 12.96 3.81
C GLY J 104 44.56 14.29 4.12
N THR J 105 45.10 15.03 5.09
CA THR J 105 44.50 16.31 5.44
C THR J 105 44.76 17.31 4.33
N ASP J 106 45.59 16.92 3.37
CA ASP J 106 45.94 17.76 2.24
C ASP J 106 45.09 17.46 1.03
N GLY J 107 44.15 16.52 1.16
CA GLY J 107 43.30 16.19 0.04
C GLY J 107 43.90 15.11 -0.83
N GLN J 108 45.06 14.60 -0.41
CA GLN J 108 45.75 13.56 -1.14
C GLN J 108 45.12 12.20 -0.82
N GLU J 109 45.33 11.25 -1.71
CA GLU J 109 44.76 9.92 -1.55
C GLU J 109 45.71 8.86 -1.05
N ALA J 110 45.22 8.04 -0.12
CA ALA J 110 46.01 6.94 0.43
C ALA J 110 45.24 5.63 0.33
N PRO J 111 45.60 4.75 -0.61
CA PRO J 111 44.89 3.48 -0.74
C PRO J 111 45.01 2.69 0.54
N ILE J 112 43.88 2.35 1.13
CA ILE J 112 43.91 1.61 2.37
C ILE J 112 44.87 0.44 2.25
N TYR J 113 44.84 -0.22 1.11
CA TYR J 113 45.73 -1.35 0.89
C TYR J 113 47.17 -0.92 1.10
N GLU J 114 47.53 0.24 0.55
CA GLU J 114 48.88 0.79 0.66
C GLU J 114 49.30 0.86 2.10
N LEU J 115 48.36 1.26 2.94
CA LEU J 115 48.63 1.39 4.35
C LEU J 115 48.83 0.03 5.00
N THR J 116 47.77 -0.76 5.09
CA THR J 116 47.87 -2.07 5.69
C THR J 116 49.07 -2.86 5.23
N SER J 117 49.33 -2.87 3.94
CA SER J 117 50.45 -3.64 3.39
C SER J 117 51.81 -3.26 3.97
N GLN J 118 51.88 -2.10 4.63
CA GLN J 118 53.13 -1.63 5.20
C GLN J 118 53.62 -2.56 6.27
N PHE J 119 52.69 -3.34 6.83
CA PHE J 119 53.03 -4.24 7.92
C PHE J 119 52.94 -5.75 7.70
N THR J 120 53.25 -6.19 6.48
CA THR J 120 53.21 -7.61 6.19
C THR J 120 54.26 -8.34 7.06
N GLY J 121 54.71 -9.49 6.59
CA GLY J 121 55.71 -10.21 7.36
C GLY J 121 57.07 -9.79 6.89
N LEU J 122 57.23 -9.70 5.58
CA LEU J 122 58.49 -9.30 4.98
C LEU J 122 58.76 -7.87 5.41
N LYS J 123 57.76 -7.01 5.25
CA LYS J 123 57.89 -5.61 5.63
C LYS J 123 58.02 -5.37 7.13
N CYS J 124 57.84 -6.40 7.95
CA CYS J 124 57.92 -6.17 9.37
C CYS J 124 57.99 -7.46 10.19
N PRO J 125 59.08 -8.21 10.03
CA PRO J 125 59.32 -9.46 10.74
C PRO J 125 59.01 -9.36 12.22
N SER J 126 59.37 -8.25 12.86
CA SER J 126 59.12 -8.09 14.29
C SER J 126 57.66 -8.37 14.63
N LEU J 127 56.78 -8.34 13.62
CA LEU J 127 55.35 -8.59 13.83
C LEU J 127 54.81 -9.87 13.21
N ALA J 128 55.69 -10.63 12.57
CA ALA J 128 55.27 -11.90 11.97
C ALA J 128 54.46 -12.73 12.97
N GLY J 129 53.41 -13.39 12.50
CA GLY J 129 52.61 -14.20 13.40
C GLY J 129 51.85 -13.44 14.47
N LYS J 130 51.86 -12.12 14.39
CA LYS J 130 51.16 -11.31 15.40
C LYS J 130 50.02 -10.52 14.79
N PRO J 131 48.90 -10.40 15.53
CA PRO J 131 47.73 -9.66 15.07
C PRO J 131 48.01 -8.23 14.68
N LYS J 132 47.57 -7.84 13.51
CA LYS J 132 47.74 -6.47 13.06
C LYS J 132 46.33 -5.95 12.74
N VAL J 133 45.81 -5.11 13.61
CA VAL J 133 44.48 -4.57 13.44
C VAL J 133 44.46 -3.17 12.84
N PHE J 134 43.46 -2.90 12.01
CA PHE J 134 43.31 -1.58 11.40
C PHE J 134 41.88 -1.17 11.46
N PHE J 135 41.60 -0.01 12.01
CA PHE J 135 40.21 0.44 12.05
C PHE J 135 40.13 1.70 11.24
N ILE J 136 39.46 1.64 10.10
CA ILE J 136 39.35 2.82 9.27
C ILE J 136 37.97 3.41 9.42
N GLN J 137 37.92 4.70 9.66
CA GLN J 137 36.65 5.38 9.82
C GLN J 137 36.66 6.53 8.83
N ALA J 138 36.26 6.23 7.61
CA ALA J 138 36.19 7.21 6.56
C ALA J 138 35.00 6.87 5.68
N CYS J 139 34.92 7.54 4.54
CA CYS J 139 33.86 7.28 3.60
C CYS J 139 34.49 6.45 2.52
N GLN J 140 33.69 5.69 1.78
CA GLN J 140 34.22 4.88 0.70
C GLN J 140 33.50 5.22 -0.58
N GLY J 141 32.81 6.36 -0.58
CA GLY J 141 32.06 6.81 -1.74
C GLY J 141 31.02 7.80 -1.27
N ASP J 142 30.12 8.23 -2.16
CA ASP J 142 29.08 9.19 -1.78
C ASP J 142 27.65 8.64 -1.85
N ASN J 143 27.50 7.32 -1.81
CA ASN J 143 26.20 6.69 -1.84
C ASN J 143 25.61 6.65 -0.43
N TYR J 144 24.34 6.26 -0.32
CA TYR J 144 23.66 6.14 0.97
C TYR J 144 23.11 4.73 1.05
N GLN J 145 23.51 3.99 2.08
CA GLN J 145 23.04 2.64 2.22
C GLN J 145 21.55 2.66 2.41
N LYS J 146 20.81 2.31 1.36
CA LYS J 146 19.37 2.28 1.48
C LYS J 146 19.04 1.14 2.43
N GLY J 147 18.01 1.34 3.26
CA GLY J 147 17.63 0.30 4.20
C GLY J 147 16.41 -0.49 3.73
N ILE J 148 16.23 -1.69 4.26
CA ILE J 148 15.11 -2.53 3.89
C ILE J 148 14.43 -3.04 5.16
N PRO J 149 13.10 -3.24 5.13
CA PRO J 149 12.36 -3.71 6.31
C PRO J 149 12.48 -5.21 6.59
N VAL J 150 12.12 -5.61 7.81
CA VAL J 150 12.19 -7.03 8.19
C VAL J 150 11.62 -7.41 9.55
N GLU J 151 12.15 -6.79 10.60
CA GLU J 151 11.78 -7.09 11.97
C GLU J 151 11.87 -8.57 12.29
N THR J 152 13.11 -9.04 12.37
CA THR J 152 13.46 -10.40 12.72
C THR J 152 14.07 -10.12 14.10
N ASP J 153 15.41 -10.12 14.17
CA ASP J 153 16.16 -9.81 15.39
C ASP J 153 15.39 -9.97 16.71
N THR K 1 60.28 -23.70 14.12
CA THR K 1 60.19 -22.65 13.07
C THR K 1 59.31 -23.09 11.90
N ARG K 2 58.13 -22.48 11.79
CA ARG K 2 57.23 -22.84 10.71
C ARG K 2 57.11 -21.68 9.76
N TYR K 3 56.23 -21.84 8.78
CA TYR K 3 55.99 -20.79 7.80
C TYR K 3 54.52 -20.41 7.73
N ILE K 4 54.27 -19.17 7.35
CA ILE K 4 52.92 -18.66 7.21
C ILE K 4 52.90 -17.65 6.06
N PRO K 5 51.71 -17.41 5.46
CA PRO K 5 51.63 -16.47 4.34
C PRO K 5 51.96 -15.06 4.73
N ASP K 6 52.68 -14.38 3.84
CA ASP K 6 53.10 -13.00 4.00
C ASP K 6 52.01 -12.09 4.56
N GLU K 7 50.76 -12.29 4.13
CA GLU K 7 49.63 -11.48 4.56
C GLU K 7 48.81 -11.94 5.77
N ALA K 8 49.26 -12.96 6.48
CA ALA K 8 48.50 -13.47 7.62
C ALA K 8 48.19 -12.50 8.79
N ASP K 9 47.46 -13.03 9.77
CA ASP K 9 47.10 -12.30 10.98
C ASP K 9 46.66 -10.85 10.90
N PHE K 10 45.98 -10.46 9.82
CA PHE K 10 45.50 -9.10 9.66
C PHE K 10 44.02 -9.00 10.02
N LEU K 11 43.52 -7.78 10.10
CA LEU K 11 42.11 -7.57 10.41
C LEU K 11 41.76 -6.14 10.12
N LEU K 12 41.01 -5.94 9.06
CA LEU K 12 40.62 -4.60 8.67
C LEU K 12 39.23 -4.34 9.24
N GLY K 13 39.07 -3.19 9.88
CA GLY K 13 37.78 -2.85 10.45
C GLY K 13 37.21 -1.69 9.65
N MET K 14 36.64 -1.98 8.50
CA MET K 14 36.05 -0.94 7.66
C MET K 14 34.78 -0.45 8.35
N ALA K 15 34.57 0.87 8.28
CA ALA K 15 33.42 1.50 8.90
C ALA K 15 32.19 1.39 8.01
N THR K 16 32.44 1.28 6.71
CA THR K 16 31.36 1.19 5.75
C THR K 16 31.75 0.32 4.55
N VAL K 17 30.74 -0.23 3.87
CA VAL K 17 30.97 -1.05 2.68
C VAL K 17 31.36 -0.07 1.58
N ASN K 18 32.08 -0.52 0.56
CA ASN K 18 32.52 0.39 -0.50
C ASN K 18 31.42 1.22 -1.14
N ASN K 19 31.84 2.30 -1.80
CA ASN K 19 30.95 3.23 -2.52
C ASN K 19 29.96 4.02 -1.68
N CYS K 20 29.84 3.70 -0.40
CA CYS K 20 28.90 4.39 0.49
C CYS K 20 29.54 5.32 1.52
N VAL K 21 28.69 6.08 2.22
CA VAL K 21 29.15 7.03 3.23
C VAL K 21 29.19 6.49 4.67
N SER K 22 29.78 7.31 5.54
CA SER K 22 29.91 6.98 6.94
C SER K 22 29.30 8.10 7.77
N TYR K 23 28.76 7.78 8.93
CA TYR K 23 28.13 8.80 9.75
C TYR K 23 28.86 9.22 11.02
N ARG K 24 28.99 10.53 11.21
CA ARG K 24 29.65 11.10 12.37
C ARG K 24 28.84 12.26 12.95
N ASN K 25 28.28 12.03 14.12
CA ASN K 25 27.50 13.06 14.79
C ASN K 25 28.54 14.01 15.42
N PRO K 26 28.57 15.27 14.95
CA PRO K 26 29.55 16.20 15.52
C PRO K 26 29.37 16.39 17.00
N ALA K 27 28.39 15.70 17.59
CA ALA K 27 28.12 15.86 19.02
C ALA K 27 28.40 14.64 19.89
N GLU K 28 28.97 13.58 19.31
CA GLU K 28 29.27 12.38 20.09
C GLU K 28 30.15 11.40 19.36
N GLY K 29 30.56 11.75 18.14
CA GLY K 29 31.44 10.88 17.36
C GLY K 29 30.78 10.11 16.21
N THR K 30 31.54 9.21 15.61
CA THR K 30 31.03 8.42 14.50
C THR K 30 30.34 7.18 15.04
N TRP K 31 29.26 6.79 14.37
CA TRP K 31 28.50 5.60 14.78
C TRP K 31 29.44 4.41 14.97
N TYR K 32 30.23 4.12 13.94
CA TYR K 32 31.15 3.00 13.96
C TYR K 32 32.07 3.02 15.16
N ILE K 33 32.93 4.04 15.21
CA ILE K 33 33.90 4.14 16.28
C ILE K 33 33.25 4.07 17.64
N GLN K 34 32.20 4.86 17.83
CA GLN K 34 31.49 4.87 19.10
C GLN K 34 31.00 3.49 19.48
N SER K 35 30.37 2.80 18.55
CA SER K 35 29.88 1.46 18.85
C SER K 35 31.06 0.54 19.05
N LEU K 36 32.09 0.71 18.21
CA LEU K 36 33.29 -0.13 18.28
C LEU K 36 33.82 -0.17 19.70
N CYS K 37 33.90 1.02 20.30
CA CYS K 37 34.39 1.17 21.66
C CYS K 37 33.42 0.56 22.65
N GLN K 38 32.22 1.11 22.71
CA GLN K 38 31.21 0.60 23.63
C GLN K 38 31.26 -0.93 23.69
N SER K 39 31.22 -1.58 22.53
CA SER K 39 31.26 -3.04 22.48
C SER K 39 32.56 -3.59 22.99
N LEU K 40 33.66 -2.93 22.66
CA LEU K 40 34.99 -3.34 23.09
C LEU K 40 35.07 -3.38 24.62
N ARG K 41 34.76 -2.25 25.25
CA ARG K 41 34.80 -2.15 26.70
C ARG K 41 33.83 -3.13 27.35
N GLU K 42 32.72 -3.39 26.68
CA GLU K 42 31.72 -4.30 27.22
C GLU K 42 32.07 -5.78 27.07
N ARG K 43 32.22 -6.25 25.83
CA ARG K 43 32.52 -7.64 25.58
C ARG K 43 33.92 -8.11 26.01
N CYS K 44 34.95 -7.30 25.77
CA CYS K 44 36.31 -7.67 26.09
C CYS K 44 36.50 -8.26 27.50
N PRO K 45 35.96 -7.59 28.53
CA PRO K 45 36.11 -8.14 29.88
C PRO K 45 35.47 -9.52 29.97
N ARG K 46 34.34 -9.69 29.29
CA ARG K 46 33.64 -10.97 29.28
C ARG K 46 34.47 -12.00 28.52
N GLY K 47 35.61 -11.55 27.99
CA GLY K 47 36.52 -12.42 27.26
C GLY K 47 36.10 -12.79 25.85
N ASP K 48 35.20 -12.00 25.28
CA ASP K 48 34.68 -12.25 23.93
C ASP K 48 35.66 -11.94 22.79
N ASP K 49 35.73 -12.88 21.84
CA ASP K 49 36.61 -12.75 20.67
C ASP K 49 36.30 -11.48 19.87
N ILE K 50 37.31 -10.95 19.21
CA ILE K 50 37.15 -9.73 18.44
C ILE K 50 36.15 -9.87 17.29
N LEU K 51 36.15 -11.01 16.61
CA LEU K 51 35.23 -11.17 15.52
C LEU K 51 33.84 -11.04 16.08
N THR K 52 33.62 -11.70 17.22
CA THR K 52 32.33 -11.65 17.92
C THR K 52 31.93 -10.19 18.15
N ILE K 53 32.82 -9.42 18.77
CA ILE K 53 32.55 -8.01 19.04
C ILE K 53 32.20 -7.29 17.74
N LEU K 54 33.10 -7.37 16.77
CA LEU K 54 32.93 -6.72 15.49
C LEU K 54 31.59 -7.10 14.86
N THR K 55 31.12 -8.32 15.11
CA THR K 55 29.85 -8.74 14.57
C THR K 55 28.76 -7.88 15.22
N GLU K 56 28.85 -7.74 16.55
CA GLU K 56 27.88 -6.95 17.31
C GLU K 56 27.87 -5.49 16.86
N VAL K 57 29.06 -4.94 16.62
CA VAL K 57 29.17 -3.57 16.16
C VAL K 57 28.40 -3.45 14.86
N ASN K 58 28.43 -4.52 14.06
CA ASN K 58 27.73 -4.59 12.78
C ASN K 58 26.25 -4.51 13.09
N TYR K 59 25.84 -5.18 14.14
CA TYR K 59 24.45 -5.13 14.54
C TYR K 59 24.07 -3.69 14.92
N GLU K 60 24.60 -3.22 16.06
CA GLU K 60 24.31 -1.88 16.56
C GLU K 60 24.23 -0.81 15.50
N VAL K 61 25.23 -0.78 14.64
CA VAL K 61 25.28 0.24 13.59
C VAL K 61 24.14 0.07 12.60
N SER K 62 23.74 -1.17 12.35
CA SER K 62 22.67 -1.43 11.40
C SER K 62 21.37 -0.74 11.79
N ASN K 63 21.17 -0.58 13.09
CA ASN K 63 19.94 0.01 13.63
C ASN K 63 19.88 1.52 13.73
N LYS K 64 20.97 2.20 13.39
CA LYS K 64 20.97 3.66 13.45
C LYS K 64 20.35 4.21 12.16
N ASP K 65 19.70 5.36 12.24
CA ASP K 65 19.07 5.94 11.04
C ASP K 65 19.39 7.41 10.81
N ASP K 66 19.36 7.79 9.54
CA ASP K 66 19.58 9.16 9.12
C ASP K 66 18.29 9.46 8.37
N LYS K 67 17.27 9.94 9.09
CA LYS K 67 15.99 10.21 8.47
C LYS K 67 16.02 11.20 7.30
N LYS K 68 16.81 12.27 7.42
CA LYS K 68 16.91 13.28 6.35
C LYS K 68 16.84 12.63 4.96
N ASN K 69 17.78 11.72 4.68
CA ASN K 69 17.82 11.03 3.39
C ASN K 69 17.59 9.51 3.55
N MET K 70 16.78 9.15 4.55
CA MET K 70 16.47 7.74 4.83
C MET K 70 17.69 6.84 4.60
N GLY K 71 18.80 7.21 5.22
CA GLY K 71 20.03 6.46 5.07
C GLY K 71 20.42 5.54 6.23
N LYS K 72 21.34 4.64 5.92
CA LYS K 72 21.86 3.67 6.87
C LYS K 72 23.37 3.54 6.63
N GLN K 73 24.01 2.64 7.36
CA GLN K 73 25.45 2.47 7.23
C GLN K 73 25.80 1.03 7.56
N MET K 74 26.57 0.39 6.69
CA MET K 74 26.97 -1.00 6.89
C MET K 74 28.49 -1.23 7.05
N PRO K 75 28.97 -1.36 8.29
CA PRO K 75 30.40 -1.61 8.53
C PRO K 75 30.74 -2.97 7.96
N GLN K 76 32.00 -3.17 7.54
CA GLN K 76 32.42 -4.42 6.94
C GLN K 76 33.85 -4.84 7.18
N PRO K 77 34.06 -5.66 8.21
CA PRO K 77 35.37 -6.18 8.60
C PRO K 77 35.85 -7.33 7.72
N THR K 78 37.12 -7.27 7.33
CA THR K 78 37.75 -8.29 6.51
C THR K 78 38.86 -8.84 7.34
N PHE K 79 39.24 -10.09 7.15
CA PHE K 79 40.30 -10.57 7.98
C PHE K 79 41.09 -11.78 7.50
N THR K 80 42.29 -11.92 8.05
CA THR K 80 43.19 -13.01 7.76
C THR K 80 43.67 -13.63 9.08
N LEU K 81 43.05 -13.26 10.18
CA LEU K 81 43.44 -13.81 11.47
C LEU K 81 43.48 -15.34 11.35
N ARG K 82 44.40 -15.97 12.08
CA ARG K 82 44.54 -17.42 12.05
C ARG K 82 44.13 -18.06 13.36
N LYS K 83 43.75 -17.24 14.34
CA LYS K 83 43.29 -17.74 15.62
C LYS K 83 42.40 -16.70 16.26
N LYS K 84 41.70 -17.09 17.32
CA LYS K 84 40.84 -16.15 17.99
C LYS K 84 41.73 -15.01 18.46
N LEU K 85 41.21 -13.80 18.41
CA LEU K 85 41.97 -12.64 18.87
C LEU K 85 41.22 -11.97 19.99
N VAL K 86 41.53 -12.36 21.22
CA VAL K 86 40.87 -11.77 22.37
C VAL K 86 41.86 -10.79 22.99
N PHE K 87 41.31 -9.77 23.65
CA PHE K 87 42.11 -8.75 24.31
C PHE K 87 41.87 -8.90 25.81
N PRO K 88 42.65 -9.76 26.48
CA PRO K 88 42.40 -9.87 27.93
C PRO K 88 42.63 -8.51 28.59
N GLU L 2 26.24 13.42 10.42
CA GLU L 2 26.94 13.96 9.23
C GLU L 2 27.78 12.79 8.61
N VAL L 3 28.47 13.07 7.47
CA VAL L 3 29.05 12.05 6.57
C VAL L 3 30.53 12.45 6.40
N ASP L 4 31.40 11.42 6.12
CA ASP L 4 32.86 11.55 5.91
C ASP L 4 33.27 11.30 4.41
N LEU M 1 -20.94 -0.24 -25.02
CA LEU M 1 -21.75 -0.92 -26.08
C LEU M 1 -21.13 -2.26 -26.54
N ASP M 2 -22.01 -3.22 -26.81
CA ASP M 2 -21.66 -4.56 -27.26
C ASP M 2 -22.95 -5.35 -27.20
N LYS M 3 -23.03 -6.45 -27.93
CA LYS M 3 -24.27 -7.23 -27.97
C LYS M 3 -24.81 -7.73 -26.64
N VAL M 4 -26.13 -7.65 -26.52
CA VAL M 4 -26.80 -8.11 -25.31
C VAL M 4 -27.93 -9.05 -25.66
N TYR M 5 -28.18 -9.99 -24.77
CA TYR M 5 -29.22 -10.99 -24.95
C TYR M 5 -30.56 -10.31 -24.78
N GLN M 6 -31.42 -10.44 -25.78
CA GLN M 6 -32.74 -9.82 -25.73
C GLN M 6 -33.52 -10.27 -24.48
N MET M 7 -33.96 -9.32 -23.66
CA MET M 7 -34.73 -9.63 -22.46
C MET M 7 -36.00 -8.78 -22.36
N LYS M 8 -36.86 -8.87 -23.38
CA LYS M 8 -38.12 -8.11 -23.48
C LYS M 8 -39.38 -8.89 -23.10
N SER M 9 -39.45 -10.13 -23.55
CA SER M 9 -40.58 -11.01 -23.29
C SER M 9 -41.46 -10.71 -22.04
N LYS M 10 -42.76 -11.03 -22.15
CA LYS M 10 -43.72 -10.83 -21.06
C LYS M 10 -43.34 -11.65 -19.83
N PRO M 11 -43.36 -12.98 -19.93
CA PRO M 11 -42.96 -13.66 -18.69
C PRO M 11 -41.44 -13.82 -18.66
N ARG M 12 -40.78 -13.47 -19.78
CA ARG M 12 -39.32 -13.56 -19.92
C ARG M 12 -38.87 -15.00 -20.13
N GLY M 13 -39.39 -15.90 -19.30
CA GLY M 13 -39.08 -17.32 -19.36
C GLY M 13 -39.38 -17.98 -18.03
N TYR M 14 -39.29 -19.30 -17.95
CA TYR M 14 -39.58 -19.97 -16.69
C TYR M 14 -38.35 -19.96 -15.83
N CYS M 15 -38.57 -20.10 -14.53
CA CYS M 15 -37.50 -20.14 -13.55
C CYS M 15 -37.75 -21.28 -12.59
N LEU M 16 -37.27 -22.47 -12.95
CA LEU M 16 -37.42 -23.65 -12.11
C LEU M 16 -36.73 -23.51 -10.77
N ILE M 17 -37.30 -24.15 -9.75
CA ILE M 17 -36.70 -24.09 -8.43
C ILE M 17 -36.89 -25.42 -7.77
N ILE M 18 -36.03 -26.38 -8.08
CA ILE M 18 -36.10 -27.69 -7.47
C ILE M 18 -35.44 -27.51 -6.14
N ASN M 19 -36.25 -27.52 -5.10
CA ASN M 19 -35.77 -27.31 -3.75
C ASN M 19 -35.91 -28.54 -2.84
N ASN M 20 -34.83 -29.30 -2.67
CA ASN M 20 -34.88 -30.49 -1.82
C ASN M 20 -34.59 -30.22 -0.35
N HIS M 21 -35.39 -30.78 0.56
CA HIS M 21 -35.21 -30.56 1.99
C HIS M 21 -35.34 -31.84 2.78
N ASN M 22 -36.44 -32.56 2.58
CA ASN M 22 -36.62 -33.79 3.32
C ASN M 22 -35.83 -34.95 2.73
N PHE M 23 -34.66 -35.20 3.30
CA PHE M 23 -33.83 -36.28 2.82
C PHE M 23 -33.99 -37.54 3.66
N ALA M 24 -35.22 -37.86 4.04
CA ALA M 24 -35.47 -39.05 4.85
C ALA M 24 -35.39 -40.33 4.04
N LYS M 25 -35.89 -40.28 2.80
CA LYS M 25 -35.85 -41.46 1.96
C LYS M 25 -34.40 -41.83 1.88
N ALA M 26 -33.60 -40.88 1.41
CA ALA M 26 -32.17 -41.09 1.28
C ALA M 26 -31.66 -41.85 2.49
N ARG M 27 -31.90 -41.30 3.68
CA ARG M 27 -31.45 -41.93 4.90
C ARG M 27 -31.84 -43.39 4.97
N GLU M 28 -33.09 -43.69 4.64
CA GLU M 28 -33.59 -45.07 4.64
C GLU M 28 -32.81 -45.96 3.69
N LYS M 29 -32.92 -45.62 2.41
CA LYS M 29 -32.27 -46.35 1.31
C LYS M 29 -30.74 -46.34 1.38
N VAL M 30 -30.13 -45.44 0.61
CA VAL M 30 -28.68 -45.29 0.57
C VAL M 30 -28.05 -45.43 1.94
N PRO M 31 -27.25 -46.49 2.13
CA PRO M 31 -26.58 -46.72 3.41
C PRO M 31 -25.63 -45.57 3.71
N LYS M 32 -24.64 -45.42 2.84
CA LYS M 32 -23.63 -44.39 3.00
C LYS M 32 -24.24 -43.03 3.32
N LEU M 33 -25.55 -42.89 3.14
CA LEU M 33 -26.19 -41.63 3.43
C LEU M 33 -26.94 -41.62 4.75
N HIS M 34 -26.94 -42.76 5.42
CA HIS M 34 -27.65 -42.90 6.67
C HIS M 34 -27.75 -41.64 7.53
N SER M 35 -26.79 -40.73 7.41
CA SER M 35 -26.87 -39.54 8.25
C SER M 35 -26.95 -38.18 7.56
N ILE M 36 -27.39 -38.13 6.30
CA ILE M 36 -27.50 -36.82 5.63
C ILE M 36 -28.58 -36.02 6.30
N ARG M 37 -28.22 -34.82 6.74
CA ARG M 37 -29.15 -33.93 7.40
C ARG M 37 -30.18 -33.35 6.43
N ASP M 38 -31.35 -33.00 6.98
CA ASP M 38 -32.41 -32.38 6.20
C ASP M 38 -31.88 -30.97 5.98
N ARG M 39 -31.97 -30.49 4.75
CA ARG M 39 -31.47 -29.16 4.42
C ARG M 39 -32.25 -27.98 4.98
N ASN M 40 -32.19 -27.81 6.31
CA ASN M 40 -32.88 -26.70 6.93
C ASN M 40 -32.27 -25.41 6.45
N GLY M 41 -33.12 -24.50 6.04
CA GLY M 41 -32.64 -23.23 5.56
C GLY M 41 -33.07 -22.99 4.13
N THR M 42 -33.25 -24.07 3.36
CA THR M 42 -33.65 -23.93 1.95
C THR M 42 -34.91 -23.13 1.71
N HIS M 43 -35.92 -23.36 2.53
CA HIS M 43 -37.15 -22.61 2.40
C HIS M 43 -36.74 -21.16 2.03
N LEU M 44 -35.88 -20.56 2.86
CA LEU M 44 -35.38 -19.19 2.66
C LEU M 44 -34.74 -18.96 1.29
N ASP M 45 -33.97 -19.94 0.84
CA ASP M 45 -33.29 -19.85 -0.44
C ASP M 45 -34.37 -19.77 -1.52
N ALA M 46 -35.35 -20.67 -1.43
CA ALA M 46 -36.42 -20.70 -2.41
C ALA M 46 -37.22 -19.40 -2.36
N GLY M 47 -37.49 -18.94 -1.14
CA GLY M 47 -38.24 -17.71 -1.00
C GLY M 47 -37.49 -16.62 -1.75
N ALA M 48 -36.27 -16.35 -1.29
CA ALA M 48 -35.41 -15.33 -1.87
C ALA M 48 -35.37 -15.44 -3.39
N LEU M 49 -35.18 -16.65 -3.89
CA LEU M 49 -35.12 -16.90 -5.33
C LEU M 49 -36.44 -16.46 -5.95
N THR M 50 -37.52 -17.00 -5.41
CA THR M 50 -38.86 -16.69 -5.89
C THR M 50 -39.06 -15.19 -6.11
N THR M 51 -38.95 -14.45 -5.03
CA THR M 51 -39.13 -13.00 -5.08
C THR M 51 -38.26 -12.35 -6.14
N THR M 52 -36.95 -12.36 -5.90
CA THR M 52 -35.99 -11.74 -6.80
C THR M 52 -36.21 -12.06 -8.27
N PHE M 53 -36.59 -13.29 -8.58
CA PHE M 53 -36.79 -13.63 -9.97
C PHE M 53 -38.20 -13.24 -10.44
N GLU M 54 -39.12 -13.16 -9.48
CA GLU M 54 -40.49 -12.74 -9.77
C GLU M 54 -40.38 -11.28 -10.21
N GLU M 55 -39.76 -10.47 -9.35
CA GLU M 55 -39.56 -9.05 -9.62
C GLU M 55 -38.83 -8.84 -10.93
N LEU M 56 -38.17 -9.88 -11.42
CA LEU M 56 -37.45 -9.76 -12.66
C LEU M 56 -38.30 -10.23 -13.81
N HIS M 57 -39.59 -10.42 -13.54
CA HIS M 57 -40.56 -10.83 -14.54
C HIS M 57 -40.37 -12.23 -15.10
N PHE M 58 -40.09 -13.17 -14.21
CA PHE M 58 -39.88 -14.56 -14.56
C PHE M 58 -41.05 -15.31 -13.96
N GLU M 59 -41.45 -16.40 -14.59
CA GLU M 59 -42.55 -17.18 -14.05
C GLU M 59 -42.02 -18.37 -13.28
N ILE M 60 -42.02 -18.23 -11.97
CA ILE M 60 -41.52 -19.27 -11.08
C ILE M 60 -42.32 -20.57 -11.14
N LYS M 61 -41.61 -21.70 -11.03
CA LYS M 61 -42.22 -23.01 -11.07
C LYS M 61 -41.51 -23.85 -10.03
N PRO M 62 -41.93 -23.72 -8.77
CA PRO M 62 -41.36 -24.43 -7.64
C PRO M 62 -41.65 -25.91 -7.64
N HIS M 63 -40.83 -26.68 -6.93
CA HIS M 63 -40.99 -28.12 -6.82
C HIS M 63 -40.27 -28.49 -5.56
N HIS M 64 -40.82 -29.40 -4.76
CA HIS M 64 -40.15 -29.74 -3.51
C HIS M 64 -39.87 -31.20 -3.29
N ASP M 65 -38.78 -31.45 -2.55
CA ASP M 65 -38.35 -32.80 -2.23
C ASP M 65 -38.47 -33.77 -3.39
N CYS M 66 -37.67 -33.57 -4.44
CA CYS M 66 -37.71 -34.46 -5.60
C CYS M 66 -36.64 -35.52 -5.69
N THR M 67 -37.07 -36.76 -5.87
CA THR M 67 -36.18 -37.89 -6.04
C THR M 67 -35.45 -37.57 -7.35
N VAL M 68 -34.41 -38.34 -7.67
CA VAL M 68 -33.69 -38.08 -8.90
C VAL M 68 -34.64 -38.19 -10.07
N GLU M 69 -35.42 -39.26 -10.07
CA GLU M 69 -36.37 -39.48 -11.14
C GLU M 69 -37.31 -38.30 -11.32
N GLN M 70 -37.83 -37.78 -10.22
CA GLN M 70 -38.73 -36.64 -10.30
C GLN M 70 -38.03 -35.46 -10.98
N ILE M 71 -36.75 -35.30 -10.67
CA ILE M 71 -35.98 -34.20 -11.23
C ILE M 71 -35.90 -34.30 -12.73
N TYR M 72 -35.63 -35.49 -13.21
CA TYR M 72 -35.53 -35.69 -14.64
C TYR M 72 -36.88 -35.49 -15.29
N GLU M 73 -37.90 -36.08 -14.69
CA GLU M 73 -39.26 -35.94 -15.19
C GLU M 73 -39.56 -34.47 -15.41
N ILE M 74 -39.25 -33.65 -14.40
CA ILE M 74 -39.50 -32.21 -14.46
C ILE M 74 -38.72 -31.50 -15.56
N LEU M 75 -37.42 -31.79 -15.64
CA LEU M 75 -36.63 -31.14 -16.65
C LEU M 75 -37.11 -31.58 -18.02
N LYS M 76 -37.47 -32.86 -18.15
CA LYS M 76 -37.95 -33.35 -19.43
C LYS M 76 -39.15 -32.54 -19.88
N ILE M 77 -39.96 -32.06 -18.93
CA ILE M 77 -41.14 -31.27 -19.31
C ILE M 77 -40.69 -29.98 -19.98
N TYR M 78 -39.96 -29.15 -19.23
CA TYR M 78 -39.49 -27.87 -19.72
C TYR M 78 -38.55 -28.06 -20.89
N GLN M 79 -38.01 -29.26 -20.97
CA GLN M 79 -37.11 -29.59 -22.06
C GLN M 79 -37.92 -29.75 -23.34
N LEU M 80 -39.19 -30.16 -23.20
CA LEU M 80 -40.07 -30.38 -24.36
C LEU M 80 -40.99 -29.22 -24.73
N MET M 81 -41.05 -28.21 -23.87
CA MET M 81 -41.90 -27.05 -24.10
C MET M 81 -41.50 -26.17 -25.26
N ASP M 82 -42.39 -25.25 -25.62
CA ASP M 82 -42.10 -24.35 -26.69
C ASP M 82 -41.79 -23.02 -26.04
N HIS M 83 -40.51 -22.73 -25.85
CA HIS M 83 -40.08 -21.49 -25.24
C HIS M 83 -40.02 -20.39 -26.30
N SER M 84 -40.64 -20.64 -27.45
CA SER M 84 -40.61 -19.68 -28.56
C SER M 84 -40.94 -18.25 -28.14
N ASN M 85 -41.88 -18.07 -27.23
CA ASN M 85 -42.22 -16.72 -26.80
C ASN M 85 -41.37 -16.29 -25.60
N MET M 86 -40.56 -17.21 -25.11
CA MET M 86 -39.68 -16.93 -23.98
C MET M 86 -38.36 -16.35 -24.47
N ASP M 87 -37.70 -15.60 -23.58
CA ASP M 87 -36.43 -14.94 -23.90
C ASP M 87 -35.25 -15.51 -23.13
N CYS M 88 -35.55 -16.28 -22.08
CA CYS M 88 -34.52 -16.89 -21.25
C CYS M 88 -35.13 -18.01 -20.38
N PHE M 89 -34.29 -18.85 -19.80
CA PHE M 89 -34.76 -19.96 -18.95
C PHE M 89 -33.80 -20.12 -17.79
N ILE M 90 -34.34 -20.23 -16.59
CA ILE M 90 -33.48 -20.37 -15.43
C ILE M 90 -33.89 -21.58 -14.63
N CYS M 91 -32.92 -22.37 -14.23
CA CYS M 91 -33.26 -23.54 -13.45
C CYS M 91 -32.40 -23.57 -12.19
N CYS M 92 -33.05 -23.56 -11.04
CA CYS M 92 -32.33 -23.58 -9.77
C CYS M 92 -32.45 -24.90 -9.05
N ILE M 93 -31.34 -25.36 -8.47
CA ILE M 93 -31.36 -26.61 -7.74
C ILE M 93 -30.68 -26.42 -6.39
N LEU M 94 -31.40 -26.77 -5.34
CA LEU M 94 -30.90 -26.63 -4.00
C LEU M 94 -31.05 -28.01 -3.42
N SER M 95 -29.93 -28.65 -3.14
CA SER M 95 -29.92 -30.00 -2.59
C SER M 95 -28.49 -30.37 -2.18
N HIS M 96 -28.30 -31.59 -1.66
CA HIS M 96 -26.98 -32.04 -1.26
C HIS M 96 -26.30 -32.44 -2.56
N GLY M 97 -25.03 -32.84 -2.49
CA GLY M 97 -24.32 -33.21 -3.69
C GLY M 97 -22.90 -33.66 -3.44
N ASP M 98 -22.24 -34.06 -4.52
CA ASP M 98 -20.87 -34.54 -4.47
C ASP M 98 -20.15 -34.16 -5.75
N LYS M 99 -18.94 -34.66 -5.91
CA LYS M 99 -18.13 -34.40 -7.09
C LYS M 99 -18.98 -34.40 -8.37
N GLY M 100 -19.29 -33.22 -8.86
CA GLY M 100 -20.06 -33.09 -10.08
C GLY M 100 -21.44 -33.73 -10.16
N ILE M 101 -22.12 -33.86 -9.03
CA ILE M 101 -23.47 -34.43 -9.02
C ILE M 101 -24.35 -33.76 -7.99
N ILE M 102 -25.64 -33.91 -8.21
CA ILE M 102 -26.63 -33.36 -7.32
C ILE M 102 -27.34 -34.56 -6.73
N TYR M 103 -27.92 -34.40 -5.56
CA TYR M 103 -28.59 -35.52 -4.94
C TYR M 103 -30.09 -35.47 -4.97
N GLY M 104 -30.69 -36.56 -5.41
CA GLY M 104 -32.13 -36.62 -5.42
C GLY M 104 -32.51 -36.72 -3.96
N THR M 105 -33.76 -36.45 -3.65
CA THR M 105 -34.22 -36.51 -2.27
C THR M 105 -34.25 -37.94 -1.75
N ASP M 106 -33.88 -38.88 -2.61
CA ASP M 106 -33.89 -40.31 -2.26
C ASP M 106 -32.49 -40.93 -2.15
N GLY M 107 -31.47 -40.11 -2.35
CA GLY M 107 -30.11 -40.63 -2.27
C GLY M 107 -29.53 -40.92 -3.63
N GLN M 108 -30.42 -41.13 -4.61
CA GLN M 108 -29.98 -41.39 -5.97
C GLN M 108 -29.23 -40.14 -6.38
N GLU M 109 -28.39 -40.24 -7.40
CA GLU M 109 -27.65 -39.06 -7.82
C GLU M 109 -27.80 -38.73 -9.30
N ALA M 110 -27.62 -37.46 -9.64
CA ALA M 110 -27.73 -37.01 -11.01
C ALA M 110 -26.59 -36.08 -11.38
N PRO M 111 -25.73 -36.49 -12.33
CA PRO M 111 -24.61 -35.62 -12.71
C PRO M 111 -25.12 -34.23 -13.13
N ILE M 112 -24.41 -33.18 -12.75
CA ILE M 112 -24.83 -31.84 -13.14
C ILE M 112 -24.97 -31.82 -14.65
N TYR M 113 -24.06 -32.50 -15.32
CA TYR M 113 -24.08 -32.54 -16.76
C TYR M 113 -25.36 -33.08 -17.36
N GLU M 114 -25.94 -34.10 -16.74
CA GLU M 114 -27.17 -34.71 -17.26
C GLU M 114 -28.28 -33.69 -17.30
N LEU M 115 -28.44 -32.98 -16.20
CA LEU M 115 -29.49 -31.99 -16.11
C LEU M 115 -29.21 -30.84 -17.06
N THR M 116 -27.99 -30.35 -17.02
CA THR M 116 -27.57 -29.24 -17.85
C THR M 116 -27.71 -29.50 -19.34
N SER M 117 -27.21 -30.65 -19.78
CA SER M 117 -27.22 -31.07 -21.18
C SER M 117 -28.59 -31.36 -21.75
N GLN M 118 -29.62 -31.17 -20.92
CA GLN M 118 -30.97 -31.44 -21.35
C GLN M 118 -31.58 -30.34 -22.20
N PHE M 119 -31.04 -29.13 -22.07
CA PHE M 119 -31.57 -27.99 -22.81
C PHE M 119 -30.66 -27.42 -23.89
N THR M 120 -29.90 -28.29 -24.54
CA THR M 120 -29.01 -27.83 -25.59
C THR M 120 -29.84 -27.21 -26.70
N GLY M 121 -29.24 -27.00 -27.86
CA GLY M 121 -29.95 -26.39 -28.97
C GLY M 121 -30.69 -27.43 -29.76
N LEU M 122 -30.18 -28.66 -29.76
CA LEU M 122 -30.85 -29.72 -30.49
C LEU M 122 -31.95 -30.21 -29.57
N LYS M 123 -31.60 -30.51 -28.33
CA LYS M 123 -32.57 -31.01 -27.36
C LYS M 123 -33.79 -30.13 -27.19
N CYS M 124 -33.61 -28.81 -27.28
CA CYS M 124 -34.70 -27.87 -27.09
C CYS M 124 -34.55 -26.65 -28.00
N PRO M 125 -34.73 -26.84 -29.31
CA PRO M 125 -34.59 -25.74 -30.28
C PRO M 125 -35.43 -24.52 -29.99
N SER M 126 -36.51 -24.70 -29.25
CA SER M 126 -37.39 -23.59 -28.94
C SER M 126 -36.66 -22.64 -28.00
N LEU M 127 -35.45 -23.03 -27.60
CA LEU M 127 -34.64 -22.21 -26.71
C LEU M 127 -33.34 -21.80 -27.37
N ALA M 128 -32.97 -22.48 -28.45
CA ALA M 128 -31.76 -22.19 -29.20
C ALA M 128 -31.50 -20.69 -29.37
N GLY M 129 -30.30 -20.24 -28.97
CA GLY M 129 -29.93 -18.84 -29.10
C GLY M 129 -30.32 -17.98 -27.92
N LYS M 130 -31.02 -18.56 -26.96
CA LYS M 130 -31.45 -17.83 -25.78
C LYS M 130 -30.68 -18.37 -24.59
N PRO M 131 -30.40 -17.51 -23.61
CA PRO M 131 -29.66 -17.85 -22.38
C PRO M 131 -30.32 -18.93 -21.56
N LYS M 132 -29.53 -19.92 -21.15
CA LYS M 132 -30.03 -21.02 -20.33
C LYS M 132 -29.17 -21.02 -19.08
N VAL M 133 -29.72 -20.50 -17.99
CA VAL M 133 -29.01 -20.37 -16.73
C VAL M 133 -29.35 -21.43 -15.70
N PHE M 134 -28.35 -21.94 -15.00
CA PHE M 134 -28.53 -22.96 -13.95
C PHE M 134 -27.83 -22.51 -12.69
N PHE M 135 -28.47 -22.70 -11.55
CA PHE M 135 -27.84 -22.28 -10.32
C PHE M 135 -27.85 -23.43 -9.36
N ILE M 136 -26.84 -24.28 -9.44
CA ILE M 136 -26.78 -25.44 -8.54
C ILE M 136 -26.20 -25.00 -7.21
N GLN M 137 -26.89 -25.35 -6.14
CA GLN M 137 -26.43 -24.99 -4.80
C GLN M 137 -26.45 -26.27 -4.03
N ALA M 138 -25.29 -26.91 -3.99
CA ALA M 138 -25.12 -28.17 -3.28
C ALA M 138 -23.66 -28.27 -2.98
N CYS M 139 -23.29 -29.30 -2.22
CA CYS M 139 -21.89 -29.52 -1.93
C CYS M 139 -21.34 -30.23 -3.13
N GLN M 140 -20.02 -30.21 -3.25
CA GLN M 140 -19.38 -30.88 -4.35
C GLN M 140 -18.27 -31.80 -3.85
N GLY M 141 -18.29 -32.08 -2.55
CA GLY M 141 -17.30 -32.96 -1.94
C GLY M 141 -17.43 -32.84 -0.44
N ASP M 142 -16.42 -33.29 0.30
CA ASP M 142 -16.44 -33.21 1.76
C ASP M 142 -15.22 -32.46 2.32
N ASN M 143 -14.48 -31.78 1.44
CA ASN M 143 -13.31 -31.01 1.82
C ASN M 143 -13.67 -29.57 2.14
N TYR M 144 -13.42 -29.13 3.36
CA TYR M 144 -13.69 -27.75 3.75
C TYR M 144 -12.62 -26.94 3.05
N GLN M 145 -13.03 -25.99 2.21
CA GLN M 145 -12.05 -25.18 1.49
C GLN M 145 -11.02 -24.64 2.47
N LYS M 146 -9.80 -24.48 1.99
CA LYS M 146 -8.70 -24.00 2.83
C LYS M 146 -8.77 -22.57 3.34
N GLY M 147 -8.51 -21.60 2.47
CA GLY M 147 -8.54 -20.21 2.92
C GLY M 147 -7.20 -19.75 3.46
N ILE M 148 -6.58 -18.81 2.75
CA ILE M 148 -5.29 -18.24 3.13
C ILE M 148 -5.46 -16.74 3.39
N PRO M 149 -4.49 -16.12 4.10
CA PRO M 149 -4.54 -14.69 4.44
C PRO M 149 -3.94 -13.73 3.43
N VAL M 150 -4.34 -12.46 3.53
CA VAL M 150 -3.86 -11.37 2.66
C VAL M 150 -4.79 -10.19 2.75
N GLU M 151 -4.25 -9.01 3.01
CA GLU M 151 -5.11 -7.83 3.04
C GLU M 151 -4.93 -7.04 1.75
N THR M 152 -5.88 -7.22 0.84
CA THR M 152 -5.93 -6.53 -0.44
C THR M 152 -7.37 -5.95 -0.40
N ASP M 153 -8.15 -6.13 -1.46
CA ASP M 153 -9.54 -5.64 -1.49
C ASP M 153 -9.81 -4.28 -0.83
N THR N 1 -30.82 -16.77 -41.94
CA THR N 1 -30.57 -17.59 -40.72
C THR N 1 -29.12 -18.07 -40.67
N ARG N 2 -28.59 -18.30 -39.46
CA ARG N 2 -27.21 -18.74 -39.28
C ARG N 2 -27.05 -19.91 -38.32
N TYR N 3 -25.80 -20.30 -38.09
CA TYR N 3 -25.50 -21.42 -37.19
C TYR N 3 -24.59 -21.12 -36.01
N ILE N 4 -24.91 -21.72 -34.87
CA ILE N 4 -24.14 -21.57 -33.63
C ILE N 4 -24.02 -22.93 -32.94
N PRO N 5 -22.93 -23.14 -32.18
CA PRO N 5 -22.71 -24.41 -31.47
C PRO N 5 -23.87 -24.87 -30.64
N ASP N 6 -24.08 -26.18 -30.65
CA ASP N 6 -25.13 -26.84 -29.90
C ASP N 6 -25.17 -26.37 -28.43
N GLU N 7 -23.99 -26.22 -27.81
CA GLU N 7 -23.89 -25.84 -26.39
C GLU N 7 -23.70 -24.35 -26.05
N ALA N 8 -24.01 -23.49 -27.00
CA ALA N 8 -23.91 -22.05 -26.78
C ALA N 8 -24.94 -21.58 -25.74
N ASP N 9 -24.77 -20.33 -25.32
CA ASP N 9 -25.64 -19.64 -24.38
C ASP N 9 -26.02 -20.29 -23.05
N PHE N 10 -25.07 -21.01 -22.44
CA PHE N 10 -25.31 -21.64 -21.14
C PHE N 10 -24.57 -20.85 -20.07
N LEU N 11 -25.05 -20.93 -18.82
CA LEU N 11 -24.39 -20.28 -17.71
C LEU N 11 -24.62 -21.13 -16.49
N LEU N 12 -23.57 -21.73 -15.98
CA LEU N 12 -23.67 -22.56 -14.78
C LEU N 12 -23.09 -21.79 -13.57
N GLY N 13 -23.87 -21.67 -12.50
CA GLY N 13 -23.37 -20.99 -11.32
C GLY N 13 -23.22 -21.96 -10.16
N MET N 14 -22.08 -22.63 -10.07
CA MET N 14 -21.83 -23.58 -8.98
C MET N 14 -21.61 -22.79 -7.72
N ALA N 15 -22.14 -23.26 -6.60
CA ALA N 15 -21.96 -22.56 -5.33
C ALA N 15 -20.60 -22.82 -4.74
N THR N 16 -19.85 -23.71 -5.35
CA THR N 16 -18.53 -24.08 -4.85
C THR N 16 -17.67 -24.81 -5.89
N VAL N 17 -16.35 -24.78 -5.70
CA VAL N 17 -15.47 -25.48 -6.62
C VAL N 17 -15.65 -26.96 -6.24
N ASN N 18 -15.02 -27.86 -6.99
CA ASN N 18 -15.18 -29.29 -6.73
C ASN N 18 -14.63 -29.83 -5.41
N ASN N 19 -14.99 -31.07 -5.11
CA ASN N 19 -14.57 -31.76 -3.87
C ASN N 19 -14.73 -30.96 -2.59
N CYS N 20 -15.39 -29.82 -2.65
CA CYS N 20 -15.59 -29.00 -1.46
C CYS N 20 -17.05 -28.84 -1.04
N VAL N 21 -17.24 -28.44 0.22
CA VAL N 21 -18.56 -28.25 0.80
C VAL N 21 -19.03 -26.83 0.53
N SER N 22 -20.33 -26.59 0.64
CA SER N 22 -20.87 -25.24 0.50
C SER N 22 -21.70 -25.08 1.77
N TYR N 23 -21.81 -23.86 2.27
CA TYR N 23 -22.51 -23.63 3.52
C TYR N 23 -23.94 -23.14 3.45
N ARG N 24 -24.71 -23.66 4.40
CA ARG N 24 -26.13 -23.38 4.54
C ARG N 24 -26.45 -23.09 6.01
N ASN N 25 -26.78 -21.83 6.32
CA ASN N 25 -27.12 -21.46 7.69
C ASN N 25 -28.64 -21.61 7.82
N PRO N 26 -29.09 -22.54 8.68
CA PRO N 26 -30.53 -22.74 8.87
C PRO N 26 -31.24 -21.43 9.23
N ALA N 27 -30.50 -20.52 9.85
CA ALA N 27 -31.04 -19.23 10.24
C ALA N 27 -31.40 -18.31 9.09
N GLU N 28 -30.46 -18.08 8.17
CA GLU N 28 -30.72 -17.16 7.05
C GLU N 28 -30.64 -17.76 5.65
N GLY N 29 -30.33 -19.04 5.56
CA GLY N 29 -30.24 -19.66 4.24
C GLY N 29 -28.81 -20.03 3.94
N THR N 30 -28.45 -20.06 2.65
CA THR N 30 -27.11 -20.44 2.25
C THR N 30 -26.27 -19.28 1.77
N TRP N 31 -24.98 -19.34 2.07
CA TRP N 31 -24.05 -18.29 1.68
C TRP N 31 -24.20 -17.91 0.21
N TYR N 32 -24.24 -18.91 -0.65
CA TYR N 32 -24.34 -18.69 -2.09
C TYR N 32 -25.64 -18.07 -2.58
N ILE N 33 -26.73 -18.79 -2.39
CA ILE N 33 -28.03 -18.32 -2.84
C ILE N 33 -28.35 -16.93 -2.27
N GLN N 34 -28.36 -16.86 -0.96
CA GLN N 34 -28.63 -15.60 -0.29
C GLN N 34 -27.81 -14.47 -0.92
N SER N 35 -26.53 -14.74 -1.15
CA SER N 35 -25.64 -13.74 -1.71
C SER N 35 -25.93 -13.46 -3.17
N LEU N 36 -26.39 -14.48 -3.88
CA LEU N 36 -26.68 -14.30 -5.28
C LEU N 36 -27.89 -13.39 -5.42
N CYS N 37 -28.95 -13.71 -4.69
CA CYS N 37 -30.18 -12.92 -4.74
C CYS N 37 -29.89 -11.51 -4.33
N GLN N 38 -29.42 -11.36 -3.10
CA GLN N 38 -29.11 -10.05 -2.57
C GLN N 38 -28.45 -9.17 -3.62
N SER N 39 -27.43 -9.71 -4.29
CA SER N 39 -26.71 -8.96 -5.32
C SER N 39 -27.62 -8.66 -6.47
N LEU N 40 -28.31 -9.68 -6.94
CA LEU N 40 -29.23 -9.52 -8.07
C LEU N 40 -30.13 -8.31 -7.83
N ARG N 41 -30.73 -8.24 -6.65
CA ARG N 41 -31.61 -7.15 -6.30
C ARG N 41 -30.93 -5.79 -6.43
N GLU N 42 -29.81 -5.61 -5.73
CA GLU N 42 -29.11 -4.33 -5.77
C GLU N 42 -28.48 -3.99 -7.11
N ARG N 43 -28.16 -5.01 -7.93
CA ARG N 43 -27.49 -4.76 -9.20
C ARG N 43 -28.29 -4.72 -10.51
N CYS N 44 -29.17 -5.68 -10.72
CA CYS N 44 -29.94 -5.72 -11.96
C CYS N 44 -30.58 -4.39 -12.35
N PRO N 45 -31.20 -3.70 -11.37
CA PRO N 45 -31.80 -2.40 -11.72
C PRO N 45 -30.74 -1.52 -12.41
N ARG N 46 -29.59 -1.32 -11.74
CA ARG N 46 -28.49 -0.52 -12.28
C ARG N 46 -28.25 -0.88 -13.74
N GLY N 47 -27.97 -2.16 -14.00
CA GLY N 47 -27.74 -2.61 -15.37
C GLY N 47 -26.62 -3.60 -15.50
N ASP N 48 -25.97 -3.91 -14.38
CA ASP N 48 -24.84 -4.84 -14.34
C ASP N 48 -25.09 -6.18 -14.99
N ASP N 49 -24.20 -6.54 -15.91
CA ASP N 49 -24.30 -7.80 -16.62
C ASP N 49 -24.17 -8.91 -15.59
N ILE N 50 -24.84 -10.02 -15.84
CA ILE N 50 -24.83 -11.15 -14.92
C ILE N 50 -23.46 -11.66 -14.49
N LEU N 51 -22.48 -11.54 -15.38
CA LEU N 51 -21.14 -11.99 -15.06
C LEU N 51 -20.65 -11.09 -13.92
N THR N 52 -20.85 -9.78 -14.09
CA THR N 52 -20.46 -8.82 -13.06
C THR N 52 -21.09 -9.22 -11.73
N ILE N 53 -22.41 -9.36 -11.69
CA ILE N 53 -23.06 -9.74 -10.43
C ILE N 53 -22.42 -11.03 -9.90
N LEU N 54 -22.26 -12.01 -10.79
CA LEU N 54 -21.71 -13.28 -10.36
C LEU N 54 -20.32 -13.13 -9.76
N THR N 55 -19.57 -12.14 -10.23
CA THR N 55 -18.21 -11.91 -9.71
C THR N 55 -18.27 -11.43 -8.26
N GLU N 56 -19.12 -10.43 -8.03
CA GLU N 56 -19.31 -9.88 -6.71
C GLU N 56 -19.76 -10.97 -5.76
N VAL N 57 -20.58 -11.89 -6.26
CA VAL N 57 -21.05 -12.97 -5.41
C VAL N 57 -19.82 -13.76 -5.02
N ASN N 58 -18.91 -13.92 -5.96
CA ASN N 58 -17.68 -14.66 -5.68
C ASN N 58 -16.98 -13.91 -4.57
N TYR N 59 -17.03 -12.59 -4.64
CA TYR N 59 -16.42 -11.76 -3.61
C TYR N 59 -17.05 -11.96 -2.24
N GLU N 60 -18.28 -11.48 -2.08
CA GLU N 60 -19.03 -11.59 -0.81
C GLU N 60 -18.89 -12.93 -0.12
N VAL N 61 -19.09 -14.00 -0.88
CA VAL N 61 -18.99 -15.35 -0.32
C VAL N 61 -17.57 -15.67 0.16
N SER N 62 -16.57 -15.03 -0.46
CA SER N 62 -15.19 -15.26 -0.10
C SER N 62 -14.82 -14.72 1.28
N ASN N 63 -15.51 -13.68 1.73
CA ASN N 63 -15.21 -13.11 3.04
C ASN N 63 -15.96 -13.78 4.19
N LYS N 64 -16.86 -14.70 3.85
CA LYS N 64 -17.62 -15.43 4.86
C LYS N 64 -16.63 -16.38 5.51
N ASP N 65 -16.89 -16.77 6.76
CA ASP N 65 -15.98 -17.66 7.46
C ASP N 65 -16.68 -18.69 8.33
N ASP N 66 -16.36 -19.96 8.12
CA ASP N 66 -16.94 -21.02 8.92
C ASP N 66 -15.94 -21.27 10.06
N LYS N 67 -15.79 -20.25 10.90
CA LYS N 67 -14.87 -20.25 12.04
C LYS N 67 -14.39 -21.62 12.55
N LYS N 68 -15.32 -22.51 12.88
CA LYS N 68 -14.98 -23.83 13.40
C LYS N 68 -13.86 -24.58 12.66
N ASN N 69 -14.23 -25.35 11.63
CA ASN N 69 -13.23 -26.11 10.86
C ASN N 69 -12.44 -25.16 10.00
N MET N 70 -12.24 -23.95 10.50
CA MET N 70 -11.51 -22.91 9.76
C MET N 70 -11.59 -23.19 8.26
N GLY N 71 -12.77 -22.94 7.72
CA GLY N 71 -13.00 -23.16 6.31
C GLY N 71 -13.68 -22.00 5.64
N LYS N 72 -13.68 -22.03 4.31
CA LYS N 72 -14.29 -21.00 3.48
C LYS N 72 -15.13 -21.70 2.42
N GLN N 73 -15.56 -20.91 1.42
CA GLN N 73 -16.38 -21.42 0.33
C GLN N 73 -16.16 -20.57 -0.92
N MET N 74 -15.75 -21.21 -2.02
CA MET N 74 -15.49 -20.51 -3.27
C MET N 74 -16.44 -20.86 -4.39
N PRO N 75 -17.43 -20.02 -4.63
CA PRO N 75 -18.37 -20.31 -5.73
C PRO N 75 -17.57 -20.36 -7.03
N GLN N 76 -18.16 -20.88 -8.11
CA GLN N 76 -17.46 -20.97 -9.36
C GLN N 76 -18.28 -21.07 -10.65
N PRO N 77 -18.59 -19.93 -11.26
CA PRO N 77 -19.37 -19.90 -12.50
C PRO N 77 -18.61 -20.46 -13.69
N THR N 78 -19.34 -20.96 -14.66
CA THR N 78 -18.74 -21.49 -15.87
C THR N 78 -19.72 -21.00 -16.90
N PHE N 79 -19.24 -20.45 -18.00
CA PHE N 79 -20.20 -19.94 -18.96
C PHE N 79 -19.90 -20.11 -20.44
N THR N 80 -20.97 -20.16 -21.21
CA THR N 80 -20.89 -20.32 -22.65
C THR N 80 -21.60 -19.14 -23.34
N LEU N 81 -22.10 -18.19 -22.55
CA LEU N 81 -22.78 -17.04 -23.11
C LEU N 81 -22.01 -16.46 -24.27
N ARG N 82 -22.72 -15.82 -25.19
CA ARG N 82 -22.11 -15.19 -26.37
C ARG N 82 -22.47 -13.72 -26.45
N LYS N 83 -23.27 -13.28 -25.48
CA LYS N 83 -23.73 -11.90 -25.40
C LYS N 83 -23.82 -11.53 -23.94
N LYS N 84 -23.77 -10.25 -23.64
CA LYS N 84 -23.87 -9.83 -22.24
C LYS N 84 -25.26 -10.23 -21.79
N LEU N 85 -25.36 -10.69 -20.54
CA LEU N 85 -26.67 -11.09 -20.05
C LEU N 85 -27.14 -10.21 -18.91
N VAL N 86 -28.07 -9.31 -19.23
CA VAL N 86 -28.63 -8.39 -18.25
C VAL N 86 -30.13 -8.64 -18.14
N PHE N 87 -30.70 -8.30 -16.98
CA PHE N 87 -32.11 -8.46 -16.67
C PHE N 87 -32.77 -7.12 -16.37
N PRO N 88 -33.35 -6.46 -17.39
CA PRO N 88 -33.99 -5.16 -17.12
C PRO N 88 -35.16 -5.30 -16.15
N GLU O 2 -24.13 -24.49 8.54
CA GLU O 2 -24.12 -25.95 8.26
C GLU O 2 -23.71 -26.14 6.76
N VAL O 3 -23.60 -27.41 6.31
CA VAL O 3 -22.93 -27.81 5.05
C VAL O 3 -23.97 -28.66 4.28
N ASP O 4 -23.84 -28.66 2.92
CA ASP O 4 -24.70 -29.39 1.97
C ASP O 4 -23.94 -30.60 1.28
N LEU P 1 -17.97 1.15 -10.46
CA LEU P 1 -17.17 1.26 -9.21
C LEU P 1 -17.11 -0.06 -8.45
N ASP P 2 -17.13 -1.16 -9.20
CA ASP P 2 -17.04 -2.47 -8.60
C ASP P 2 -15.56 -2.65 -8.35
N LYS P 3 -15.21 -3.49 -7.39
CA LYS P 3 -13.82 -3.75 -7.08
C LYS P 3 -13.13 -4.20 -8.38
N VAL P 4 -11.85 -3.88 -8.52
CA VAL P 4 -11.08 -4.25 -9.70
C VAL P 4 -9.72 -4.79 -9.31
N TYR P 5 -9.23 -5.78 -10.04
CA TYR P 5 -7.92 -6.33 -9.75
C TYR P 5 -6.88 -5.29 -10.17
N GLN P 6 -5.92 -5.06 -9.28
CA GLN P 6 -4.83 -4.11 -9.48
C GLN P 6 -3.84 -4.56 -10.54
N MET P 7 -3.53 -3.67 -11.47
CA MET P 7 -2.61 -3.96 -12.56
C MET P 7 -1.77 -2.72 -12.90
N LYS P 8 -0.70 -2.51 -12.14
CA LYS P 8 0.15 -1.35 -12.38
C LYS P 8 1.62 -1.71 -12.46
N SER P 9 2.03 -2.72 -11.70
CA SER P 9 3.41 -3.19 -11.67
C SER P 9 4.14 -3.05 -13.01
N LYS P 10 5.39 -2.55 -12.96
CA LYS P 10 6.19 -2.36 -14.17
C LYS P 10 5.93 -3.53 -15.11
N PRO P 11 6.48 -4.71 -14.82
CA PRO P 11 6.16 -5.79 -15.75
C PRO P 11 5.02 -6.55 -15.04
N ARG P 12 3.77 -6.19 -15.33
CA ARG P 12 2.60 -6.81 -14.69
C ARG P 12 2.85 -8.18 -14.09
N GLY P 13 3.40 -9.09 -14.89
CA GLY P 13 3.71 -10.43 -14.43
C GLY P 13 4.20 -11.29 -15.57
N TYR P 14 4.55 -12.53 -15.28
CA TYR P 14 5.02 -13.40 -16.34
C TYR P 14 3.85 -13.98 -17.10
N CYS P 15 4.11 -14.30 -18.37
CA CYS P 15 3.10 -14.90 -19.23
C CYS P 15 3.67 -16.16 -19.83
N LEU P 16 3.70 -17.25 -19.08
CA LEU P 16 4.21 -18.48 -19.62
C LEU P 16 3.47 -18.85 -20.90
N ILE P 17 4.21 -19.35 -21.89
CA ILE P 17 3.56 -19.78 -23.12
C ILE P 17 4.09 -21.14 -23.49
N ILE P 18 3.53 -22.21 -22.93
CA ILE P 18 4.00 -23.53 -23.27
C ILE P 18 3.40 -23.93 -24.61
N ASN P 19 4.21 -23.90 -25.64
CA ASN P 19 3.75 -24.22 -26.98
C ASN P 19 4.35 -25.53 -27.51
N ASN P 20 3.48 -26.51 -27.76
CA ASN P 20 3.87 -27.82 -28.28
C ASN P 20 3.51 -27.97 -29.76
N HIS P 21 4.49 -28.33 -30.58
CA HIS P 21 4.28 -28.49 -32.02
C HIS P 21 4.64 -29.87 -32.53
N ASN P 22 5.80 -30.39 -32.13
CA ASN P 22 6.26 -31.70 -32.60
C ASN P 22 5.86 -32.88 -31.71
N PHE P 23 4.93 -33.69 -32.19
CA PHE P 23 4.45 -34.83 -31.42
C PHE P 23 5.05 -36.17 -31.86
N ALA P 24 6.22 -36.14 -32.50
CA ALA P 24 6.85 -37.37 -32.95
C ALA P 24 7.20 -38.21 -31.73
N LYS P 25 7.36 -37.56 -30.59
CA LYS P 25 7.69 -38.27 -29.36
C LYS P 25 6.53 -39.20 -29.01
N ALA P 26 5.36 -38.61 -28.79
CA ALA P 26 4.16 -39.35 -28.45
C ALA P 26 3.91 -40.46 -29.46
N ARG P 27 3.91 -40.07 -30.73
CA ARG P 27 3.71 -40.98 -31.84
C ARG P 27 4.63 -42.18 -31.73
N GLU P 28 5.89 -41.93 -31.38
CA GLU P 28 6.85 -43.00 -31.26
C GLU P 28 6.64 -43.91 -30.07
N LYS P 29 6.06 -43.39 -28.99
CA LYS P 29 5.89 -44.20 -27.79
C LYS P 29 4.50 -44.77 -27.49
N VAL P 30 3.55 -43.90 -27.16
CA VAL P 30 2.20 -44.31 -26.81
C VAL P 30 1.43 -44.87 -28.00
N PRO P 31 1.11 -46.17 -27.98
CA PRO P 31 0.37 -46.85 -29.06
C PRO P 31 -0.84 -46.13 -29.62
N LYS P 32 -1.87 -45.95 -28.80
CA LYS P 32 -3.11 -45.32 -29.26
C LYS P 32 -2.99 -43.92 -29.88
N LEU P 33 -1.80 -43.33 -29.84
CA LEU P 33 -1.58 -41.99 -30.37
C LEU P 33 -0.79 -41.96 -31.66
N HIS P 34 -0.37 -43.14 -32.11
CA HIS P 34 0.38 -43.34 -33.33
C HIS P 34 0.14 -42.31 -34.46
N SER P 35 -1.08 -41.77 -34.54
CA SER P 35 -1.39 -40.84 -35.63
C SER P 35 -1.66 -39.37 -35.28
N ILE P 36 -1.36 -38.95 -34.05
CA ILE P 36 -1.59 -37.55 -33.72
C ILE P 36 -0.64 -36.70 -34.56
N ARG P 37 -1.19 -35.77 -35.30
CA ARG P 37 -0.35 -34.93 -36.13
C ARG P 37 0.31 -33.83 -35.31
N ASP P 38 1.32 -33.23 -35.90
CA ASP P 38 2.00 -32.13 -35.27
C ASP P 38 1.07 -30.92 -35.41
N ARG P 39 1.16 -29.98 -34.49
CA ARG P 39 0.28 -28.83 -34.55
C ARG P 39 0.77 -27.69 -35.45
N ASN P 40 0.76 -27.92 -36.75
CA ASN P 40 1.21 -26.91 -37.68
C ASN P 40 0.37 -25.65 -37.61
N GLY P 41 0.98 -24.57 -37.16
CA GLY P 41 0.27 -23.30 -37.06
C GLY P 41 0.35 -22.71 -35.68
N THR P 42 0.82 -23.47 -34.69
CA THR P 42 0.91 -22.98 -33.32
C THR P 42 1.78 -21.73 -33.23
N HIS P 43 2.90 -21.79 -33.94
CA HIS P 43 3.82 -20.69 -33.97
C HIS P 43 3.08 -19.38 -34.06
N LEU P 44 2.13 -19.30 -34.97
CA LEU P 44 1.35 -18.08 -35.14
C LEU P 44 0.55 -17.75 -33.90
N ASP P 45 0.02 -18.77 -33.22
CA ASP P 45 -0.72 -18.53 -31.99
C ASP P 45 0.28 -17.89 -31.04
N ALA P 46 1.36 -18.61 -30.79
CA ALA P 46 2.43 -18.18 -29.90
C ALA P 46 2.81 -16.74 -30.17
N GLY P 47 3.07 -16.43 -31.43
CA GLY P 47 3.45 -15.09 -31.80
C GLY P 47 2.40 -14.09 -31.35
N ALA P 48 1.15 -14.34 -31.75
CA ALA P 48 0.05 -13.45 -31.41
C ALA P 48 0.00 -13.24 -29.92
N LEU P 49 0.06 -14.35 -29.18
CA LEU P 49 0.00 -14.26 -27.73
C LEU P 49 1.19 -13.43 -27.26
N THR P 50 2.36 -13.70 -27.83
CA THR P 50 3.56 -12.97 -27.49
C THR P 50 3.37 -11.45 -27.69
N THR P 51 3.01 -11.07 -28.91
CA THR P 51 2.80 -9.66 -29.20
C THR P 51 1.82 -9.02 -28.23
N THR P 52 0.55 -9.39 -28.37
CA THR P 52 -0.50 -8.80 -27.54
C THR P 52 -0.25 -8.77 -26.05
N PHE P 53 0.32 -9.82 -25.48
CA PHE P 53 0.55 -9.75 -24.05
C PHE P 53 1.76 -8.89 -23.68
N GLU P 54 2.71 -8.77 -24.60
CA GLU P 54 3.88 -7.93 -24.37
C GLU P 54 3.36 -6.50 -24.29
N GLU P 55 2.51 -6.11 -25.25
CA GLU P 55 1.93 -4.78 -25.28
C GLU P 55 1.18 -4.43 -23.99
N LEU P 56 0.69 -5.45 -23.30
CA LEU P 56 -0.02 -5.23 -22.05
C LEU P 56 0.97 -5.30 -20.90
N HIS P 57 2.22 -4.97 -21.20
CA HIS P 57 3.30 -4.96 -20.20
C HIS P 57 3.47 -6.23 -19.39
N PHE P 58 3.47 -7.36 -20.08
CA PHE P 58 3.64 -8.69 -19.48
C PHE P 58 4.96 -9.27 -19.94
N GLU P 59 5.66 -9.96 -19.05
CA GLU P 59 6.95 -10.55 -19.42
C GLU P 59 6.76 -11.98 -19.94
N ILE P 60 6.95 -12.15 -21.24
CA ILE P 60 6.76 -13.45 -21.87
C ILE P 60 7.79 -14.46 -21.40
N LYS P 61 7.45 -15.74 -21.49
CA LYS P 61 8.36 -16.81 -21.07
C LYS P 61 7.99 -18.05 -21.87
N PRO P 62 8.30 -18.05 -23.16
CA PRO P 62 8.03 -19.15 -24.07
C PRO P 62 8.79 -20.42 -23.76
N HIS P 63 8.25 -21.54 -24.23
CA HIS P 63 8.84 -22.86 -24.08
C HIS P 63 8.26 -23.73 -25.17
N HIS P 64 9.12 -24.47 -25.87
CA HIS P 64 8.66 -25.32 -26.98
C HIS P 64 8.68 -26.80 -26.72
N ASP P 65 7.78 -27.50 -27.40
CA ASP P 65 7.66 -28.96 -27.30
C ASP P 65 8.08 -29.53 -25.96
N CYS P 66 7.32 -29.24 -24.91
CA CYS P 66 7.66 -29.76 -23.59
C CYS P 66 6.88 -31.02 -23.27
N THR P 67 7.59 -32.04 -22.83
CA THR P 67 6.94 -33.28 -22.45
C THR P 67 6.11 -32.95 -21.23
N VAL P 68 5.30 -33.88 -20.78
CA VAL P 68 4.49 -33.62 -19.60
C VAL P 68 5.46 -33.16 -18.54
N GLU P 69 6.46 -33.99 -18.31
CA GLU P 69 7.49 -33.71 -17.31
C GLU P 69 8.01 -32.28 -17.37
N GLN P 70 8.48 -31.86 -18.55
CA GLN P 70 8.99 -30.51 -18.72
C GLN P 70 7.99 -29.48 -18.24
N ILE P 71 6.74 -29.66 -18.63
CA ILE P 71 5.66 -28.75 -18.24
C ILE P 71 5.62 -28.57 -16.74
N TYR P 72 5.59 -29.67 -16.01
CA TYR P 72 5.53 -29.57 -14.57
C TYR P 72 6.75 -28.81 -14.06
N GLU P 73 7.94 -29.21 -14.49
CA GLU P 73 9.18 -28.54 -14.09
C GLU P 73 8.98 -27.06 -14.23
N ILE P 74 8.54 -26.66 -15.41
CA ILE P 74 8.31 -25.27 -15.71
C ILE P 74 7.36 -24.56 -14.76
N LEU P 75 6.18 -25.11 -14.58
CA LEU P 75 5.24 -24.49 -13.67
C LEU P 75 5.87 -24.48 -12.29
N LYS P 76 6.46 -25.60 -11.89
CA LYS P 76 7.11 -25.70 -10.59
C LYS P 76 8.01 -24.50 -10.33
N ILE P 77 8.70 -24.05 -11.36
CA ILE P 77 9.58 -22.90 -11.21
C ILE P 77 8.75 -21.68 -10.82
N TYR P 78 7.89 -21.25 -11.72
CA TYR P 78 7.07 -20.10 -11.45
C TYR P 78 6.26 -20.27 -10.19
N GLN P 79 6.10 -21.53 -9.80
CA GLN P 79 5.33 -21.83 -8.62
C GLN P 79 6.09 -21.38 -7.39
N LEU P 80 7.40 -21.65 -7.37
CA LEU P 80 8.28 -21.31 -6.25
C LEU P 80 8.79 -19.87 -6.26
N MET P 81 8.63 -19.21 -7.40
CA MET P 81 9.04 -17.83 -7.56
C MET P 81 8.33 -16.89 -6.57
N ASP P 82 8.82 -15.67 -6.47
CA ASP P 82 8.25 -14.68 -5.57
C ASP P 82 7.60 -13.60 -6.42
N HIS P 83 6.29 -13.72 -6.59
CA HIS P 83 5.53 -12.76 -7.39
C HIS P 83 5.08 -11.53 -6.62
N SER P 84 5.83 -11.18 -5.58
CA SER P 84 5.51 -10.02 -4.74
C SER P 84 5.35 -8.71 -5.51
N ASN P 85 6.17 -8.46 -6.53
CA ASN P 85 6.04 -7.20 -7.24
C ASN P 85 5.31 -7.44 -8.55
N MET P 86 4.60 -8.55 -8.60
CA MET P 86 3.84 -8.91 -9.77
C MET P 86 2.37 -8.69 -9.41
N ASP P 87 1.58 -8.23 -10.37
CA ASP P 87 0.16 -7.97 -10.16
C ASP P 87 -0.71 -9.08 -10.75
N CYS P 88 -0.13 -9.91 -11.60
CA CYS P 88 -0.88 -10.97 -12.28
C CYS P 88 0.02 -12.10 -12.73
N PHE P 89 -0.56 -13.13 -13.33
CA PHE P 89 0.19 -14.28 -13.83
C PHE P 89 -0.66 -15.00 -14.87
N ILE P 90 -0.18 -15.02 -16.10
CA ILE P 90 -0.87 -15.67 -17.22
C ILE P 90 -0.13 -16.88 -17.78
N CYS P 91 -0.81 -18.00 -17.94
CA CYS P 91 -0.17 -19.20 -18.47
C CYS P 91 -0.94 -19.75 -19.65
N CYS P 92 -0.31 -19.80 -20.81
CA CYS P 92 -0.97 -20.31 -21.99
C CYS P 92 -0.35 -21.62 -22.42
N ILE P 93 -1.20 -22.59 -22.72
CA ILE P 93 -0.73 -23.88 -23.15
C ILE P 93 -1.39 -24.21 -24.47
N LEU P 94 -0.58 -24.51 -25.48
CA LEU P 94 -1.12 -24.86 -26.76
C LEU P 94 -0.58 -26.26 -27.02
N SER P 95 -1.48 -27.25 -27.11
CA SER P 95 -1.05 -28.62 -27.34
C SER P 95 -2.28 -29.48 -27.62
N HIS P 96 -2.08 -30.76 -27.91
CA HIS P 96 -3.21 -31.66 -28.13
C HIS P 96 -3.76 -31.93 -26.74
N GLY P 97 -4.98 -32.45 -26.67
CA GLY P 97 -5.56 -32.73 -25.37
C GLY P 97 -6.70 -33.71 -25.44
N ASP P 98 -7.32 -33.93 -24.29
CA ASP P 98 -8.45 -34.84 -24.16
C ASP P 98 -9.23 -34.46 -22.91
N LYS P 99 -10.35 -35.12 -22.69
CA LYS P 99 -11.20 -34.82 -21.53
C LYS P 99 -10.47 -34.41 -20.27
N GLY P 100 -10.44 -33.10 -20.02
CA GLY P 100 -9.81 -32.55 -18.82
C GLY P 100 -8.32 -32.68 -18.69
N ILE P 101 -7.63 -32.93 -19.80
CA ILE P 101 -6.18 -33.09 -19.80
C ILE P 101 -5.56 -32.61 -21.10
N ILE P 102 -4.33 -32.12 -21.00
CA ILE P 102 -3.59 -31.69 -22.18
C ILE P 102 -2.48 -32.73 -22.33
N TYR P 103 -1.87 -32.75 -23.50
CA TYR P 103 -0.83 -33.72 -23.77
C TYR P 103 0.55 -33.14 -23.79
N GLY P 104 1.50 -33.87 -23.21
CA GLY P 104 2.86 -33.39 -23.26
C GLY P 104 3.27 -33.74 -24.67
N THR P 105 4.47 -33.33 -25.08
CA THR P 105 4.92 -33.65 -26.42
C THR P 105 5.31 -35.11 -26.51
N ASP P 106 5.37 -35.77 -25.36
CA ASP P 106 5.74 -37.17 -25.29
C ASP P 106 4.52 -38.09 -25.34
N GLY P 107 3.32 -37.49 -25.37
CA GLY P 107 2.11 -38.29 -25.39
C GLY P 107 1.57 -38.57 -24.00
N GLN P 108 2.22 -37.98 -23.00
CA GLN P 108 1.81 -38.15 -21.62
C GLN P 108 0.69 -37.20 -21.29
N GLU P 109 -0.08 -37.54 -20.26
CA GLU P 109 -1.24 -36.73 -19.88
C GLU P 109 -1.05 -35.82 -18.68
N ALA P 110 -1.57 -34.61 -18.78
CA ALA P 110 -1.48 -33.65 -17.70
C ALA P 110 -2.84 -33.07 -17.35
N PRO P 111 -3.48 -33.57 -16.29
CA PRO P 111 -4.81 -33.03 -15.94
C PRO P 111 -4.72 -31.52 -15.78
N ILE P 112 -5.56 -30.80 -16.52
CA ILE P 112 -5.60 -29.36 -16.48
C ILE P 112 -5.67 -28.90 -15.04
N TYR P 113 -6.43 -29.64 -14.24
CA TYR P 113 -6.57 -29.32 -12.84
C TYR P 113 -5.20 -29.36 -12.18
N GLU P 114 -4.44 -30.42 -12.47
CA GLU P 114 -3.10 -30.59 -11.91
C GLU P 114 -2.26 -29.35 -12.13
N LEU P 115 -2.41 -28.77 -13.32
CA LEU P 115 -1.65 -27.58 -13.71
C LEU P 115 -2.08 -26.36 -12.92
N THR P 116 -3.30 -25.91 -13.14
CA THR P 116 -3.81 -24.74 -12.44
C THR P 116 -3.62 -24.83 -10.93
N SER P 117 -3.87 -26.01 -10.35
CA SER P 117 -3.74 -26.14 -8.90
C SER P 117 -2.36 -25.86 -8.36
N GLN P 118 -1.38 -25.79 -9.25
CA GLN P 118 0.00 -25.53 -8.83
C GLN P 118 0.16 -24.12 -8.25
N PHE P 119 -0.77 -23.23 -8.58
CA PHE P 119 -0.68 -21.85 -8.15
C PHE P 119 -1.75 -21.35 -7.19
N THR P 120 -2.22 -22.26 -6.34
CA THR P 120 -3.23 -21.89 -5.37
C THR P 120 -2.61 -20.84 -4.41
N GLY P 121 -3.23 -20.63 -3.26
CA GLY P 121 -2.68 -19.67 -2.31
C GLY P 121 -1.61 -20.32 -1.47
N LEU P 122 -1.91 -21.51 -0.96
CA LEU P 122 -0.95 -22.24 -0.15
C LEU P 122 0.26 -22.55 -1.00
N LYS P 123 0.02 -23.04 -2.21
CA LYS P 123 1.12 -23.37 -3.12
C LYS P 123 1.86 -22.16 -3.69
N CYS P 124 1.40 -20.95 -3.43
CA CYS P 124 2.11 -19.82 -3.99
C CYS P 124 1.65 -18.50 -3.40
N PRO P 125 1.90 -18.30 -2.09
CA PRO P 125 1.53 -17.06 -1.38
C PRO P 125 1.87 -15.78 -2.12
N SER P 126 3.04 -15.72 -2.75
CA SER P 126 3.40 -14.48 -3.45
C SER P 126 2.33 -14.05 -4.43
N LEU P 127 1.39 -14.95 -4.75
CA LEU P 127 0.30 -14.65 -5.70
C LEU P 127 -1.11 -14.58 -5.10
N ALA P 128 -1.19 -14.85 -3.81
CA ALA P 128 -2.47 -14.80 -3.10
C ALA P 128 -3.15 -13.49 -3.46
N GLY P 129 -4.47 -13.54 -3.64
CA GLY P 129 -5.22 -12.34 -3.94
C GLY P 129 -4.93 -11.77 -5.31
N LYS P 130 -4.09 -12.43 -6.09
CA LYS P 130 -3.77 -11.93 -7.41
C LYS P 130 -4.34 -12.83 -8.52
N PRO P 131 -4.85 -12.21 -9.62
CA PRO P 131 -5.41 -12.96 -10.74
C PRO P 131 -4.39 -13.93 -11.36
N LYS P 132 -4.81 -15.17 -11.54
CA LYS P 132 -3.97 -16.21 -12.14
C LYS P 132 -4.77 -16.70 -13.32
N VAL P 133 -4.35 -16.32 -14.52
CA VAL P 133 -5.07 -16.73 -15.73
C VAL P 133 -4.46 -17.90 -16.47
N PHE P 134 -5.30 -18.75 -17.04
CA PHE P 134 -4.85 -19.90 -17.82
C PHE P 134 -5.61 -20.01 -19.12
N PHE P 135 -4.90 -20.06 -20.23
CA PHE P 135 -5.55 -20.19 -21.49
C PHE P 135 -5.12 -21.49 -22.09
N ILE P 136 -6.00 -22.44 -22.15
CA ILE P 136 -5.60 -23.71 -22.71
C ILE P 136 -6.22 -23.83 -24.10
N GLN P 137 -5.39 -24.24 -25.04
CA GLN P 137 -5.82 -24.42 -26.40
C GLN P 137 -5.38 -25.82 -26.75
N ALA P 138 -6.30 -26.76 -26.57
CA ALA P 138 -6.09 -28.15 -26.88
C ALA P 138 -7.47 -28.72 -27.23
N CYS P 139 -7.58 -30.04 -27.34
CA CYS P 139 -8.86 -30.65 -27.61
C CYS P 139 -9.29 -31.26 -26.29
N GLN P 140 -10.58 -31.51 -26.14
CA GLN P 140 -11.05 -32.12 -24.91
C GLN P 140 -11.80 -33.41 -25.18
N GLY P 141 -11.59 -33.96 -26.38
CA GLY P 141 -12.24 -35.20 -26.77
C GLY P 141 -12.23 -35.25 -28.29
N ASP P 142 -12.89 -36.22 -28.90
CA ASP P 142 -12.90 -36.28 -30.37
C ASP P 142 -14.27 -36.04 -31.01
N ASN P 143 -15.16 -35.36 -30.29
CA ASN P 143 -16.48 -35.04 -30.80
C ASN P 143 -16.41 -33.78 -31.64
N TYR P 144 -17.51 -33.46 -32.33
CA TYR P 144 -17.58 -32.27 -33.15
C TYR P 144 -18.80 -31.55 -32.69
N GLN P 145 -18.64 -30.30 -32.33
CA GLN P 145 -19.75 -29.51 -31.86
C GLN P 145 -20.75 -29.29 -32.99
N LYS P 146 -21.85 -30.03 -32.95
CA LYS P 146 -22.88 -29.89 -33.96
C LYS P 146 -23.49 -28.51 -33.81
N GLY P 147 -23.76 -27.85 -34.93
CA GLY P 147 -24.35 -26.52 -34.88
C GLY P 147 -25.86 -26.56 -35.09
N ILE P 148 -26.55 -25.52 -34.61
CA ILE P 148 -28.00 -25.41 -34.76
C ILE P 148 -28.32 -24.03 -35.31
N PRO P 149 -29.38 -23.92 -36.13
CA PRO P 149 -29.78 -22.64 -36.73
C PRO P 149 -30.51 -21.68 -35.79
N VAL P 150 -30.58 -20.41 -36.16
CA VAL P 150 -31.28 -19.45 -35.30
C VAL P 150 -31.45 -18.04 -35.87
N GLU P 151 -30.34 -17.43 -36.25
CA GLU P 151 -30.32 -16.05 -36.76
C GLU P 151 -31.04 -15.07 -35.85
N THR P 152 -30.42 -14.83 -34.69
CA THR P 152 -30.90 -13.86 -33.72
C THR P 152 -29.79 -12.79 -33.90
N ASP P 153 -28.85 -12.75 -32.95
CA ASP P 153 -27.70 -11.84 -33.02
C ASP P 153 -27.87 -10.59 -33.89
N THR Q 1 -5.43 -7.37 7.26
CA THR Q 1 -5.22 -8.79 6.85
C THR Q 1 -6.52 -9.58 6.90
N ARG Q 2 -7.03 -9.97 5.73
CA ARG Q 2 -8.26 -10.74 5.64
C ARG Q 2 -7.97 -12.13 5.12
N TYR Q 3 -9.03 -12.91 4.93
CA TYR Q 3 -8.88 -14.25 4.42
C TYR Q 3 -9.70 -14.47 3.15
N ILE Q 4 -9.23 -15.39 2.32
CA ILE Q 4 -9.91 -15.73 1.07
C ILE Q 4 -9.70 -17.21 0.79
N PRO Q 5 -10.58 -17.81 -0.01
CA PRO Q 5 -10.46 -19.24 -0.32
C PRO Q 5 -9.22 -19.57 -1.09
N ASP Q 6 -8.60 -20.69 -0.71
CA ASP Q 6 -7.39 -21.19 -1.34
C ASP Q 6 -7.42 -21.12 -2.88
N GLU Q 7 -8.58 -21.34 -3.47
CA GLU Q 7 -8.74 -21.35 -4.91
C GLU Q 7 -9.23 -20.08 -5.58
N ALA Q 8 -9.24 -18.97 -4.85
CA ALA Q 8 -9.72 -17.71 -5.42
C ALA Q 8 -8.93 -17.11 -6.58
N ASP Q 9 -9.48 -16.02 -7.14
CA ASP Q 9 -8.87 -15.27 -8.22
C ASP Q 9 -8.27 -16.05 -9.38
N PHE Q 10 -8.98 -17.08 -9.83
CA PHE Q 10 -8.52 -17.89 -10.94
C PHE Q 10 -9.36 -17.62 -12.18
N LEU Q 11 -8.88 -18.06 -13.33
CA LEU Q 11 -9.63 -17.86 -14.55
C LEU Q 11 -9.09 -18.78 -15.63
N LEU Q 12 -9.88 -19.80 -15.94
CA LEU Q 12 -9.52 -20.78 -16.95
C LEU Q 12 -10.11 -20.39 -18.29
N GLY Q 13 -9.30 -20.35 -19.33
CA GLY Q 13 -9.83 -19.98 -20.62
C GLY Q 13 -9.83 -21.20 -21.52
N MET Q 14 -10.83 -22.05 -21.37
CA MET Q 14 -10.93 -23.27 -22.18
C MET Q 14 -11.27 -22.85 -23.59
N ALA Q 15 -10.67 -23.52 -24.56
CA ALA Q 15 -10.90 -23.23 -25.96
C ALA Q 15 -12.11 -23.99 -26.49
N THR Q 16 -12.42 -25.11 -25.86
CA THR Q 16 -13.55 -25.95 -26.26
C THR Q 16 -14.22 -26.56 -25.04
N VAL Q 17 -15.51 -26.90 -25.18
CA VAL Q 17 -16.25 -27.55 -24.11
C VAL Q 17 -15.75 -28.98 -24.10
N ASN Q 18 -15.91 -29.68 -22.97
CA ASN Q 18 -15.42 -31.05 -22.86
C ASN Q 18 -15.90 -32.02 -23.96
N ASN Q 19 -15.16 -33.12 -24.12
CA ASN Q 19 -15.47 -34.17 -25.09
C ASN Q 19 -15.40 -33.79 -26.55
N CYS Q 20 -15.20 -32.50 -26.85
CA CYS Q 20 -15.13 -32.07 -28.23
C CYS Q 20 -13.76 -31.57 -28.71
N VAL Q 21 -13.67 -31.30 -30.01
CA VAL Q 21 -12.42 -30.82 -30.61
C VAL Q 21 -12.21 -29.30 -30.68
N SER Q 22 -11.00 -28.91 -31.07
CA SER Q 22 -10.59 -27.52 -31.20
C SER Q 22 -10.09 -27.36 -32.62
N TYR Q 23 -10.21 -26.17 -33.21
CA TYR Q 23 -9.77 -25.97 -34.58
C TYR Q 23 -8.57 -25.07 -34.74
N ARG Q 24 -7.60 -25.56 -35.52
CA ARG Q 24 -6.39 -24.81 -35.78
C ARG Q 24 -6.04 -24.77 -37.28
N ASN Q 25 -6.15 -23.59 -37.90
CA ASN Q 25 -5.82 -23.48 -39.32
C ASN Q 25 -4.30 -23.41 -39.40
N PRO Q 26 -3.67 -24.44 -39.98
CA PRO Q 26 -2.20 -24.40 -40.07
C PRO Q 26 -1.69 -23.18 -40.81
N ALA Q 27 -2.61 -22.32 -41.24
CA ALA Q 27 -2.23 -21.14 -41.99
C ALA Q 27 -2.49 -19.83 -41.29
N GLU Q 28 -2.94 -19.86 -40.04
CA GLU Q 28 -3.16 -18.61 -39.33
C GLU Q 28 -3.39 -18.78 -37.85
N GLY Q 29 -3.29 -20.02 -37.37
CA GLY Q 29 -3.46 -20.27 -35.95
C GLY Q 29 -4.79 -20.89 -35.58
N THR Q 30 -5.01 -21.02 -34.28
CA THR Q 30 -6.25 -21.59 -33.78
C THR Q 30 -7.32 -20.52 -33.64
N TRP Q 31 -8.57 -20.90 -33.94
CA TRP Q 31 -9.73 -20.02 -33.85
C TRP Q 31 -9.74 -19.28 -32.53
N TYR Q 32 -9.67 -20.04 -31.44
CA TYR Q 32 -9.70 -19.50 -30.09
C TYR Q 32 -8.61 -18.49 -29.81
N ILE Q 33 -7.36 -18.95 -29.84
CA ILE Q 33 -6.25 -18.06 -29.56
C ILE Q 33 -6.31 -16.82 -30.44
N GLN Q 34 -6.47 -17.01 -31.74
CA GLN Q 34 -6.54 -15.89 -32.63
C GLN Q 34 -7.64 -14.91 -32.23
N SER Q 35 -8.84 -15.41 -31.95
CA SER Q 35 -9.93 -14.53 -31.55
C SER Q 35 -9.56 -13.92 -30.23
N LEU Q 36 -9.03 -14.75 -29.34
CA LEU Q 36 -8.63 -14.30 -28.01
C LEU Q 36 -7.74 -13.06 -28.08
N CYS Q 37 -6.78 -13.07 -28.98
CA CYS Q 37 -5.87 -11.96 -29.13
C CYS Q 37 -6.59 -10.78 -29.75
N GLN Q 38 -7.11 -10.99 -30.94
CA GLN Q 38 -7.80 -9.93 -31.62
C GLN Q 38 -8.66 -9.16 -30.67
N SER Q 39 -9.47 -9.87 -29.90
CA SER Q 39 -10.36 -9.23 -28.96
C SER Q 39 -9.60 -8.53 -27.83
N LEU Q 40 -8.52 -9.16 -27.39
CA LEU Q 40 -7.71 -8.58 -26.31
C LEU Q 40 -7.15 -7.23 -26.73
N ARG Q 41 -6.47 -7.21 -27.87
CA ARG Q 41 -5.88 -5.98 -28.35
C ARG Q 41 -6.94 -4.91 -28.64
N GLU Q 42 -8.12 -5.35 -29.05
CA GLU Q 42 -9.20 -4.41 -29.35
C GLU Q 42 -9.89 -3.85 -28.13
N ARG Q 43 -10.50 -4.72 -27.34
CA ARG Q 43 -11.22 -4.28 -26.16
C ARG Q 43 -10.38 -3.71 -25.04
N CYS Q 44 -9.24 -4.34 -24.76
CA CYS Q 44 -8.37 -3.90 -23.65
C CYS Q 44 -8.10 -2.40 -23.59
N PRO Q 45 -7.75 -1.78 -24.73
CA PRO Q 45 -7.48 -0.33 -24.75
C PRO Q 45 -8.75 0.39 -24.32
N ARG Q 46 -9.91 -0.10 -24.79
CA ARG Q 46 -11.20 0.49 -24.45
C ARG Q 46 -11.49 0.28 -22.96
N GLY Q 47 -10.58 -0.41 -22.27
CA GLY Q 47 -10.73 -0.64 -20.85
C GLY Q 47 -11.76 -1.70 -20.44
N ASP Q 48 -12.14 -2.56 -21.39
CA ASP Q 48 -13.13 -3.63 -21.16
C ASP Q 48 -12.64 -4.78 -20.31
N ASP Q 49 -13.48 -5.18 -19.36
CA ASP Q 49 -13.17 -6.28 -18.44
C ASP Q 49 -12.92 -7.58 -19.20
N ILE Q 50 -12.08 -8.45 -18.63
CA ILE Q 50 -11.72 -9.71 -19.28
C ILE Q 50 -12.89 -10.62 -19.57
N LEU Q 51 -13.81 -10.73 -18.62
CA LEU Q 51 -14.95 -11.58 -18.83
C LEU Q 51 -15.67 -11.08 -20.07
N THR Q 52 -15.82 -9.76 -20.17
CA THR Q 52 -16.49 -9.17 -21.33
C THR Q 52 -15.77 -9.61 -22.61
N ILE Q 53 -14.46 -9.50 -22.64
CA ILE Q 53 -13.72 -9.89 -23.82
C ILE Q 53 -14.00 -11.36 -24.09
N LEU Q 54 -13.74 -12.18 -23.08
CA LEU Q 54 -13.90 -13.62 -23.20
C LEU Q 54 -15.28 -13.97 -23.72
N THR Q 55 -16.27 -13.16 -23.34
CA THR Q 55 -17.64 -13.39 -23.82
C THR Q 55 -17.67 -13.16 -25.33
N GLU Q 56 -16.98 -12.12 -25.77
CA GLU Q 56 -16.93 -11.77 -27.18
C GLU Q 56 -16.22 -12.87 -27.94
N VAL Q 57 -15.15 -13.39 -27.36
CA VAL Q 57 -14.40 -14.46 -28.00
C VAL Q 57 -15.35 -15.63 -28.26
N ASN Q 58 -16.25 -15.82 -27.31
CA ASN Q 58 -17.25 -16.88 -27.38
C ASN Q 58 -18.13 -16.58 -28.57
N TYR Q 59 -18.43 -15.31 -28.77
CA TYR Q 59 -19.24 -14.97 -29.90
C TYR Q 59 -18.50 -15.26 -31.20
N GLU Q 60 -17.46 -14.49 -31.49
CA GLU Q 60 -16.69 -14.69 -32.72
C GLU Q 60 -16.47 -16.15 -33.10
N VAL Q 61 -15.99 -16.95 -32.16
CA VAL Q 61 -15.72 -18.34 -32.42
C VAL Q 61 -16.98 -19.13 -32.77
N SER Q 62 -18.11 -18.74 -32.22
CA SER Q 62 -19.34 -19.43 -32.51
C SER Q 62 -19.72 -19.37 -33.98
N ASN Q 63 -19.34 -18.29 -34.65
CA ASN Q 63 -19.70 -18.13 -36.04
C ASN Q 63 -18.77 -18.73 -37.08
N LYS Q 64 -17.74 -19.44 -36.64
CA LYS Q 64 -16.82 -20.09 -37.57
C LYS Q 64 -17.40 -21.48 -37.85
N ASP Q 65 -17.30 -21.94 -39.09
CA ASP Q 65 -17.83 -23.25 -39.44
C ASP Q 65 -16.76 -24.13 -40.08
N ASP Q 66 -16.91 -25.44 -39.94
CA ASP Q 66 -16.02 -26.41 -40.55
C ASP Q 66 -16.93 -27.24 -41.43
N LYS Q 67 -17.17 -26.76 -42.63
CA LYS Q 67 -18.07 -27.45 -43.55
C LYS Q 67 -17.83 -28.94 -43.73
N LYS Q 68 -16.56 -29.35 -43.88
CA LYS Q 68 -16.25 -30.77 -44.06
C LYS Q 68 -17.18 -31.65 -43.24
N ASN Q 69 -17.18 -31.45 -41.91
CA ASN Q 69 -18.04 -32.23 -41.01
C ASN Q 69 -19.10 -31.34 -40.35
N MET Q 70 -19.51 -30.27 -41.05
CA MET Q 70 -20.50 -29.32 -40.54
C MET Q 70 -20.32 -29.11 -39.03
N GLY Q 71 -19.05 -28.91 -38.63
CA GLY Q 71 -18.71 -28.75 -37.23
C GLY Q 71 -18.62 -27.35 -36.67
N LYS Q 72 -18.62 -27.27 -35.35
CA LYS Q 72 -18.56 -26.00 -34.63
C LYS Q 72 -17.58 -26.15 -33.46
N GLN Q 73 -17.30 -25.04 -32.79
CA GLN Q 73 -16.41 -25.07 -31.63
C GLN Q 73 -16.94 -24.10 -30.58
N MET Q 74 -17.05 -24.58 -29.33
CA MET Q 74 -17.56 -23.75 -28.24
C MET Q 74 -16.59 -23.52 -27.08
N PRO Q 75 -15.93 -22.34 -27.03
CA PRO Q 75 -15.00 -22.03 -25.96
C PRO Q 75 -15.78 -21.95 -24.67
N GLN Q 76 -15.15 -22.19 -23.53
CA GLN Q 76 -15.86 -22.18 -22.29
C GLN Q 76 -14.99 -21.80 -21.11
N PRO Q 77 -15.01 -20.52 -20.75
CA PRO Q 77 -14.23 -19.99 -19.63
C PRO Q 77 -14.90 -20.27 -18.30
N THR Q 78 -14.11 -20.60 -17.29
CA THR Q 78 -14.58 -20.86 -15.93
C THR Q 78 -13.82 -19.91 -15.07
N PHE Q 79 -14.39 -19.48 -13.96
CA PHE Q 79 -13.63 -18.53 -13.16
C PHE Q 79 -13.96 -18.37 -11.69
N THR Q 80 -12.97 -17.86 -10.95
CA THR Q 80 -13.13 -17.64 -9.54
C THR Q 80 -12.69 -16.20 -9.20
N LEU Q 81 -12.51 -15.37 -10.23
CA LEU Q 81 -12.13 -13.99 -10.01
C LEU Q 81 -13.07 -13.38 -9.00
N ARG Q 82 -12.56 -12.47 -8.18
CA ARG Q 82 -13.36 -11.82 -7.15
C ARG Q 82 -13.61 -10.35 -7.44
N LYS Q 83 -13.07 -9.88 -8.55
CA LYS Q 83 -13.25 -8.51 -8.98
C LYS Q 83 -13.07 -8.42 -10.48
N LYS Q 84 -13.43 -7.29 -11.06
CA LYS Q 84 -13.26 -7.10 -12.48
C LYS Q 84 -11.77 -7.29 -12.71
N LEU Q 85 -11.41 -7.80 -13.87
CA LEU Q 85 -10.00 -7.98 -14.19
C LEU Q 85 -9.74 -7.27 -15.50
N VAL Q 86 -9.29 -6.03 -15.41
CA VAL Q 86 -8.98 -5.29 -16.61
C VAL Q 86 -7.46 -5.22 -16.72
N PHE Q 87 -6.97 -5.14 -17.96
CA PHE Q 87 -5.55 -5.06 -18.26
C PHE Q 87 -5.28 -3.67 -18.80
N PRO Q 88 -4.94 -2.71 -17.93
CA PRO Q 88 -4.69 -1.38 -18.50
C PRO Q 88 -3.50 -1.44 -19.44
N GLU R 2 -7.68 -27.68 -39.13
CA GLU R 2 -7.32 -28.98 -38.55
C GLU R 2 -7.69 -28.94 -37.04
N VAL R 3 -7.49 -30.06 -36.31
CA VAL R 3 -8.07 -30.32 -34.98
C VAL R 3 -6.88 -30.70 -34.08
N ASP R 4 -7.03 -30.46 -32.75
CA ASP R 4 -6.01 -30.73 -31.71
C ASP R 4 -6.43 -31.91 -30.77
#